data_9S04
#
_entry.id   9S04
#
_cell.length_a   163.780
_cell.length_b   88.001
_cell.length_c   116.812
_cell.angle_alpha   90.000
_cell.angle_beta   90.000
_cell.angle_gamma   90.000
#
_symmetry.space_group_name_H-M   'P 21 21 2'
#
loop_
_entity.id
_entity.type
_entity.pdbx_description
1 polymer 'Isoform 3 of Pyrroline-5-carboxylate reductase 1, mitochondrial'
2 non-polymer 'L(+)-TARTARIC ACID'
3 non-polymer 1-[2,4-bis(fluoranyl)phenyl]-2-(1,2,4-triazol-1-yl)ethanone
4 non-polymer 1,2-ETHANEDIOL
5 water water
#
_entity_poly.entity_id   1
_entity_poly.type   'polypeptide(L)'
_entity_poly.pdbx_seq_one_letter_code
;MHHHHHHSSGVDLGTENNLYFQSMSVGFIGAGQLAFALAKGFTAAGVLAAHKIMASSPDMDLATVSALRKMGVKLTPHNK
ETVQHSDVLFLAVKPHIIPFILDEIGADIEDRHIVVSCAAGVTISSIEKKLSAFRPAPRVIRCMTNTPVVVREGATVYAT
GTHAQVEDGRLMEQLLSSVGFCTEVEEDLIDAVTGLSGSGPAYAFTALDALADGGVKMGLPRRLAVRLGAQALLGAAKML
LHSEQHPGQLKDNVSSPGGATIHALHVLESGGFRSLLINAVEASCIRTRELQSMADQEQVSPAAIKKTILDKVKLDSPAG
TALSPSGHTKLLPRSLAPAGKD
;
_entity_poly.pdbx_strand_id   A,B,C,D,E
#
# COMPACT_ATOMS: atom_id res chain seq x y z
N MET A 24 -39.26 28.40 -16.94
CA MET A 24 -39.57 27.10 -17.51
C MET A 24 -38.92 26.91 -18.86
N SER A 25 -38.32 27.97 -19.39
CA SER A 25 -37.60 27.91 -20.65
C SER A 25 -36.11 27.77 -20.41
N VAL A 26 -35.45 26.98 -21.24
CA VAL A 26 -34.03 26.70 -21.11
C VAL A 26 -33.32 27.04 -22.41
N GLY A 27 -32.16 27.67 -22.30
CA GLY A 27 -31.35 28.01 -23.45
C GLY A 27 -29.95 27.47 -23.32
N PHE A 28 -29.35 27.18 -24.47
CA PHE A 28 -27.96 26.73 -24.56
C PHE A 28 -27.17 27.63 -25.49
N ILE A 29 -26.04 28.12 -25.02
CA ILE A 29 -25.07 28.87 -25.82
C ILE A 29 -23.73 28.15 -25.77
N GLY A 30 -23.11 27.95 -26.93
CA GLY A 30 -21.77 27.39 -26.96
C GLY A 30 -21.64 26.02 -27.58
N ALA A 31 -20.85 25.15 -26.96
CA ALA A 31 -20.52 23.85 -27.54
C ALA A 31 -21.76 23.00 -27.75
N GLY A 32 -21.95 22.50 -28.98
CA GLY A 32 -23.14 21.73 -29.28
C GLY A 32 -23.20 20.37 -28.61
N GLN A 33 -22.05 19.80 -28.28
CA GLN A 33 -22.04 18.51 -27.58
C GLN A 33 -22.74 18.62 -26.23
N LEU A 34 -22.53 19.74 -25.53
CA LEU A 34 -23.23 19.98 -24.27
C LEU A 34 -24.73 20.16 -24.50
N ALA A 35 -25.08 21.00 -25.47
CA ALA A 35 -26.48 21.26 -25.76
C ALA A 35 -27.23 19.97 -26.09
N PHE A 36 -26.65 19.14 -26.97
CA PHE A 36 -27.36 17.92 -27.35
C PHE A 36 -27.54 16.99 -26.17
N ALA A 37 -26.48 16.76 -25.40
CA ALA A 37 -26.54 15.78 -24.31
C ALA A 37 -27.61 16.14 -23.30
N LEU A 38 -27.62 17.40 -22.84
CA LEU A 38 -28.59 17.80 -21.82
C LEU A 38 -30.00 17.90 -22.39
N ALA A 39 -30.14 18.39 -23.62
CA ALA A 39 -31.47 18.46 -24.24
C ALA A 39 -32.06 17.06 -24.40
N LYS A 40 -31.27 16.11 -24.88
CA LYS A 40 -31.77 14.74 -25.01
C LYS A 40 -32.17 14.18 -23.65
N GLY A 41 -31.32 14.39 -22.64
CA GLY A 41 -31.65 13.89 -21.32
C GLY A 41 -32.89 14.55 -20.73
N PHE A 42 -32.96 15.88 -20.81
CA PHE A 42 -34.08 16.62 -20.23
C PHE A 42 -35.39 16.20 -20.88
N THR A 43 -35.42 16.11 -22.21
CA THR A 43 -36.66 15.73 -22.89
C THR A 43 -37.00 14.27 -22.63
N ALA A 44 -36.00 13.39 -22.59
CA ALA A 44 -36.26 11.99 -22.29
C ALA A 44 -36.77 11.81 -20.87
N ALA A 45 -36.31 12.65 -19.93
CA ALA A 45 -36.81 12.60 -18.57
C ALA A 45 -38.24 13.14 -18.47
N GLY A 46 -38.71 13.86 -19.49
CA GLY A 46 -40.02 14.45 -19.47
C GLY A 46 -40.16 15.67 -18.59
N VAL A 47 -39.04 16.25 -18.14
CA VAL A 47 -39.10 17.44 -17.30
C VAL A 47 -39.15 18.73 -18.13
N LEU A 48 -38.87 18.64 -19.43
CA LEU A 48 -38.94 19.79 -20.32
C LEU A 48 -39.42 19.35 -21.68
N ALA A 49 -40.31 20.13 -22.27
CA ALA A 49 -40.70 19.92 -23.66
C ALA A 49 -39.63 20.48 -24.58
N ALA A 50 -39.40 19.80 -25.70
CA ALA A 50 -38.31 20.21 -26.58
C ALA A 50 -38.47 21.63 -27.09
N HIS A 51 -39.72 22.09 -27.29
CA HIS A 51 -39.93 23.45 -27.79
C HIS A 51 -39.67 24.52 -26.75
N LYS A 52 -39.52 24.16 -25.48
CA LYS A 52 -39.11 25.11 -24.45
C LYS A 52 -37.59 25.23 -24.38
N ILE A 53 -36.88 24.56 -25.27
CA ILE A 53 -35.42 24.59 -25.31
C ILE A 53 -34.99 25.30 -26.59
N MET A 54 -34.03 26.21 -26.46
CA MET A 54 -33.43 26.88 -27.61
C MET A 54 -31.93 26.78 -27.50
N ALA A 55 -31.27 26.58 -28.64
CA ALA A 55 -29.82 26.43 -28.67
C ALA A 55 -29.23 27.27 -29.80
N SER A 56 -28.07 27.86 -29.52
CA SER A 56 -27.26 28.56 -30.51
C SER A 56 -25.82 28.09 -30.36
N SER A 57 -25.17 27.80 -31.48
CA SER A 57 -23.83 27.24 -31.42
C SER A 57 -23.06 27.62 -32.67
N PRO A 58 -21.74 27.82 -32.56
CA PRO A 58 -20.92 28.07 -33.75
C PRO A 58 -20.21 26.81 -34.24
N ASP A 59 -20.11 25.80 -33.37
CA ASP A 59 -19.41 24.57 -33.68
C ASP A 59 -20.34 23.38 -33.83
N MET A 60 -21.66 23.60 -33.80
CA MET A 60 -22.61 22.51 -33.92
C MET A 60 -22.57 21.94 -35.34
N ASP A 61 -22.36 20.64 -35.44
CA ASP A 61 -22.24 20.00 -36.75
C ASP A 61 -23.63 19.65 -37.30
N LEU A 62 -23.65 19.28 -38.58
CA LEU A 62 -24.92 19.01 -39.26
C LEU A 62 -25.67 17.87 -38.59
N ALA A 63 -24.95 16.86 -38.09
CA ALA A 63 -25.60 15.73 -37.44
C ALA A 63 -26.33 16.16 -36.18
N THR A 64 -25.69 16.95 -35.32
CA THR A 64 -26.36 17.42 -34.11
C THR A 64 -27.37 18.52 -34.41
N VAL A 65 -27.16 19.27 -35.50
CA VAL A 65 -28.18 20.21 -35.96
C VAL A 65 -29.44 19.47 -36.35
N SER A 66 -29.29 18.43 -37.18
CA SER A 66 -30.45 17.66 -37.63
C SER A 66 -31.11 16.93 -36.47
N ALA A 67 -30.32 16.44 -35.52
CA ALA A 67 -30.88 15.68 -34.40
C ALA A 67 -31.72 16.57 -33.49
N LEU A 68 -31.24 17.77 -33.20
CA LEU A 68 -31.99 18.68 -32.34
C LEU A 68 -33.28 19.15 -33.02
N ARG A 69 -33.20 19.45 -34.32
CA ARG A 69 -34.41 19.85 -35.05
C ARG A 69 -35.46 18.76 -35.00
N LYS A 70 -35.05 17.49 -35.19
CA LYS A 70 -36.01 16.39 -35.17
C LYS A 70 -36.62 16.20 -33.79
N MET A 71 -35.87 16.57 -32.74
CA MET A 71 -36.43 16.52 -31.38
C MET A 71 -37.48 17.59 -31.14
N GLY A 72 -37.45 18.66 -31.92
CA GLY A 72 -38.29 19.81 -31.66
C GLY A 72 -37.60 20.96 -30.95
N VAL A 73 -36.29 20.86 -30.74
CA VAL A 73 -35.56 21.93 -30.08
C VAL A 73 -35.40 23.10 -31.06
N LYS A 74 -35.60 24.32 -30.55
CA LYS A 74 -35.44 25.50 -31.38
C LYS A 74 -33.96 25.81 -31.55
N LEU A 75 -33.58 26.19 -32.77
CA LEU A 75 -32.20 26.52 -33.11
C LEU A 75 -32.14 27.92 -33.71
N THR A 76 -31.08 28.65 -33.40
CA THR A 76 -30.89 30.00 -33.90
C THR A 76 -29.40 30.30 -33.98
N PRO A 77 -28.97 31.13 -34.93
CA PRO A 77 -27.57 31.56 -34.95
C PRO A 77 -27.27 32.74 -34.02
N HIS A 78 -28.28 33.33 -33.40
CA HIS A 78 -28.13 34.56 -32.64
C HIS A 78 -28.20 34.25 -31.15
N ASN A 79 -27.08 34.47 -30.46
CA ASN A 79 -27.04 34.22 -29.02
C ASN A 79 -28.03 35.10 -28.26
N LYS A 80 -28.27 36.33 -28.75
CA LYS A 80 -29.22 37.21 -28.10
C LYS A 80 -30.63 36.61 -28.12
N GLU A 81 -31.00 35.94 -29.21
CA GLU A 81 -32.31 35.30 -29.26
C GLU A 81 -32.41 34.20 -28.22
N THR A 82 -31.34 33.41 -28.03
CA THR A 82 -31.36 32.40 -26.98
C THR A 82 -31.55 33.03 -25.61
N VAL A 83 -30.86 34.13 -25.33
CA VAL A 83 -30.99 34.79 -24.04
C VAL A 83 -32.41 35.29 -23.85
N GLN A 84 -32.99 35.90 -24.88
CA GLN A 84 -34.34 36.44 -24.78
C GLN A 84 -35.39 35.35 -24.61
N HIS A 85 -35.14 34.15 -25.15
CA HIS A 85 -36.12 33.07 -25.00
C HIS A 85 -36.03 32.40 -23.63
N SER A 86 -34.86 32.40 -23.01
CA SER A 86 -34.56 31.47 -21.93
C SER A 86 -34.72 32.11 -20.55
N ASP A 87 -35.01 31.26 -19.56
CA ASP A 87 -34.92 31.59 -18.14
C ASP A 87 -33.67 31.02 -17.49
N VAL A 88 -33.41 29.74 -17.69
CA VAL A 88 -32.16 29.11 -17.32
C VAL A 88 -31.30 29.08 -18.57
N LEU A 89 -30.10 29.65 -18.48
CA LEU A 89 -29.20 29.80 -19.63
C LEU A 89 -27.91 29.03 -19.38
N PHE A 90 -27.71 27.93 -20.10
CA PHE A 90 -26.47 27.17 -20.01
C PHE A 90 -25.43 27.74 -20.95
N LEU A 91 -24.21 27.95 -20.44
CA LEU A 91 -23.08 28.36 -21.26
C LEU A 91 -22.08 27.22 -21.35
N ALA A 92 -21.63 26.93 -22.56
CA ALA A 92 -20.54 25.97 -22.81
C ALA A 92 -19.46 26.70 -23.59
N VAL A 93 -18.82 27.69 -22.94
CA VAL A 93 -17.95 28.65 -23.61
C VAL A 93 -16.58 28.65 -22.92
N LYS A 94 -15.53 28.40 -23.70
CA LYS A 94 -14.17 28.33 -23.18
C LYS A 94 -13.70 29.71 -22.67
N PRO A 95 -12.69 29.73 -21.80
CA PRO A 95 -12.23 31.01 -21.21
C PRO A 95 -11.78 32.05 -22.23
N HIS A 96 -11.21 31.66 -23.36
CA HIS A 96 -10.76 32.66 -24.33
C HIS A 96 -11.91 33.28 -25.11
N ILE A 97 -13.08 32.66 -25.10
CA ILE A 97 -14.26 33.20 -25.76
C ILE A 97 -15.20 33.90 -24.78
N ILE A 98 -15.09 33.60 -23.48
CA ILE A 98 -15.98 34.18 -22.48
C ILE A 98 -16.05 35.71 -22.54
N PRO A 99 -14.93 36.44 -22.64
CA PRO A 99 -15.05 37.91 -22.71
C PRO A 99 -15.93 38.39 -23.87
N PHE A 100 -15.86 37.72 -25.02
CA PHE A 100 -16.66 38.14 -26.17
C PHE A 100 -18.13 37.81 -25.98
N ILE A 101 -18.43 36.62 -25.48
CA ILE A 101 -19.82 36.19 -25.32
C ILE A 101 -20.52 37.01 -24.26
N LEU A 102 -19.89 37.19 -23.10
CA LEU A 102 -20.53 37.93 -22.02
C LEU A 102 -20.68 39.40 -22.39
N ASP A 103 -19.76 39.95 -23.18
CA ASP A 103 -19.96 41.30 -23.67
C ASP A 103 -21.10 41.38 -24.68
N GLU A 104 -21.30 40.30 -25.46
CA GLU A 104 -22.36 40.29 -26.46
C GLU A 104 -23.74 40.20 -25.83
N ILE A 105 -23.91 39.35 -24.82
CA ILE A 105 -25.23 39.10 -24.24
C ILE A 105 -25.43 39.79 -22.91
N GLY A 106 -24.40 40.43 -22.36
CA GLY A 106 -24.49 40.98 -21.01
C GLY A 106 -25.65 41.95 -20.84
N ALA A 107 -25.87 42.81 -21.84
CA ALA A 107 -26.96 43.78 -21.76
C ALA A 107 -28.33 43.12 -21.84
N ASP A 108 -28.40 41.86 -22.26
CA ASP A 108 -29.66 41.15 -22.39
C ASP A 108 -29.98 40.29 -21.18
N ILE A 109 -29.06 40.16 -20.23
CA ILE A 109 -29.34 39.42 -19.01
C ILE A 109 -30.33 40.20 -18.16
N GLU A 110 -31.38 39.53 -17.70
CA GLU A 110 -32.43 40.13 -16.90
C GLU A 110 -32.42 39.53 -15.50
N ASP A 111 -33.23 40.14 -14.61
CA ASP A 111 -33.32 39.64 -13.25
C ASP A 111 -33.72 38.17 -13.20
N ARG A 112 -34.54 37.72 -14.16
CA ARG A 112 -35.04 36.35 -14.14
C ARG A 112 -33.98 35.31 -14.47
N HIS A 113 -32.86 35.71 -15.07
CA HIS A 113 -31.93 34.72 -15.62
C HIS A 113 -31.11 34.03 -14.53
N ILE A 114 -30.96 32.72 -14.68
CA ILE A 114 -29.91 31.96 -14.00
C ILE A 114 -28.92 31.55 -15.08
N VAL A 115 -27.67 31.95 -14.92
CA VAL A 115 -26.62 31.64 -15.88
C VAL A 115 -25.83 30.47 -15.33
N VAL A 116 -25.80 29.37 -16.08
CA VAL A 116 -25.16 28.12 -15.65
C VAL A 116 -23.99 27.85 -16.59
N SER A 117 -22.77 28.00 -16.08
CA SER A 117 -21.57 27.82 -16.90
C SER A 117 -21.02 26.40 -16.74
N CYS A 118 -20.67 25.77 -17.88
CA CYS A 118 -20.25 24.37 -17.90
C CYS A 118 -18.80 24.14 -18.34
N ALA A 119 -18.10 25.15 -18.85
CA ALA A 119 -16.77 24.92 -19.41
C ALA A 119 -15.71 24.95 -18.32
N ALA A 120 -14.68 24.13 -18.49
CA ALA A 120 -13.57 24.09 -17.55
C ALA A 120 -12.80 25.40 -17.57
N GLY A 121 -12.31 25.80 -16.39
CA GLY A 121 -11.47 26.98 -16.29
C GLY A 121 -12.19 28.30 -16.28
N VAL A 122 -13.51 28.29 -16.32
CA VAL A 122 -14.31 29.51 -16.26
C VAL A 122 -14.89 29.60 -14.86
N THR A 123 -14.39 30.55 -14.08
CA THR A 123 -14.76 30.64 -12.68
C THR A 123 -16.05 31.43 -12.51
N ILE A 124 -16.74 31.15 -11.40
CA ILE A 124 -17.89 31.96 -11.02
C ILE A 124 -17.49 33.43 -10.94
N SER A 125 -16.33 33.70 -10.33
CA SER A 125 -15.89 35.08 -10.17
C SER A 125 -15.75 35.79 -11.51
N SER A 126 -15.19 35.09 -12.50
CA SER A 126 -14.99 35.69 -13.82
C SER A 126 -16.33 36.04 -14.46
N ILE A 127 -17.29 35.13 -14.38
CA ILE A 127 -18.59 35.38 -14.98
C ILE A 127 -19.29 36.53 -14.27
N GLU A 128 -19.28 36.51 -12.94
CA GLU A 128 -19.93 37.58 -12.18
C GLU A 128 -19.29 38.93 -12.48
N LYS A 129 -17.97 38.98 -12.56
CA LYS A 129 -17.31 40.26 -12.82
C LYS A 129 -17.71 40.81 -14.19
N LYS A 130 -17.73 39.96 -15.22
CA LYS A 130 -18.10 40.42 -16.55
C LYS A 130 -19.57 40.83 -16.61
N LEU A 131 -20.45 40.04 -16.01
CA LEU A 131 -21.87 40.35 -16.10
C LEU A 131 -22.25 41.54 -15.22
N SER A 132 -21.54 41.72 -14.09
CA SER A 132 -21.85 42.85 -13.19
C SER A 132 -21.57 44.19 -13.85
N ALA A 133 -20.82 44.23 -14.94
CA ALA A 133 -20.67 45.46 -15.68
C ALA A 133 -22.00 45.95 -16.26
N PHE A 134 -22.98 45.06 -16.38
CA PHE A 134 -24.29 45.36 -16.98
C PHE A 134 -25.41 45.48 -15.96
N ARG A 135 -25.50 44.53 -15.03
CA ARG A 135 -26.51 44.47 -13.98
C ARG A 135 -25.80 43.92 -12.74
N PRO A 136 -26.10 44.44 -11.54
CA PRO A 136 -25.17 44.24 -10.42
C PRO A 136 -25.17 42.86 -9.79
N ALA A 137 -26.27 42.12 -9.82
CA ALA A 137 -26.36 40.86 -9.08
C ALA A 137 -26.72 39.67 -9.97
N PRO A 138 -25.84 39.31 -10.91
CA PRO A 138 -26.15 38.16 -11.77
C PRO A 138 -26.17 36.87 -10.97
N ARG A 139 -27.17 36.03 -11.27
CA ARG A 139 -27.33 34.73 -10.63
C ARG A 139 -26.56 33.70 -11.43
N VAL A 140 -25.45 33.21 -10.88
CA VAL A 140 -24.51 32.36 -11.60
C VAL A 140 -24.34 31.05 -10.85
N ILE A 141 -24.35 29.95 -11.60
CA ILE A 141 -24.05 28.62 -11.08
C ILE A 141 -23.04 27.98 -12.02
N ARG A 142 -22.08 27.26 -11.45
CA ARG A 142 -21.15 26.47 -12.26
C ARG A 142 -21.57 25.02 -12.20
N CYS A 143 -21.55 24.37 -13.37
CA CYS A 143 -21.99 23.00 -13.55
C CYS A 143 -20.84 22.18 -14.11
N MET A 144 -20.62 21.01 -13.53
CA MET A 144 -19.63 20.06 -14.03
C MET A 144 -20.44 18.80 -14.28
N THR A 145 -20.76 18.51 -15.54
CA THR A 145 -21.57 17.35 -15.88
C THR A 145 -20.82 16.53 -16.92
N ASN A 146 -21.42 15.43 -17.38
CA ASN A 146 -20.73 14.56 -18.32
C ASN A 146 -21.73 14.01 -19.32
N THR A 147 -21.20 13.38 -20.37
CA THR A 147 -22.04 13.02 -21.52
C THR A 147 -23.10 11.96 -21.22
N PRO A 148 -22.94 11.04 -20.25
CA PRO A 148 -24.03 10.09 -19.97
C PRO A 148 -25.33 10.71 -19.50
N VAL A 149 -25.42 12.04 -19.34
CA VAL A 149 -26.75 12.62 -19.17
C VAL A 149 -27.64 12.26 -20.35
N VAL A 150 -27.06 11.94 -21.51
CA VAL A 150 -27.86 11.60 -22.68
C VAL A 150 -28.66 10.32 -22.47
N VAL A 151 -28.23 9.43 -21.58
CA VAL A 151 -29.00 8.24 -21.21
C VAL A 151 -29.49 8.35 -19.77
N ARG A 152 -29.56 9.58 -19.22
CA ARG A 152 -30.06 9.86 -17.88
C ARG A 152 -29.26 9.15 -16.79
N GLU A 153 -27.97 8.94 -17.03
CA GLU A 153 -27.08 8.38 -16.02
C GLU A 153 -25.84 9.24 -15.89
N GLY A 154 -26.04 10.56 -15.95
CA GLY A 154 -24.94 11.49 -15.78
C GLY A 154 -24.48 11.55 -14.34
N ALA A 155 -23.34 12.23 -14.16
CA ALA A 155 -22.80 12.59 -12.86
C ALA A 155 -22.57 14.07 -12.91
N THR A 156 -23.29 14.81 -12.07
CA THR A 156 -23.23 16.26 -12.12
C THR A 156 -22.96 16.82 -10.74
N VAL A 157 -22.07 17.82 -10.67
CA VAL A 157 -22.00 18.63 -9.47
C VAL A 157 -22.20 20.08 -9.88
N TYR A 158 -22.61 20.90 -8.91
CA TYR A 158 -22.76 22.31 -9.17
C TYR A 158 -22.30 23.10 -7.95
N ALA A 159 -21.88 24.34 -8.21
CA ALA A 159 -21.53 25.29 -7.17
C ALA A 159 -22.32 26.57 -7.41
N THR A 160 -22.83 27.17 -6.34
CA THR A 160 -23.65 28.37 -6.46
C THR A 160 -22.81 29.63 -6.26
N GLY A 161 -23.10 30.65 -7.07
CA GLY A 161 -22.39 31.91 -7.02
C GLY A 161 -22.88 32.84 -5.93
N THR A 162 -22.30 34.04 -5.94
CA THR A 162 -22.51 35.01 -4.86
C THR A 162 -23.96 35.43 -4.73
N HIS A 163 -24.65 35.58 -5.86
CA HIS A 163 -26.00 36.12 -5.87
C HIS A 163 -27.04 35.05 -6.20
N ALA A 164 -26.62 33.80 -6.31
CA ALA A 164 -27.57 32.72 -6.50
C ALA A 164 -28.46 32.61 -5.27
N GLN A 165 -29.76 32.69 -5.49
CA GLN A 165 -30.72 32.50 -4.41
C GLN A 165 -30.69 31.04 -3.95
N VAL A 166 -31.07 30.80 -2.69
CA VAL A 166 -31.02 29.44 -2.17
C VAL A 166 -31.93 28.54 -2.99
N GLU A 167 -33.05 29.08 -3.48
CA GLU A 167 -33.93 28.30 -4.34
C GLU A 167 -33.33 28.05 -5.73
N ASP A 168 -32.35 28.86 -6.16
CA ASP A 168 -31.69 28.60 -7.44
C ASP A 168 -30.91 27.29 -7.40
N GLY A 169 -30.19 27.05 -6.31
CA GLY A 169 -29.46 25.79 -6.19
C GLY A 169 -30.38 24.59 -6.14
N ARG A 170 -31.50 24.73 -5.41
CA ARG A 170 -32.48 23.64 -5.36
C ARG A 170 -33.07 23.37 -6.74
N LEU A 171 -33.39 24.43 -7.49
CA LEU A 171 -33.91 24.26 -8.84
C LEU A 171 -32.91 23.55 -9.73
N MET A 172 -31.64 23.94 -9.64
CA MET A 172 -30.59 23.31 -10.43
CA MET A 172 -30.65 23.29 -10.49
C MET A 172 -30.46 21.83 -10.09
N GLU A 173 -30.51 21.51 -8.80
CA GLU A 173 -30.37 20.12 -8.40
C GLU A 173 -31.56 19.29 -8.87
N GLN A 174 -32.77 19.85 -8.82
CA GLN A 174 -33.94 19.13 -9.31
C GLN A 174 -33.84 18.87 -10.80
N LEU A 175 -33.42 19.87 -11.57
CA LEU A 175 -33.29 19.72 -13.01
C LEU A 175 -32.22 18.70 -13.37
N LEU A 176 -31.03 18.83 -12.78
CA LEU A 176 -29.93 17.96 -13.16
C LEU A 176 -30.06 16.56 -12.55
N SER A 177 -30.82 16.40 -11.47
CA SER A 177 -31.08 15.06 -10.96
C SER A 177 -31.96 14.24 -11.89
N SER A 178 -32.68 14.90 -12.81
CA SER A 178 -33.53 14.16 -13.73
C SER A 178 -32.72 13.40 -14.77
N VAL A 179 -31.44 13.72 -14.92
CA VAL A 179 -30.60 13.07 -15.93
C VAL A 179 -29.41 12.37 -15.31
N GLY A 180 -29.41 12.16 -13.99
CA GLY A 180 -28.34 11.42 -13.35
C GLY A 180 -28.17 11.85 -11.90
N PHE A 181 -27.03 11.45 -11.34
CA PHE A 181 -26.65 11.89 -9.99
C PHE A 181 -26.33 13.36 -10.02
N CYS A 182 -26.75 14.08 -8.97
CA CYS A 182 -26.43 15.49 -8.87
C CYS A 182 -26.27 15.90 -7.41
N THR A 183 -25.20 16.64 -7.11
CA THR A 183 -25.03 17.15 -5.75
C THR A 183 -24.26 18.47 -5.77
N GLU A 184 -24.44 19.25 -4.71
CA GLU A 184 -23.74 20.52 -4.60
C GLU A 184 -22.32 20.31 -4.07
N VAL A 185 -21.36 21.08 -4.61
CA VAL A 185 -19.99 21.11 -4.10
C VAL A 185 -19.51 22.55 -4.01
N GLU A 186 -18.45 22.74 -3.25
CA GLU A 186 -17.70 23.99 -3.31
C GLU A 186 -17.01 24.12 -4.67
N GLU A 187 -16.89 25.36 -5.15
CA GLU A 187 -16.32 25.54 -6.48
C GLU A 187 -14.90 25.00 -6.56
N ASP A 188 -14.15 25.03 -5.46
CA ASP A 188 -12.76 24.60 -5.55
C ASP A 188 -12.61 23.09 -5.63
N LEU A 189 -13.72 22.33 -5.67
CA LEU A 189 -13.66 20.89 -5.94
C LEU A 189 -13.98 20.56 -7.39
N ILE A 190 -14.40 21.54 -8.20
CA ILE A 190 -14.87 21.24 -9.55
C ILE A 190 -13.74 20.69 -10.42
N ASP A 191 -12.52 21.21 -10.23
CA ASP A 191 -11.38 20.68 -11.00
C ASP A 191 -11.18 19.19 -10.76
N ALA A 192 -11.28 18.76 -9.50
CA ALA A 192 -11.12 17.35 -9.18
C ALA A 192 -12.28 16.51 -9.71
N VAL A 193 -13.52 17.04 -9.60
CA VAL A 193 -14.65 16.32 -10.19
C VAL A 193 -14.45 16.16 -11.69
N THR A 194 -13.94 17.19 -12.37
CA THR A 194 -13.68 17.09 -13.80
C THR A 194 -12.74 15.94 -14.11
N GLY A 195 -11.67 15.79 -13.33
CA GLY A 195 -10.73 14.71 -13.59
C GLY A 195 -11.31 13.34 -13.35
N LEU A 196 -12.33 13.25 -12.48
CA LEU A 196 -12.93 11.97 -12.11
C LEU A 196 -14.15 11.66 -12.95
N SER A 197 -15.28 12.32 -12.71
CA SER A 197 -16.47 11.97 -13.48
C SER A 197 -16.63 12.77 -14.76
N GLY A 198 -15.98 13.94 -14.90
CA GLY A 198 -16.09 14.65 -16.15
C GLY A 198 -15.39 13.89 -17.27
N SER A 199 -14.12 13.56 -17.05
CA SER A 199 -13.32 12.79 -18.00
C SER A 199 -13.55 11.29 -17.88
N GLY A 200 -14.17 10.84 -16.80
CA GLY A 200 -14.35 9.44 -16.52
C GLY A 200 -14.90 8.60 -17.66
N PRO A 201 -15.97 9.07 -18.31
CA PRO A 201 -16.52 8.28 -19.42
C PRO A 201 -15.51 7.98 -20.51
N ALA A 202 -14.59 8.90 -20.82
CA ALA A 202 -13.57 8.63 -21.81
C ALA A 202 -12.60 7.55 -21.34
N TYR A 203 -12.30 7.51 -20.03
CA TYR A 203 -11.47 6.42 -19.53
C TYR A 203 -12.19 5.10 -19.75
N ALA A 204 -13.50 5.10 -19.52
CA ALA A 204 -14.30 3.89 -19.70
C ALA A 204 -14.38 3.48 -21.16
N PHE A 205 -14.58 4.45 -22.07
CA PHE A 205 -14.64 4.09 -23.49
C PHE A 205 -13.31 3.48 -23.95
N THR A 206 -12.19 4.06 -23.50
CA THR A 206 -10.87 3.48 -23.77
C THR A 206 -10.75 2.06 -23.23
N ALA A 207 -11.15 1.88 -21.96
CA ALA A 207 -11.09 0.56 -21.33
C ALA A 207 -11.94 -0.45 -22.08
N LEU A 208 -13.13 -0.03 -22.52
CA LEU A 208 -14.03 -0.98 -23.19
C LEU A 208 -13.52 -1.37 -24.57
N ASP A 209 -12.92 -0.42 -25.30
CA ASP A 209 -12.28 -0.75 -26.57
C ASP A 209 -11.18 -1.78 -26.34
N ALA A 210 -10.38 -1.60 -25.29
CA ALA A 210 -9.26 -2.51 -25.02
C ALA A 210 -9.76 -3.86 -24.54
N LEU A 211 -10.74 -3.87 -23.64
CA LEU A 211 -11.30 -5.14 -23.19
C LEU A 211 -11.88 -5.92 -24.36
N ALA A 212 -12.53 -5.23 -25.29
CA ALA A 212 -13.06 -5.89 -26.48
C ALA A 212 -11.94 -6.43 -27.36
N ASP A 213 -10.85 -5.67 -27.52
CA ASP A 213 -9.67 -6.20 -28.21
C ASP A 213 -9.18 -7.48 -27.54
N GLY A 214 -9.17 -7.51 -26.21
CA GLY A 214 -8.76 -8.72 -25.51
C GLY A 214 -9.69 -9.89 -25.78
N GLY A 215 -11.01 -9.64 -25.74
CA GLY A 215 -11.95 -10.70 -26.07
C GLY A 215 -11.74 -11.20 -27.50
N VAL A 216 -11.49 -10.27 -28.44
CA VAL A 216 -11.24 -10.67 -29.83
C VAL A 216 -9.97 -11.50 -29.92
N LYS A 217 -8.91 -11.10 -29.19
CA LYS A 217 -7.68 -11.88 -29.23
C LYS A 217 -7.93 -13.32 -28.79
N MET A 218 -8.79 -13.51 -27.81
CA MET A 218 -9.04 -14.82 -27.25
C MET A 218 -10.16 -15.57 -27.96
N GLY A 219 -10.67 -15.02 -29.06
CA GLY A 219 -11.55 -15.78 -29.95
C GLY A 219 -12.98 -15.29 -30.05
N LEU A 220 -13.38 -14.18 -29.35
CA LEU A 220 -14.76 -13.73 -29.44
C LEU A 220 -14.98 -12.82 -30.65
N PRO A 221 -16.15 -12.87 -31.25
CA PRO A 221 -16.50 -11.85 -32.25
C PRO A 221 -16.52 -10.48 -31.61
N ARG A 222 -16.13 -9.47 -32.39
CA ARG A 222 -16.01 -8.11 -31.87
CA ARG A 222 -16.01 -8.11 -31.87
C ARG A 222 -17.31 -7.62 -31.25
N ARG A 223 -18.43 -7.82 -31.95
CA ARG A 223 -19.70 -7.27 -31.44
C ARG A 223 -20.07 -7.88 -30.10
N LEU A 224 -19.89 -9.19 -29.95
CA LEU A 224 -20.16 -9.84 -28.67
C LEU A 224 -19.20 -9.36 -27.59
N ALA A 225 -17.93 -9.21 -27.94
CA ALA A 225 -16.94 -8.73 -26.97
C ALA A 225 -17.29 -7.34 -26.45
N VAL A 226 -17.74 -6.44 -27.35
CA VAL A 226 -18.08 -5.10 -26.90
C VAL A 226 -19.29 -5.16 -25.96
N ARG A 227 -20.30 -5.96 -26.33
CA ARG A 227 -21.50 -6.10 -25.50
C ARG A 227 -21.16 -6.66 -24.12
N LEU A 228 -20.37 -7.73 -24.08
CA LEU A 228 -20.06 -8.36 -22.80
C LEU A 228 -19.22 -7.45 -21.92
N GLY A 229 -18.22 -6.78 -22.49
CA GLY A 229 -17.39 -5.88 -21.69
C GLY A 229 -18.18 -4.72 -21.13
N ALA A 230 -19.04 -4.12 -21.94
CA ALA A 230 -19.86 -3.00 -21.46
C ALA A 230 -20.84 -3.46 -20.39
N GLN A 231 -21.45 -4.64 -20.57
CA GLN A 231 -22.36 -5.15 -19.56
C GLN A 231 -21.61 -5.43 -18.25
N ALA A 232 -20.39 -5.95 -18.36
CA ALA A 232 -19.58 -6.22 -17.17
C ALA A 232 -19.29 -4.94 -16.40
N LEU A 233 -18.91 -3.88 -17.11
CA LEU A 233 -18.63 -2.60 -16.45
CA LEU A 233 -18.63 -2.62 -16.43
C LEU A 233 -19.90 -2.01 -15.85
N LEU A 234 -21.00 -2.03 -16.60
CA LEU A 234 -22.26 -1.50 -16.09
C LEU A 234 -22.68 -2.25 -14.83
N GLY A 235 -22.64 -3.58 -14.86
CA GLY A 235 -23.11 -4.33 -13.72
C GLY A 235 -22.22 -4.13 -12.49
N ALA A 236 -20.90 -4.06 -12.69
CA ALA A 236 -20.01 -3.85 -11.55
C ALA A 236 -20.26 -2.48 -10.92
N ALA A 237 -20.40 -1.45 -11.76
CA ALA A 237 -20.67 -0.12 -11.24
C ALA A 237 -21.99 -0.08 -10.47
N LYS A 238 -23.02 -0.75 -11.01
CA LYS A 238 -24.30 -0.78 -10.29
C LYS A 238 -24.14 -1.50 -8.96
N MET A 239 -23.39 -2.61 -8.93
CA MET A 239 -23.14 -3.31 -7.67
C MET A 239 -22.54 -2.38 -6.63
N LEU A 240 -21.52 -1.62 -7.02
CA LEU A 240 -20.87 -0.73 -6.05
C LEU A 240 -21.83 0.36 -5.58
N LEU A 241 -22.63 0.91 -6.50
CA LEU A 241 -23.56 1.97 -6.11
C LEU A 241 -24.64 1.48 -5.15
N HIS A 242 -25.02 0.21 -5.23
CA HIS A 242 -26.06 -0.36 -4.38
C HIS A 242 -25.51 -1.11 -3.17
N SER A 243 -24.19 -1.14 -3.00
CA SER A 243 -23.55 -1.83 -1.90
C SER A 243 -23.03 -0.82 -0.88
N GLU A 244 -23.00 -1.25 0.38
CA GLU A 244 -22.29 -0.51 1.43
C GLU A 244 -20.85 -0.99 1.57
N GLN A 245 -20.39 -1.87 0.69
CA GLN A 245 -19.10 -2.50 0.86
C GLN A 245 -18.03 -1.75 0.08
N HIS A 246 -16.79 -1.88 0.56
CA HIS A 246 -15.64 -1.32 -0.13
C HIS A 246 -15.45 -2.01 -1.49
N PRO A 247 -14.99 -1.28 -2.52
CA PRO A 247 -14.73 -1.95 -3.80
C PRO A 247 -13.76 -3.10 -3.69
N GLY A 248 -12.83 -3.05 -2.72
CA GLY A 248 -11.92 -4.17 -2.53
C GLY A 248 -12.63 -5.42 -2.03
N GLN A 249 -13.65 -5.25 -1.19
CA GLN A 249 -14.43 -6.41 -0.75
C GLN A 249 -15.19 -7.02 -1.91
N LEU A 250 -15.80 -6.19 -2.75
CA LEU A 250 -16.50 -6.72 -3.91
C LEU A 250 -15.52 -7.41 -4.84
N LYS A 251 -14.32 -6.86 -5.00
CA LYS A 251 -13.28 -7.51 -5.79
C LYS A 251 -12.93 -8.88 -5.19
N ASP A 252 -12.77 -8.95 -3.87
CA ASP A 252 -12.47 -10.22 -3.23
C ASP A 252 -13.53 -11.28 -3.55
N ASN A 253 -14.80 -10.86 -3.62
CA ASN A 253 -15.91 -11.78 -3.88
C ASN A 253 -15.87 -12.40 -5.28
N VAL A 254 -15.18 -11.78 -6.25
CA VAL A 254 -15.17 -12.29 -7.61
C VAL A 254 -14.21 -13.47 -7.77
N SER A 255 -13.14 -13.53 -6.97
CA SER A 255 -12.03 -14.44 -7.23
C SER A 255 -12.08 -15.69 -6.37
N SER A 256 -12.03 -16.81 -7.00
CA SER A 256 -11.74 -18.01 -6.23
C SER A 256 -10.23 -18.15 -6.06
N PRO A 257 -9.79 -18.80 -4.99
CA PRO A 257 -8.35 -19.01 -4.82
C PRO A 257 -7.77 -19.81 -5.98
N GLY A 258 -6.63 -19.35 -6.48
CA GLY A 258 -5.98 -19.98 -7.63
C GLY A 258 -6.69 -19.81 -8.96
N GLY A 259 -7.75 -19.00 -8.99
CA GLY A 259 -8.66 -18.99 -10.12
C GLY A 259 -8.28 -18.02 -11.23
N ALA A 260 -9.17 -17.95 -12.21
CA ALA A 260 -8.90 -17.13 -13.40
C ALA A 260 -8.81 -15.66 -13.07
N THR A 261 -9.72 -15.16 -12.24
CA THR A 261 -9.77 -13.72 -11.98
C THR A 261 -8.53 -13.24 -11.25
N ILE A 262 -8.09 -13.98 -10.23
CA ILE A 262 -6.94 -13.48 -9.46
C ILE A 262 -5.68 -13.52 -10.31
N HIS A 263 -5.59 -14.46 -11.26
CA HIS A 263 -4.47 -14.42 -12.19
C HIS A 263 -4.50 -13.17 -13.05
N ALA A 264 -5.68 -12.77 -13.51
CA ALA A 264 -5.79 -11.54 -14.31
C ALA A 264 -5.52 -10.31 -13.46
N LEU A 265 -5.98 -10.30 -12.21
CA LEU A 265 -5.71 -9.11 -11.37
C LEU A 265 -4.22 -8.93 -11.17
N HIS A 266 -3.46 -10.02 -11.06
CA HIS A 266 -2.01 -9.88 -10.90
C HIS A 266 -1.40 -9.16 -12.09
N VAL A 267 -1.80 -9.51 -13.32
CA VAL A 267 -1.15 -8.85 -14.45
C VAL A 267 -1.57 -7.38 -14.54
N LEU A 268 -2.78 -7.01 -14.10
CA LEU A 268 -3.09 -5.59 -13.99
C LEU A 268 -2.15 -4.90 -13.01
N GLU A 269 -1.96 -5.51 -11.83
CA GLU A 269 -1.10 -4.91 -10.81
C GLU A 269 0.34 -4.79 -11.31
N SER A 270 0.83 -5.79 -12.04
CA SER A 270 2.22 -5.73 -12.50
C SER A 270 2.46 -4.57 -13.45
N GLY A 271 1.42 -4.09 -14.12
CA GLY A 271 1.55 -2.94 -14.99
C GLY A 271 1.24 -1.61 -14.34
N GLY A 272 0.98 -1.59 -13.03
CA GLY A 272 0.64 -0.32 -12.40
C GLY A 272 -0.71 0.22 -12.80
N PHE A 273 -1.68 -0.66 -13.08
CA PHE A 273 -3.01 -0.26 -13.52
C PHE A 273 -3.63 0.82 -12.64
N ARG A 274 -3.59 0.62 -11.32
CA ARG A 274 -4.18 1.60 -10.39
C ARG A 274 -3.51 2.94 -10.56
N SER A 275 -2.18 2.95 -10.67
CA SER A 275 -1.47 4.23 -10.77
C SER A 275 -1.82 4.99 -12.03
N LEU A 276 -2.11 4.29 -13.13
CA LEU A 276 -2.47 4.97 -14.37
C LEU A 276 -3.77 5.73 -14.19
N LEU A 277 -4.74 5.13 -13.51
CA LEU A 277 -6.02 5.79 -13.31
C LEU A 277 -5.87 6.98 -12.36
N ILE A 278 -5.04 6.84 -11.33
CA ILE A 278 -4.74 8.00 -10.50
C ILE A 278 -4.07 9.10 -11.32
N ASN A 279 -3.10 8.70 -12.15
CA ASN A 279 -2.43 9.67 -13.04
C ASN A 279 -3.43 10.43 -13.89
N ALA A 280 -4.46 9.73 -14.38
CA ALA A 280 -5.42 10.31 -15.30
C ALA A 280 -6.28 11.36 -14.58
N VAL A 281 -6.85 11.00 -13.44
CA VAL A 281 -7.64 11.98 -12.68
C VAL A 281 -6.79 13.20 -12.38
N GLU A 282 -5.54 12.99 -11.95
CA GLU A 282 -4.66 14.10 -11.64
C GLU A 282 -4.40 14.97 -12.86
N ALA A 283 -4.10 14.34 -14.01
CA ALA A 283 -3.75 15.09 -15.21
C ALA A 283 -4.94 15.93 -15.70
N SER A 284 -6.13 15.35 -15.68
CA SER A 284 -7.30 16.11 -16.11
C SER A 284 -7.60 17.26 -15.14
N CYS A 285 -7.53 16.98 -13.83
CA CYS A 285 -7.72 18.04 -12.84
C CYS A 285 -6.72 19.17 -13.01
N ILE A 286 -5.43 18.83 -13.16
CA ILE A 286 -4.42 19.88 -13.30
C ILE A 286 -4.63 20.66 -14.60
N ARG A 287 -5.00 19.97 -15.68
CA ARG A 287 -5.23 20.68 -16.92
C ARG A 287 -6.36 21.70 -16.77
N THR A 288 -7.42 21.37 -16.02
CA THR A 288 -8.47 22.37 -15.84
C THR A 288 -7.95 23.59 -15.11
N ARG A 289 -7.02 23.41 -14.16
CA ARG A 289 -6.43 24.56 -13.48
C ARG A 289 -5.62 25.41 -14.44
N GLU A 290 -4.91 24.77 -15.38
CA GLU A 290 -4.14 25.50 -16.38
C GLU A 290 -5.06 26.28 -17.31
N LEU A 291 -6.20 25.70 -17.69
CA LEU A 291 -7.14 26.41 -18.53
C LEU A 291 -7.67 27.64 -17.82
N GLN A 292 -7.79 27.57 -16.50
CA GLN A 292 -8.21 28.73 -15.73
C GLN A 292 -7.13 29.79 -15.67
N SER A 293 -5.87 29.39 -15.49
CA SER A 293 -4.79 30.37 -15.41
C SER A 293 -4.61 31.13 -16.71
N MET A 294 -5.05 30.55 -17.83
CA MET A 294 -4.97 31.22 -19.13
C MET A 294 -6.12 32.20 -19.37
N ALA A 295 -7.13 32.24 -18.50
CA ALA A 295 -8.20 33.22 -18.67
C ALA A 295 -7.86 34.58 -18.09
N ASP A 296 -6.95 34.65 -17.12
CA ASP A 296 -6.68 35.90 -16.40
C ASP A 296 -5.36 36.53 -16.86
N MET B 24 -41.07 -24.32 -11.20
CA MET B 24 -39.95 -25.26 -11.13
C MET B 24 -39.08 -24.98 -9.91
N SER B 25 -38.41 -26.03 -9.42
CA SER B 25 -37.49 -25.94 -8.31
C SER B 25 -36.06 -25.88 -8.83
N VAL B 26 -35.23 -25.11 -8.13
CA VAL B 26 -33.84 -24.90 -8.52
C VAL B 26 -32.94 -25.30 -7.35
N GLY B 27 -31.85 -25.99 -7.66
CA GLY B 27 -30.88 -26.38 -6.65
C GLY B 27 -29.49 -25.90 -7.00
N PHE B 28 -28.69 -25.65 -5.97
CA PHE B 28 -27.29 -25.26 -6.12
C PHE B 28 -26.41 -26.22 -5.33
N ILE B 29 -25.39 -26.75 -6.00
CA ILE B 29 -24.34 -27.56 -5.35
C ILE B 29 -23.00 -26.88 -5.62
N GLY B 30 -22.19 -26.73 -4.56
CA GLY B 30 -20.85 -26.23 -4.76
C GLY B 30 -20.58 -24.88 -4.13
N ALA B 31 -19.88 -24.01 -4.85
CA ALA B 31 -19.44 -22.74 -4.29
C ALA B 31 -20.62 -21.86 -3.88
N GLY B 32 -20.61 -21.39 -2.63
CA GLY B 32 -21.70 -20.57 -2.13
C GLY B 32 -21.78 -19.20 -2.78
N GLN B 33 -20.65 -18.70 -3.28
CA GLN B 33 -20.68 -17.41 -3.98
C GLN B 33 -21.55 -17.48 -5.22
N LEU B 34 -21.52 -18.62 -5.94
CA LEU B 34 -22.42 -18.79 -7.07
C LEU B 34 -23.88 -18.87 -6.61
N ALA B 35 -24.14 -19.74 -5.62
CA ALA B 35 -25.50 -19.91 -5.13
C ALA B 35 -26.09 -18.58 -4.67
N PHE B 36 -25.33 -17.80 -3.91
CA PHE B 36 -25.88 -16.56 -3.39
C PHE B 36 -26.20 -15.57 -4.49
N ALA B 37 -25.27 -15.38 -5.43
CA ALA B 37 -25.47 -14.38 -6.48
C ALA B 37 -26.75 -14.66 -7.27
N LEU B 38 -26.91 -15.90 -7.74
CA LEU B 38 -28.07 -16.24 -8.58
C LEU B 38 -29.36 -16.30 -7.77
N ALA B 39 -29.30 -16.83 -6.54
CA ALA B 39 -30.52 -16.86 -5.72
C ALA B 39 -31.02 -15.45 -5.46
N LYS B 40 -30.11 -14.53 -5.13
CA LYS B 40 -30.51 -13.14 -4.90
C LYS B 40 -31.11 -12.54 -6.18
N GLY B 41 -30.43 -12.74 -7.31
CA GLY B 41 -30.94 -12.19 -8.56
C GLY B 41 -32.29 -12.76 -8.95
N PHE B 42 -32.41 -14.09 -8.88
CA PHE B 42 -33.66 -14.75 -9.27
C PHE B 42 -34.82 -14.28 -8.40
N THR B 43 -34.61 -14.21 -7.08
CA THR B 43 -35.69 -13.80 -6.21
C THR B 43 -36.01 -12.32 -6.39
N ALA B 44 -34.98 -11.49 -6.60
CA ALA B 44 -35.22 -10.07 -6.85
C ALA B 44 -35.97 -9.86 -8.16
N ALA B 45 -35.72 -10.69 -9.16
CA ALA B 45 -36.44 -10.60 -10.43
C ALA B 45 -37.88 -11.08 -10.30
N GLY B 46 -38.20 -11.82 -9.23
CA GLY B 46 -39.53 -12.37 -9.07
C GLY B 46 -39.83 -13.58 -9.93
N VAL B 47 -38.81 -14.19 -10.55
CA VAL B 47 -39.03 -15.37 -11.39
C VAL B 47 -39.00 -16.67 -10.60
N LEU B 48 -38.54 -16.64 -9.35
CA LEU B 48 -38.52 -17.81 -8.50
C LEU B 48 -38.77 -17.39 -7.07
N ALA B 49 -39.62 -18.15 -6.38
CA ALA B 49 -39.82 -17.97 -4.95
C ALA B 49 -38.64 -18.59 -4.21
N ALA B 50 -38.24 -17.95 -3.10
CA ALA B 50 -37.05 -18.40 -2.38
C ALA B 50 -37.19 -19.82 -1.88
N HIS B 51 -38.39 -20.25 -1.49
CA HIS B 51 -38.57 -21.60 -0.96
C HIS B 51 -38.48 -22.67 -2.04
N LYS B 52 -38.49 -22.29 -3.31
CA LYS B 52 -38.27 -23.22 -4.42
C LYS B 52 -36.79 -23.42 -4.72
N ILE B 53 -35.91 -22.81 -3.92
CA ILE B 53 -34.47 -22.89 -4.09
C ILE B 53 -33.88 -23.65 -2.92
N MET B 54 -33.00 -24.60 -3.23
CA MET B 54 -32.27 -25.32 -2.20
C MET B 54 -30.80 -25.30 -2.55
N ALA B 55 -29.94 -25.13 -1.54
CA ALA B 55 -28.51 -25.06 -1.75
C ALA B 55 -27.79 -25.93 -0.73
N SER B 56 -26.71 -26.57 -1.19
CA SER B 56 -25.79 -27.31 -0.34
C SER B 56 -24.38 -26.88 -0.71
N SER B 57 -23.55 -26.61 0.30
CA SER B 57 -22.23 -26.06 0.05
C SER B 57 -21.29 -26.47 1.17
N PRO B 58 -20.01 -26.67 0.87
CA PRO B 58 -19.04 -26.95 1.94
C PRO B 58 -18.23 -25.72 2.34
N ASP B 59 -18.22 -24.69 1.49
CA ASP B 59 -17.43 -23.49 1.72
C ASP B 59 -18.29 -22.26 2.02
N MET B 60 -19.60 -22.44 2.18
CA MET B 60 -20.48 -21.32 2.43
C MET B 60 -20.24 -20.75 3.82
N ASP B 61 -19.98 -19.45 3.89
CA ASP B 61 -19.64 -18.79 5.14
C ASP B 61 -20.89 -18.36 5.90
N LEU B 62 -20.68 -17.97 7.17
CA LEU B 62 -21.80 -17.62 8.04
C LEU B 62 -22.61 -16.45 7.47
N ALA B 63 -21.93 -15.49 6.83
CA ALA B 63 -22.64 -14.34 6.28
C ALA B 63 -23.59 -14.76 5.16
N THR B 64 -23.11 -15.58 4.22
CA THR B 64 -23.97 -16.03 3.14
C THR B 64 -24.96 -17.10 3.60
N VAL B 65 -24.61 -17.86 4.64
CA VAL B 65 -25.58 -18.77 5.24
C VAL B 65 -26.74 -17.99 5.85
N SER B 66 -26.43 -16.99 6.66
CA SER B 66 -27.49 -16.22 7.29
C SER B 66 -28.30 -15.47 6.25
N ALA B 67 -27.63 -14.99 5.18
CA ALA B 67 -28.34 -14.23 4.15
C ALA B 67 -29.30 -15.11 3.37
N LEU B 68 -28.86 -16.31 2.99
CA LEU B 68 -29.74 -17.22 2.27
C LEU B 68 -30.87 -17.72 3.17
N ARG B 69 -30.55 -18.02 4.44
CA ARG B 69 -31.59 -18.43 5.38
C ARG B 69 -32.65 -17.34 5.51
N LYS B 70 -32.22 -16.08 5.65
CA LYS B 70 -33.14 -14.98 5.84
C LYS B 70 -33.99 -14.72 4.59
N MET B 71 -33.46 -15.05 3.41
CA MET B 71 -34.21 -14.93 2.18
C MET B 71 -35.32 -15.97 2.07
N GLY B 72 -35.23 -17.05 2.82
CA GLY B 72 -36.15 -18.16 2.67
C GLY B 72 -35.62 -19.32 1.84
N VAL B 73 -34.35 -19.29 1.45
CA VAL B 73 -33.77 -20.38 0.68
C VAL B 73 -33.52 -21.57 1.60
N LYS B 74 -33.86 -22.77 1.13
CA LYS B 74 -33.62 -23.98 1.91
C LYS B 74 -32.15 -24.36 1.82
N LEU B 75 -31.57 -24.75 2.96
CA LEU B 75 -30.18 -25.15 3.03
C LEU B 75 -30.08 -26.55 3.60
N THR B 76 -29.13 -27.32 3.09
CA THR B 76 -28.93 -28.69 3.56
C THR B 76 -27.47 -29.04 3.37
N PRO B 77 -26.91 -29.89 4.25
CA PRO B 77 -25.55 -30.38 4.02
C PRO B 77 -25.47 -31.55 3.05
N HIS B 78 -26.60 -32.05 2.57
CA HIS B 78 -26.65 -33.27 1.78
C HIS B 78 -26.93 -32.92 0.32
N ASN B 79 -25.93 -33.17 -0.54
CA ASN B 79 -26.09 -32.88 -1.96
C ASN B 79 -27.21 -33.71 -2.60
N LYS B 80 -27.43 -34.94 -2.11
CA LYS B 80 -28.51 -35.75 -2.66
C LYS B 80 -29.87 -35.11 -2.42
N GLU B 81 -30.04 -34.46 -1.25
CA GLU B 81 -31.29 -33.76 -0.98
C GLU B 81 -31.51 -32.63 -1.99
N THR B 82 -30.45 -31.88 -2.30
CA THR B 82 -30.57 -30.83 -3.30
C THR B 82 -31.00 -31.40 -4.65
N VAL B 83 -30.42 -32.52 -5.05
CA VAL B 83 -30.78 -33.15 -6.32
C VAL B 83 -32.24 -33.57 -6.31
N GLN B 84 -32.66 -34.21 -5.22
CA GLN B 84 -34.05 -34.69 -5.13
C GLN B 84 -35.04 -33.54 -5.10
N HIS B 85 -34.61 -32.37 -4.61
CA HIS B 85 -35.48 -31.20 -4.57
C HIS B 85 -35.61 -30.52 -5.92
N SER B 86 -34.61 -30.66 -6.79
CA SER B 86 -34.41 -29.74 -7.90
C SER B 86 -34.92 -30.28 -9.23
N ASP B 87 -35.30 -29.35 -10.10
CA ASP B 87 -35.51 -29.60 -11.52
C ASP B 87 -34.31 -29.11 -12.34
N VAL B 88 -33.94 -27.85 -12.15
CA VAL B 88 -32.71 -27.29 -12.68
C VAL B 88 -31.67 -27.31 -11.57
N LEU B 89 -30.53 -27.95 -11.84
CA LEU B 89 -29.49 -28.16 -10.84
C LEU B 89 -28.23 -27.42 -11.28
N PHE B 90 -27.88 -26.34 -10.58
CA PHE B 90 -26.66 -25.60 -10.85
C PHE B 90 -25.51 -26.25 -10.09
N LEU B 91 -24.39 -26.49 -10.78
CA LEU B 91 -23.18 -27.00 -10.16
C LEU B 91 -22.12 -25.91 -10.18
N ALA B 92 -21.48 -25.70 -9.04
CA ALA B 92 -20.35 -24.78 -8.93
C ALA B 92 -19.18 -25.56 -8.30
N VAL B 93 -18.68 -26.56 -9.05
CA VAL B 93 -17.77 -27.57 -8.51
C VAL B 93 -16.52 -27.61 -9.38
N LYS B 94 -15.35 -27.44 -8.76
CA LYS B 94 -14.08 -27.40 -9.47
C LYS B 94 -13.75 -28.74 -10.13
N PRO B 95 -12.88 -28.73 -11.16
CA PRO B 95 -12.58 -29.98 -11.88
C PRO B 95 -12.00 -31.10 -11.02
N HIS B 96 -11.23 -30.80 -9.98
CA HIS B 96 -10.67 -31.87 -9.16
C HIS B 96 -11.70 -32.48 -8.21
N ILE B 97 -12.82 -31.80 -7.98
CA ILE B 97 -13.89 -32.33 -7.14
C ILE B 97 -15.02 -32.94 -7.99
N ILE B 98 -15.11 -32.59 -9.28
CA ILE B 98 -16.17 -33.10 -10.13
C ILE B 98 -16.29 -34.63 -10.08
N PRO B 99 -15.20 -35.41 -10.20
CA PRO B 99 -15.35 -36.88 -10.14
C PRO B 99 -16.04 -37.38 -8.88
N PHE B 100 -15.77 -36.76 -7.73
CA PHE B 100 -16.39 -37.21 -6.49
C PHE B 100 -17.86 -36.81 -6.41
N ILE B 101 -18.17 -35.57 -6.80
CA ILE B 101 -19.55 -35.10 -6.71
C ILE B 101 -20.45 -35.87 -7.67
N LEU B 102 -20.01 -36.03 -8.92
CA LEU B 102 -20.85 -36.72 -9.89
C LEU B 102 -21.02 -38.19 -9.53
N ASP B 103 -20.02 -38.79 -8.90
CA ASP B 103 -20.20 -40.15 -8.40
C ASP B 103 -21.17 -40.17 -7.23
N GLU B 104 -21.20 -39.08 -6.44
CA GLU B 104 -22.10 -39.04 -5.29
C GLU B 104 -23.56 -38.89 -5.72
N ILE B 105 -23.83 -38.01 -6.69
CA ILE B 105 -25.20 -37.69 -7.06
C ILE B 105 -25.65 -38.34 -8.36
N GLY B 106 -24.75 -39.05 -9.06
CA GLY B 106 -25.09 -39.54 -10.39
C GLY B 106 -26.32 -40.44 -10.39
N ALA B 107 -26.45 -41.32 -9.40
CA ALA B 107 -27.58 -42.23 -9.33
C ALA B 107 -28.89 -41.53 -9.02
N ASP B 108 -28.84 -40.27 -8.56
CA ASP B 108 -30.03 -39.51 -8.24
C ASP B 108 -30.49 -38.60 -9.38
N ILE B 109 -29.71 -38.50 -10.44
CA ILE B 109 -30.12 -37.73 -11.61
C ILE B 109 -31.27 -38.44 -12.31
N GLU B 110 -32.33 -37.70 -12.60
CA GLU B 110 -33.52 -38.22 -13.24
C GLU B 110 -33.70 -37.58 -14.60
N ASP B 111 -34.66 -38.12 -15.36
CA ASP B 111 -34.95 -37.58 -16.69
C ASP B 111 -35.32 -36.10 -16.63
N ARG B 112 -35.97 -35.67 -15.54
CA ARG B 112 -36.41 -34.28 -15.46
C ARG B 112 -35.27 -33.29 -15.29
N HIS B 113 -34.08 -33.74 -14.88
CA HIS B 113 -33.04 -32.80 -14.48
C HIS B 113 -32.38 -32.13 -15.67
N ILE B 114 -32.15 -30.82 -15.54
CA ILE B 114 -31.19 -30.09 -16.38
C ILE B 114 -30.02 -29.74 -15.46
N VAL B 115 -28.83 -30.20 -15.82
CA VAL B 115 -27.63 -29.97 -15.02
C VAL B 115 -26.87 -28.80 -15.65
N VAL B 116 -26.68 -27.73 -14.87
CA VAL B 116 -26.06 -26.48 -15.36
C VAL B 116 -24.75 -26.29 -14.61
N SER B 117 -23.63 -26.48 -15.31
CA SER B 117 -22.31 -26.37 -14.67
C SER B 117 -21.74 -24.98 -14.86
N CYS B 118 -21.23 -24.40 -13.76
CA CYS B 118 -20.74 -23.03 -13.78
C CYS B 118 -19.26 -22.87 -13.53
N ALA B 119 -18.53 -23.93 -13.18
CA ALA B 119 -17.14 -23.75 -12.81
C ALA B 119 -16.23 -23.75 -14.04
N ALA B 120 -15.17 -22.96 -13.97
CA ALA B 120 -14.21 -22.96 -15.07
C ALA B 120 -13.48 -24.30 -15.17
N GLY B 121 -13.18 -24.70 -16.41
CA GLY B 121 -12.40 -25.89 -16.65
C GLY B 121 -13.16 -27.20 -16.61
N VAL B 122 -14.47 -27.16 -16.42
CA VAL B 122 -15.32 -28.34 -16.40
C VAL B 122 -16.09 -28.36 -17.71
N THR B 123 -15.76 -29.31 -18.59
CA THR B 123 -16.35 -29.33 -19.92
C THR B 123 -17.69 -30.06 -19.92
N ILE B 124 -18.52 -29.72 -20.91
CA ILE B 124 -19.74 -30.49 -21.12
C ILE B 124 -19.41 -31.97 -21.30
N SER B 125 -18.34 -32.27 -22.05
CA SER B 125 -17.98 -33.66 -22.31
C SER B 125 -17.69 -34.42 -21.02
N SER B 126 -16.93 -33.81 -20.10
CA SER B 126 -16.59 -34.47 -18.85
C SER B 126 -17.82 -34.80 -18.03
N ILE B 127 -18.75 -33.85 -17.92
CA ILE B 127 -19.98 -34.07 -17.16
C ILE B 127 -20.82 -35.15 -17.82
N GLU B 128 -20.99 -35.05 -19.14
CA GLU B 128 -21.80 -36.06 -19.85
C GLU B 128 -21.21 -37.45 -19.71
N LYS B 129 -19.90 -37.58 -19.83
CA LYS B 129 -19.28 -38.90 -19.71
C LYS B 129 -19.48 -39.47 -18.32
N LYS B 130 -19.28 -38.65 -17.30
CA LYS B 130 -19.41 -39.10 -15.93
C LYS B 130 -20.86 -39.43 -15.58
N LEU B 131 -21.81 -38.60 -16.02
CA LEU B 131 -23.22 -38.86 -15.71
C LEU B 131 -23.80 -40.00 -16.55
N SER B 132 -23.28 -40.20 -17.77
CA SER B 132 -23.80 -41.28 -18.61
C SER B 132 -23.51 -42.65 -18.03
N ALA B 133 -22.59 -42.74 -17.07
CA ALA B 133 -22.38 -44.01 -16.37
C ALA B 133 -23.61 -44.45 -15.60
N PHE B 134 -24.53 -43.53 -15.31
CA PHE B 134 -25.73 -43.81 -14.53
C PHE B 134 -26.99 -43.83 -15.37
N ARG B 135 -27.19 -42.84 -16.25
CA ARG B 135 -28.36 -42.71 -17.10
C ARG B 135 -27.86 -42.14 -18.42
N PRO B 136 -28.38 -42.62 -19.55
CA PRO B 136 -27.65 -42.44 -20.82
C PRO B 136 -27.67 -41.05 -21.44
N ALA B 137 -28.70 -40.24 -21.23
CA ALA B 137 -28.83 -38.97 -21.95
C ALA B 137 -28.98 -37.79 -21.01
N PRO B 138 -27.97 -37.50 -20.20
CA PRO B 138 -28.07 -36.37 -19.27
C PRO B 138 -28.16 -35.06 -20.04
N ARG B 139 -29.06 -34.19 -19.57
CA ARG B 139 -29.26 -32.87 -20.16
C ARG B 139 -28.32 -31.89 -19.46
N VAL B 140 -27.30 -31.44 -20.17
CA VAL B 140 -26.22 -30.64 -19.58
C VAL B 140 -26.11 -29.33 -20.33
N ILE B 141 -25.97 -28.25 -19.57
CA ILE B 141 -25.72 -26.90 -20.08
C ILE B 141 -24.56 -26.33 -19.30
N ARG B 142 -23.69 -25.61 -19.99
CA ARG B 142 -22.60 -24.91 -19.32
C ARG B 142 -22.95 -23.43 -19.26
N CYS B 143 -22.73 -22.82 -18.10
CA CYS B 143 -23.10 -21.44 -17.83
C CYS B 143 -21.87 -20.65 -17.45
N MET B 144 -21.70 -19.47 -18.04
CA MET B 144 -20.63 -18.55 -17.66
C MET B 144 -21.34 -17.26 -17.28
N THR B 145 -21.45 -16.99 -15.98
CA THR B 145 -22.17 -15.80 -15.51
C THR B 145 -21.25 -15.00 -14.59
N ASN B 146 -21.75 -13.89 -14.05
CA ASN B 146 -20.86 -13.06 -13.23
C ASN B 146 -21.65 -12.48 -12.07
N THR B 147 -20.93 -11.84 -11.15
CA THR B 147 -21.56 -11.48 -9.88
C THR B 147 -22.65 -10.42 -10.01
N PRO B 148 -22.62 -9.52 -11.00
CA PRO B 148 -23.70 -8.51 -11.06
C PRO B 148 -25.08 -9.07 -11.37
N VAL B 149 -25.27 -10.39 -11.53
CA VAL B 149 -26.63 -10.91 -11.50
C VAL B 149 -27.34 -10.53 -10.20
N VAL B 150 -26.58 -10.24 -9.14
CA VAL B 150 -27.17 -9.87 -7.85
C VAL B 150 -27.94 -8.56 -7.93
N VAL B 151 -27.60 -7.69 -8.88
CA VAL B 151 -28.37 -6.47 -9.14
C VAL B 151 -29.07 -6.56 -10.50
N ARG B 152 -29.26 -7.78 -11.01
CA ARG B 152 -29.95 -8.04 -12.26
C ARG B 152 -29.30 -7.35 -13.44
N GLU B 153 -27.98 -7.18 -13.40
CA GLU B 153 -27.23 -6.65 -14.54
C GLU B 153 -26.06 -7.55 -14.85
N GLY B 154 -26.26 -8.86 -14.74
CA GLY B 154 -25.22 -9.80 -15.08
C GLY B 154 -24.98 -9.87 -16.58
N ALA B 155 -23.90 -10.57 -16.92
CA ALA B 155 -23.56 -10.94 -18.30
C ALA B 155 -23.39 -12.44 -18.29
N THR B 156 -24.24 -13.14 -19.01
CA THR B 156 -24.25 -14.60 -18.96
C THR B 156 -24.22 -15.14 -20.39
N VAL B 157 -23.41 -16.17 -20.61
CA VAL B 157 -23.55 -16.97 -21.82
C VAL B 157 -23.73 -18.40 -21.41
N TYR B 158 -24.29 -19.20 -22.32
CA TYR B 158 -24.48 -20.61 -22.06
C TYR B 158 -24.25 -21.39 -23.33
N ALA B 159 -23.84 -22.63 -23.15
CA ALA B 159 -23.68 -23.59 -24.24
C ALA B 159 -24.45 -24.84 -23.90
N THR B 160 -25.15 -25.40 -24.89
CA THR B 160 -25.99 -26.56 -24.67
C THR B 160 -25.25 -27.86 -25.03
N GLY B 161 -25.45 -28.87 -24.20
CA GLY B 161 -24.82 -30.17 -24.37
C GLY B 161 -25.52 -31.07 -25.40
N THR B 162 -25.00 -32.29 -25.49
CA THR B 162 -25.41 -33.22 -26.54
C THR B 162 -26.89 -33.57 -26.45
N HIS B 163 -27.42 -33.72 -25.24
CA HIS B 163 -28.77 -34.20 -25.04
C HIS B 163 -29.71 -33.12 -24.55
N ALA B 164 -29.25 -31.87 -24.50
CA ALA B 164 -30.12 -30.75 -24.16
C ALA B 164 -31.18 -30.59 -25.24
N GLN B 165 -32.45 -30.66 -24.82
CA GLN B 165 -33.55 -30.40 -25.74
C GLN B 165 -33.56 -28.92 -26.13
N VAL B 166 -34.18 -28.64 -27.28
CA VAL B 166 -34.19 -27.27 -27.79
C VAL B 166 -34.87 -26.33 -26.79
N GLU B 167 -35.89 -26.82 -26.10
CA GLU B 167 -36.54 -26.02 -25.06
C GLU B 167 -35.66 -25.85 -23.82
N ASP B 168 -34.67 -26.71 -23.61
CA ASP B 168 -33.77 -26.52 -22.48
C ASP B 168 -32.97 -25.24 -22.61
N GLY B 169 -32.42 -24.98 -23.80
CA GLY B 169 -31.69 -23.74 -24.01
C GLY B 169 -32.59 -22.53 -23.90
N ARG B 170 -33.81 -22.62 -24.44
CA ARG B 170 -34.77 -21.53 -24.32
C ARG B 170 -35.11 -21.26 -22.86
N LEU B 171 -35.32 -22.32 -22.07
CA LEU B 171 -35.60 -22.16 -20.64
C LEU B 171 -34.44 -21.50 -19.93
N MET B 172 -33.22 -22.00 -20.19
N MET B 172 -33.21 -21.96 -20.19
CA MET B 172 -32.00 -21.44 -19.63
CA MET B 172 -32.09 -21.35 -19.48
C MET B 172 -31.92 -19.95 -19.92
C MET B 172 -31.86 -19.91 -19.92
N GLU B 173 -32.14 -19.57 -21.18
CA GLU B 173 -32.01 -18.17 -21.57
C GLU B 173 -33.08 -17.31 -20.92
N GLN B 174 -34.32 -17.82 -20.82
CA GLN B 174 -35.36 -17.05 -20.15
C GLN B 174 -35.03 -16.83 -18.68
N LEU B 175 -34.54 -17.86 -18.00
CA LEU B 175 -34.19 -17.75 -16.58
C LEU B 175 -33.04 -16.78 -16.38
N LEU B 176 -31.95 -16.95 -17.12
CA LEU B 176 -30.79 -16.11 -16.91
C LEU B 176 -30.97 -14.71 -17.47
N SER B 177 -31.88 -14.52 -18.44
CA SER B 177 -32.15 -13.16 -18.90
C SER B 177 -32.88 -12.34 -17.86
N SER B 178 -33.49 -12.97 -16.85
CA SER B 178 -34.15 -12.20 -15.81
C SER B 178 -33.18 -11.48 -14.91
N VAL B 179 -31.89 -11.84 -14.96
CA VAL B 179 -30.88 -11.24 -14.09
C VAL B 179 -29.76 -10.57 -14.89
N GLY B 180 -29.96 -10.33 -16.19
CA GLY B 180 -28.98 -9.62 -16.98
C GLY B 180 -29.03 -10.01 -18.44
N PHE B 181 -27.96 -9.64 -19.16
CA PHE B 181 -27.80 -10.05 -20.55
C PHE B 181 -27.53 -11.55 -20.61
N CYS B 182 -28.15 -12.23 -21.58
CA CYS B 182 -27.88 -13.66 -21.75
C CYS B 182 -27.98 -14.05 -23.21
N THR B 183 -27.01 -14.83 -23.69
CA THR B 183 -27.07 -15.32 -25.07
C THR B 183 -26.34 -16.66 -25.15
N GLU B 184 -26.69 -17.43 -26.19
CA GLU B 184 -26.06 -18.73 -26.42
C GLU B 184 -24.75 -18.54 -27.16
N VAL B 185 -23.75 -19.35 -26.79
CA VAL B 185 -22.47 -19.40 -27.48
C VAL B 185 -22.06 -20.85 -27.66
N GLU B 186 -21.12 -21.08 -28.58
CA GLU B 186 -20.41 -22.35 -28.65
C GLU B 186 -19.53 -22.52 -27.41
N GLU B 187 -19.39 -23.77 -26.97
CA GLU B 187 -18.64 -24.02 -25.74
C GLU B 187 -17.20 -23.53 -25.83
N ASP B 188 -16.59 -23.58 -27.02
CA ASP B 188 -15.19 -23.19 -27.09
C ASP B 188 -14.99 -21.68 -26.99
N LEU B 189 -16.04 -20.90 -26.77
CA LEU B 189 -15.88 -19.47 -26.47
C LEU B 189 -15.98 -19.19 -24.97
N ILE B 190 -16.31 -20.17 -24.13
CA ILE B 190 -16.59 -19.87 -22.74
C ILE B 190 -15.33 -19.40 -22.01
N ASP B 191 -14.17 -19.96 -22.37
CA ASP B 191 -12.92 -19.52 -21.75
C ASP B 191 -12.68 -18.04 -21.99
N ALA B 192 -12.92 -17.57 -23.22
CA ALA B 192 -12.72 -16.15 -23.53
C ALA B 192 -13.75 -15.27 -22.84
N VAL B 193 -15.01 -15.72 -22.79
CA VAL B 193 -16.01 -14.96 -22.05
C VAL B 193 -15.61 -14.84 -20.59
N THR B 194 -15.05 -15.92 -20.02
CA THR B 194 -14.59 -15.86 -18.63
C THR B 194 -13.58 -14.74 -18.43
N GLY B 195 -12.61 -14.63 -19.33
CA GLY B 195 -11.60 -13.59 -19.19
C GLY B 195 -12.16 -12.20 -19.35
N LEU B 196 -13.28 -12.06 -20.06
CA LEU B 196 -13.86 -10.75 -20.35
C LEU B 196 -14.95 -10.39 -19.35
N SER B 197 -16.14 -10.99 -19.45
CA SER B 197 -17.21 -10.60 -18.54
C SER B 197 -17.25 -11.40 -17.25
N GLY B 198 -16.66 -12.59 -17.20
CA GLY B 198 -16.60 -13.31 -15.94
C GLY B 198 -15.71 -12.59 -14.93
N SER B 199 -14.46 -12.33 -15.32
CA SER B 199 -13.53 -11.61 -14.47
C SER B 199 -13.71 -10.10 -14.55
N GLY B 200 -14.42 -9.61 -15.55
CA GLY B 200 -14.57 -8.19 -15.80
C GLY B 200 -14.94 -7.34 -14.59
N PRO B 201 -15.93 -7.77 -13.80
CA PRO B 201 -16.31 -6.95 -12.63
C PRO B 201 -15.15 -6.70 -11.67
N ALA B 202 -14.24 -7.66 -11.51
CA ALA B 202 -13.09 -7.43 -10.65
C ALA B 202 -12.15 -6.37 -11.23
N TYR B 203 -12.02 -6.33 -12.57
CA TYR B 203 -11.23 -5.26 -13.18
C TYR B 203 -11.88 -3.92 -12.88
N ALA B 204 -13.21 -3.87 -12.94
CA ALA B 204 -13.93 -2.62 -12.68
C ALA B 204 -13.82 -2.21 -11.21
N PHE B 205 -13.93 -3.16 -10.28
CA PHE B 205 -13.78 -2.80 -8.87
C PHE B 205 -12.39 -2.25 -8.58
N THR B 206 -11.35 -2.87 -9.16
CA THR B 206 -9.99 -2.34 -9.06
C THR B 206 -9.92 -0.93 -9.62
N ALA B 207 -10.48 -0.74 -10.82
CA ALA B 207 -10.46 0.58 -11.45
C ALA B 207 -11.18 1.61 -10.60
N LEU B 208 -12.33 1.23 -10.00
CA LEU B 208 -13.11 2.20 -9.22
C LEU B 208 -12.39 2.58 -7.93
N ASP B 209 -11.71 1.62 -7.29
CA ASP B 209 -10.88 1.94 -6.13
C ASP B 209 -9.79 2.93 -6.49
N ALA B 210 -9.11 2.71 -7.62
CA ALA B 210 -8.03 3.58 -8.04
C ALA B 210 -8.54 4.95 -8.46
N LEU B 211 -9.65 4.98 -9.20
CA LEU B 211 -10.22 6.28 -9.59
C LEU B 211 -10.60 7.09 -8.36
N ALA B 212 -11.15 6.41 -7.35
CA ALA B 212 -11.48 7.10 -6.10
C ALA B 212 -10.23 7.62 -5.40
N ASP B 213 -9.16 6.81 -5.38
CA ASP B 213 -7.87 7.29 -4.86
C ASP B 213 -7.43 8.54 -5.60
N GLY B 214 -7.61 8.58 -6.92
CA GLY B 214 -7.24 9.77 -7.67
C GLY B 214 -8.08 10.97 -7.28
N GLY B 215 -9.39 10.76 -7.12
CA GLY B 215 -10.25 11.86 -6.67
C GLY B 215 -9.85 12.37 -5.30
N VAL B 216 -9.53 11.45 -4.39
CA VAL B 216 -9.08 11.84 -3.06
C VAL B 216 -7.76 12.61 -3.13
N LYS B 217 -6.83 12.14 -3.97
CA LYS B 217 -5.56 12.87 -4.10
C LYS B 217 -5.81 14.30 -4.53
N MET B 218 -6.81 14.52 -5.38
CA MET B 218 -7.07 15.85 -5.90
C MET B 218 -8.05 16.65 -5.05
N GLY B 219 -8.45 16.13 -3.89
CA GLY B 219 -9.16 16.92 -2.89
C GLY B 219 -10.59 16.52 -2.60
N LEU B 220 -11.10 15.45 -3.24
CA LEU B 220 -12.49 15.05 -2.97
C LEU B 220 -12.57 14.16 -1.74
N PRO B 221 -13.67 14.26 -0.99
CA PRO B 221 -13.93 13.26 0.05
C PRO B 221 -14.08 11.89 -0.58
N ARG B 222 -13.65 10.87 0.17
CA ARG B 222 -13.64 9.50 -0.37
C ARG B 222 -15.04 9.06 -0.81
N ARG B 223 -16.05 9.27 0.04
CA ARG B 223 -17.38 8.78 -0.29
C ARG B 223 -17.91 9.41 -1.57
N LEU B 224 -17.67 10.71 -1.75
CA LEU B 224 -18.06 11.37 -3.00
C LEU B 224 -17.26 10.84 -4.18
N ALA B 225 -15.95 10.64 -4.00
CA ALA B 225 -15.13 10.12 -5.09
C ALA B 225 -15.60 8.74 -5.55
N VAL B 226 -15.95 7.86 -4.61
CA VAL B 226 -16.42 6.53 -5.02
C VAL B 226 -17.72 6.64 -5.79
N ARG B 227 -18.65 7.48 -5.30
CA ARG B 227 -19.94 7.65 -5.95
CA ARG B 227 -19.94 7.66 -5.95
C ARG B 227 -19.77 8.21 -7.36
N LEU B 228 -18.94 9.25 -7.52
CA LEU B 228 -18.77 9.85 -8.83
C LEU B 228 -18.10 8.89 -9.82
N GLY B 229 -17.06 8.17 -9.38
CA GLY B 229 -16.39 7.24 -10.29
C GLY B 229 -17.30 6.12 -10.73
N ALA B 230 -18.08 5.57 -9.79
CA ALA B 230 -19.00 4.49 -10.15
C ALA B 230 -20.10 4.99 -11.08
N GLN B 231 -20.63 6.19 -10.82
CA GLN B 231 -21.63 6.73 -11.72
C GLN B 231 -21.05 7.01 -13.09
N ALA B 232 -19.81 7.48 -13.15
CA ALA B 232 -19.16 7.72 -14.45
C ALA B 232 -19.06 6.43 -15.25
N LEU B 233 -18.62 5.35 -14.60
CA LEU B 233 -18.47 4.08 -15.32
CA LEU B 233 -18.47 4.06 -15.29
C LEU B 233 -19.83 3.50 -15.71
N LEU B 234 -20.81 3.56 -14.81
CA LEU B 234 -22.15 3.09 -15.15
C LEU B 234 -22.71 3.86 -16.34
N GLY B 235 -22.62 5.18 -16.31
CA GLY B 235 -23.20 5.96 -17.39
C GLY B 235 -22.51 5.71 -18.71
N ALA B 236 -21.18 5.59 -18.69
CA ALA B 236 -20.45 5.34 -19.93
C ALA B 236 -20.82 4.00 -20.52
N ALA B 237 -20.90 2.98 -19.67
CA ALA B 237 -21.28 1.67 -20.16
C ALA B 237 -22.68 1.70 -20.75
N LYS B 238 -23.62 2.39 -20.08
CA LYS B 238 -24.96 2.48 -20.63
C LYS B 238 -24.97 3.21 -21.97
N MET B 239 -24.17 4.29 -22.10
CA MET B 239 -24.09 4.98 -23.39
C MET B 239 -23.66 4.05 -24.49
N LEU B 240 -22.63 3.25 -24.26
CA LEU B 240 -22.13 2.37 -25.31
C LEU B 240 -23.17 1.31 -25.65
N LEU B 241 -23.85 0.77 -24.64
CA LEU B 241 -24.85 -0.25 -24.91
C LEU B 241 -26.02 0.30 -25.72
N HIS B 242 -26.34 1.59 -25.57
CA HIS B 242 -27.47 2.18 -26.27
C HIS B 242 -27.05 2.93 -27.52
N SER B 243 -25.77 2.91 -27.86
CA SER B 243 -25.24 3.59 -29.03
C SER B 243 -24.92 2.59 -30.13
N GLU B 244 -25.07 3.01 -31.37
CA GLU B 244 -24.57 2.26 -32.51
C GLU B 244 -23.15 2.64 -32.86
N GLN B 245 -22.49 3.46 -32.04
CA GLN B 245 -21.19 4.00 -32.38
C GLN B 245 -20.06 3.18 -31.75
N HIS B 246 -18.91 3.26 -32.40
CA HIS B 246 -17.69 2.66 -31.88
C HIS B 246 -17.29 3.34 -30.57
N PRO B 247 -16.71 2.59 -29.63
CA PRO B 247 -16.21 3.24 -28.40
C PRO B 247 -15.19 4.33 -28.66
N GLY B 248 -14.40 4.20 -29.72
CA GLY B 248 -13.47 5.28 -30.05
C GLY B 248 -14.19 6.54 -30.49
N GLN B 249 -15.34 6.39 -31.17
CA GLN B 249 -16.10 7.57 -31.54
C GLN B 249 -16.67 8.27 -30.32
N LEU B 250 -17.19 7.50 -29.35
CA LEU B 250 -17.69 8.12 -28.12
C LEU B 250 -16.55 8.78 -27.36
N LYS B 251 -15.37 8.15 -27.33
CA LYS B 251 -14.21 8.79 -26.70
C LYS B 251 -13.87 10.11 -27.39
N ASP B 252 -13.88 10.12 -28.73
CA ASP B 252 -13.62 11.36 -29.46
C ASP B 252 -14.62 12.45 -29.07
N ASN B 253 -15.89 12.07 -28.88
CA ASN B 253 -16.94 13.04 -28.57
C ASN B 253 -16.78 13.70 -27.20
N VAL B 254 -16.07 13.05 -26.27
CA VAL B 254 -15.93 13.58 -24.92
C VAL B 254 -14.79 14.60 -24.83
N SER B 255 -13.82 14.53 -25.75
CA SER B 255 -12.54 15.22 -25.61
C SER B 255 -12.53 16.48 -26.48
N SER B 256 -12.51 17.63 -25.85
CA SER B 256 -12.32 18.86 -26.61
C SER B 256 -10.84 19.09 -26.91
N PRO B 257 -10.53 19.79 -28.00
CA PRO B 257 -9.13 20.04 -28.32
C PRO B 257 -8.42 20.82 -27.22
N GLY B 258 -7.22 20.36 -26.85
CA GLY B 258 -6.43 20.95 -25.79
C GLY B 258 -6.99 20.78 -24.40
N GLY B 259 -8.05 20.00 -24.23
CA GLY B 259 -8.82 20.00 -23.00
C GLY B 259 -8.34 19.01 -21.95
N ALA B 260 -9.10 18.96 -20.86
CA ALA B 260 -8.71 18.15 -19.71
C ALA B 260 -8.70 16.67 -20.05
N THR B 261 -9.74 16.20 -20.75
CA THR B 261 -9.85 14.76 -20.99
C THR B 261 -8.72 14.24 -21.87
N ILE B 262 -8.37 14.95 -22.94
CA ILE B 262 -7.33 14.41 -23.83
C ILE B 262 -5.98 14.40 -23.12
N HIS B 263 -5.74 15.34 -22.20
CA HIS B 263 -4.52 15.29 -21.42
C HIS B 263 -4.48 14.03 -20.54
N ALA B 264 -5.62 13.66 -19.94
CA ALA B 264 -5.68 12.44 -19.12
C ALA B 264 -5.57 11.20 -19.98
N LEU B 265 -6.16 11.21 -21.18
CA LEU B 265 -6.04 10.02 -22.03
C LEU B 265 -4.59 9.78 -22.42
N HIS B 266 -3.82 10.84 -22.63
CA HIS B 266 -2.42 10.65 -22.96
C HIS B 266 -1.69 9.91 -21.84
N VAL B 267 -1.94 10.28 -20.58
CA VAL B 267 -1.18 9.59 -19.54
C VAL B 267 -1.61 8.14 -19.40
N LEU B 268 -2.88 7.81 -19.67
CA LEU B 268 -3.26 6.40 -19.75
C LEU B 268 -2.48 5.70 -20.85
N GLU B 269 -2.41 6.31 -22.04
CA GLU B 269 -1.70 5.68 -23.16
C GLU B 269 -0.23 5.48 -22.83
N SER B 270 0.40 6.45 -22.17
CA SER B 270 1.82 6.35 -21.88
C SER B 270 2.15 5.20 -20.97
N GLY B 271 1.19 4.74 -20.17
CA GLY B 271 1.36 3.58 -19.32
C GLY B 271 0.91 2.27 -19.95
N GLY B 272 0.48 2.28 -21.21
CA GLY B 272 0.04 1.04 -21.81
C GLY B 272 -1.28 0.54 -21.24
N PHE B 273 -2.15 1.45 -20.83
CA PHE B 273 -3.44 1.10 -20.21
C PHE B 273 -4.20 0.06 -21.00
N ARG B 274 -4.34 0.28 -22.32
CA ARG B 274 -5.08 -0.67 -23.16
C ARG B 274 -4.46 -2.05 -23.09
N SER B 275 -3.13 -2.11 -23.16
CA SER B 275 -2.45 -3.42 -23.18
C SER B 275 -2.65 -4.16 -21.87
N LEU B 276 -2.76 -3.44 -20.75
CA LEU B 276 -2.96 -4.11 -19.47
C LEU B 276 -4.30 -4.83 -19.45
N LEU B 277 -5.33 -4.20 -20.00
CA LEU B 277 -6.65 -4.83 -20.03
C LEU B 277 -6.68 -6.01 -20.98
N ILE B 278 -5.99 -5.91 -22.12
CA ILE B 278 -5.84 -7.08 -23.00
C ILE B 278 -5.10 -8.20 -22.27
N ASN B 279 -4.02 -7.84 -21.56
CA ASN B 279 -3.27 -8.83 -20.78
C ASN B 279 -4.18 -9.56 -19.80
N ALA B 280 -5.07 -8.80 -19.16
CA ALA B 280 -5.95 -9.37 -18.12
C ALA B 280 -6.92 -10.37 -18.73
N VAL B 281 -7.61 -9.98 -19.82
CA VAL B 281 -8.54 -10.91 -20.47
C VAL B 281 -7.82 -12.19 -20.88
N GLU B 282 -6.63 -12.04 -21.46
CA GLU B 282 -5.83 -13.19 -21.89
C GLU B 282 -5.44 -14.06 -20.69
N ALA B 283 -4.95 -13.43 -19.62
CA ALA B 283 -4.49 -14.20 -18.46
C ALA B 283 -5.63 -14.98 -17.82
N SER B 284 -6.81 -14.38 -17.70
CA SER B 284 -7.94 -15.11 -17.12
C SER B 284 -8.37 -16.24 -18.04
N CYS B 285 -8.49 -15.96 -19.34
CA CYS B 285 -8.86 -17.00 -20.29
C CYS B 285 -7.87 -18.17 -20.26
N ILE B 286 -6.56 -17.88 -20.28
CA ILE B 286 -5.57 -18.96 -20.29
C ILE B 286 -5.62 -19.74 -18.98
N ARG B 287 -5.82 -19.05 -17.86
CA ARG B 287 -5.91 -19.78 -16.60
C ARG B 287 -7.09 -20.77 -16.61
N THR B 288 -8.23 -20.41 -17.22
CA THR B 288 -9.33 -21.37 -17.28
C THR B 288 -8.93 -22.61 -18.08
N ARG B 289 -8.10 -22.44 -19.12
CA ARG B 289 -7.62 -23.58 -19.89
C ARG B 289 -6.68 -24.46 -19.06
N GLU B 290 -5.86 -23.83 -18.22
CA GLU B 290 -4.99 -24.58 -17.32
C GLU B 290 -5.81 -25.36 -16.30
N LEU B 291 -6.87 -24.75 -15.79
CA LEU B 291 -7.73 -25.46 -14.86
C LEU B 291 -8.40 -26.67 -15.52
N GLN B 292 -8.71 -26.56 -16.81
CA GLN B 292 -9.31 -27.68 -17.52
C GLN B 292 -8.29 -28.79 -17.72
N SER B 293 -7.04 -28.44 -18.02
CA SER B 293 -6.03 -29.48 -18.22
C SER B 293 -5.76 -30.26 -16.95
N MET B 294 -6.09 -29.71 -15.78
CA MET B 294 -5.94 -30.46 -14.53
C MET B 294 -7.08 -31.43 -14.28
N ALA B 295 -8.16 -31.36 -15.07
CA ALA B 295 -9.23 -32.35 -15.02
C ALA B 295 -8.94 -33.56 -15.89
N ASP B 296 -8.06 -33.41 -16.87
CA ASP B 296 -7.83 -34.41 -17.90
C ASP B 296 -6.56 -35.21 -17.64
N MET C 24 -9.19 16.37 35.21
CA MET C 24 -8.66 16.66 33.87
C MET C 24 -9.64 16.29 32.76
N SER C 25 -10.20 17.32 32.13
CA SER C 25 -11.11 17.17 31.01
C SER C 25 -10.34 17.32 29.70
N VAL C 26 -10.75 16.56 28.70
CA VAL C 26 -10.12 16.57 27.38
C VAL C 26 -11.19 16.90 26.34
N GLY C 27 -10.85 17.75 25.40
CA GLY C 27 -11.75 18.08 24.31
C GLY C 27 -11.11 17.85 22.97
N PHE C 28 -11.96 17.56 21.98
CA PHE C 28 -11.54 17.40 20.60
C PHE C 28 -12.31 18.35 19.70
N ILE C 29 -11.58 19.10 18.88
CA ILE C 29 -12.14 19.93 17.81
C ILE C 29 -11.54 19.46 16.49
N GLY C 30 -12.40 19.27 15.47
CA GLY C 30 -11.95 19.02 14.11
C GLY C 30 -12.31 17.63 13.61
N ALA C 31 -11.37 17.01 12.91
CA ALA C 31 -11.63 15.76 12.19
C ALA C 31 -11.97 14.62 13.14
N GLY C 32 -13.10 13.95 12.86
CA GLY C 32 -13.56 12.89 13.73
C GLY C 32 -12.70 11.64 13.71
N GLN C 33 -12.00 11.39 12.59
CA GLN C 33 -11.12 10.22 12.55
C GLN C 33 -10.03 10.31 13.61
N LEU C 34 -9.49 11.51 13.83
CA LEU C 34 -8.53 11.73 14.90
C LEU C 34 -9.19 11.60 16.27
N ALA C 35 -10.30 12.31 16.46
CA ALA C 35 -10.99 12.30 17.75
C ALA C 35 -11.38 10.89 18.16
N PHE C 36 -11.95 10.12 17.24
CA PHE C 36 -12.43 8.79 17.61
C PHE C 36 -11.30 7.89 18.06
N ALA C 37 -10.20 7.85 17.29
CA ALA C 37 -9.10 6.96 17.60
C ALA C 37 -8.51 7.25 18.98
N LEU C 38 -8.27 8.53 19.28
CA LEU C 38 -7.67 8.87 20.57
C LEU C 38 -8.65 8.68 21.71
N ALA C 39 -9.92 9.05 21.51
CA ALA C 39 -10.92 8.85 22.56
C ALA C 39 -11.09 7.37 22.87
N LYS C 40 -11.18 6.53 21.83
CA LYS C 40 -11.26 5.09 22.05
C LYS C 40 -10.02 4.58 22.77
N GLY C 41 -8.84 5.02 22.34
CA GLY C 41 -7.61 4.58 22.98
C GLY C 41 -7.53 5.02 24.43
N PHE C 42 -7.82 6.31 24.69
CA PHE C 42 -7.75 6.84 26.04
C PHE C 42 -8.72 6.12 26.96
N THR C 43 -9.95 5.89 26.50
CA THR C 43 -10.93 5.21 27.35
C THR C 43 -10.56 3.75 27.56
N ALA C 44 -10.06 3.08 26.52
CA ALA C 44 -9.61 1.70 26.68
C ALA C 44 -8.42 1.60 27.62
N ALA C 45 -7.56 2.60 27.63
CA ALA C 45 -6.42 2.62 28.54
C ALA C 45 -6.84 2.87 29.97
N GLY C 46 -8.05 3.39 30.21
CA GLY C 46 -8.46 3.69 31.55
C GLY C 46 -7.81 4.90 32.16
N VAL C 47 -7.13 5.72 31.37
CA VAL C 47 -6.47 6.91 31.93
C VAL C 47 -7.42 8.09 32.05
N LEU C 48 -8.56 8.05 31.37
CA LEU C 48 -9.60 9.06 31.53
C LEU C 48 -10.95 8.40 31.27
N ALA C 49 -11.95 8.81 32.04
CA ALA C 49 -13.32 8.37 31.81
C ALA C 49 -13.93 9.06 30.60
N ALA C 50 -14.77 8.31 29.88
CA ALA C 50 -15.35 8.82 28.64
C ALA C 50 -16.15 10.10 28.86
N HIS C 51 -16.82 10.23 30.00
CA HIS C 51 -17.63 11.42 30.23
C HIS C 51 -16.78 12.67 30.46
N LYS C 52 -15.47 12.53 30.65
CA LYS C 52 -14.57 13.67 30.71
C LYS C 52 -14.08 14.11 29.34
N ILE C 53 -14.59 13.50 28.27
CA ILE C 53 -14.21 13.83 26.90
C ILE C 53 -15.39 14.47 26.21
N MET C 54 -15.14 15.57 25.50
CA MET C 54 -16.14 16.21 24.67
C MET C 54 -15.55 16.41 23.28
N ALA C 55 -16.36 16.22 22.26
CA ALA C 55 -15.92 16.37 20.88
C ALA C 55 -16.93 17.18 20.09
N SER C 56 -16.42 18.01 19.19
CA SER C 56 -17.21 18.74 18.23
C SER C 56 -16.57 18.57 16.86
N SER C 57 -17.38 18.25 15.84
CA SER C 57 -16.83 17.92 14.54
C SER C 57 -17.84 18.26 13.46
N PRO C 58 -17.38 18.68 12.28
CA PRO C 58 -18.30 18.90 11.15
C PRO C 58 -18.32 17.76 10.15
N ASP C 59 -17.30 16.90 10.16
CA ASP C 59 -17.18 15.81 9.20
C ASP C 59 -17.37 14.44 9.84
N MET C 60 -17.75 14.40 11.12
CA MET C 60 -17.96 13.13 11.82
C MET C 60 -19.21 12.45 11.26
N ASP C 61 -19.06 11.20 10.84
CA ASP C 61 -20.17 10.49 10.22
C ASP C 61 -21.06 9.86 11.28
N LEU C 62 -22.23 9.39 10.83
CA LEU C 62 -23.23 8.85 11.75
C LEU C 62 -22.68 7.67 12.55
N ALA C 63 -21.86 6.82 11.91
CA ALA C 63 -21.31 5.67 12.61
C ALA C 63 -20.38 6.11 13.76
N THR C 64 -19.49 7.07 13.48
CA THR C 64 -18.61 7.55 14.54
C THR C 64 -19.35 8.46 15.51
N VAL C 65 -20.42 9.11 15.07
CA VAL C 65 -21.28 9.84 16.00
C VAL C 65 -21.92 8.87 16.98
N SER C 66 -22.51 7.80 16.46
CA SER C 66 -23.18 6.81 17.32
C SER C 66 -22.17 6.08 18.20
N ALA C 67 -20.97 5.82 17.69
CA ALA C 67 -19.98 5.06 18.46
C ALA C 67 -19.49 5.85 19.67
N LEU C 68 -19.27 7.16 19.51
CA LEU C 68 -18.84 7.98 20.63
C LEU C 68 -19.92 8.11 21.70
N ARG C 69 -21.19 8.28 21.27
CA ARG C 69 -22.27 8.33 22.24
C ARG C 69 -22.35 7.06 23.07
N LYS C 70 -22.21 5.90 22.42
CA LYS C 70 -22.31 4.64 23.16
C LYS C 70 -21.14 4.48 24.12
N MET C 71 -19.99 5.08 23.82
CA MET C 71 -18.86 5.07 24.74
C MET C 71 -19.07 5.94 25.97
N GLY C 72 -19.96 6.93 25.89
CA GLY C 72 -20.11 7.92 26.94
C GLY C 72 -19.41 9.22 26.68
N VAL C 73 -18.83 9.42 25.49
CA VAL C 73 -18.18 10.68 25.16
C VAL C 73 -19.25 11.75 24.91
N LYS C 74 -19.01 12.94 25.43
CA LYS C 74 -19.93 14.04 25.19
C LYS C 74 -19.72 14.61 23.79
N LEU C 75 -20.83 14.91 23.11
CA LEU C 75 -20.79 15.47 21.76
C LEU C 75 -21.55 16.79 21.73
N THR C 76 -21.05 17.73 20.94
CA THR C 76 -21.67 19.03 20.80
C THR C 76 -21.32 19.59 19.42
N PRO C 77 -22.21 20.37 18.81
CA PRO C 77 -21.85 21.04 17.55
C PRO C 77 -21.09 22.35 17.72
N HIS C 78 -20.92 22.84 18.95
CA HIS C 78 -20.37 24.17 19.21
C HIS C 78 -18.94 24.03 19.74
N ASN C 79 -17.98 24.51 18.96
CA ASN C 79 -16.58 24.43 19.39
C ASN C 79 -16.32 25.20 20.67
N LYS C 80 -17.06 26.30 20.90
CA LYS C 80 -16.86 27.05 22.13
C LYS C 80 -17.21 26.22 23.35
N GLU C 81 -18.26 25.39 23.24
CA GLU C 81 -18.60 24.52 24.36
C GLU C 81 -17.49 23.51 24.64
N THR C 82 -16.87 22.96 23.59
CA THR C 82 -15.74 22.06 23.79
C THR C 82 -14.61 22.77 24.53
N VAL C 83 -14.32 24.02 24.14
CA VAL C 83 -13.26 24.77 24.80
C VAL C 83 -13.61 25.00 26.27
N GLN C 84 -14.85 25.39 26.54
CA GLN C 84 -15.26 25.66 27.91
C GLN C 84 -15.23 24.41 28.78
N HIS C 85 -15.43 23.24 28.16
CA HIS C 85 -15.40 21.97 28.88
C HIS C 85 -13.99 21.50 29.17
N SER C 86 -13.02 21.88 28.33
CA SER C 86 -11.76 21.17 28.25
C SER C 86 -10.64 21.86 29.01
N ASP C 87 -9.69 21.05 29.47
CA ASP C 87 -8.39 21.52 29.92
C ASP C 87 -7.33 21.29 28.85
N VAL C 88 -7.24 20.07 28.34
CA VAL C 88 -6.40 19.76 27.20
C VAL C 88 -7.32 19.73 25.97
N LEU C 89 -6.98 20.54 24.97
CA LEU C 89 -7.82 20.72 23.79
C LEU C 89 -7.05 20.24 22.57
N PHE C 90 -7.49 19.12 21.98
CA PHE C 90 -6.89 18.61 20.75
C PHE C 90 -7.54 19.27 19.54
N LEU C 91 -6.71 19.76 18.62
CA LEU C 91 -7.18 20.31 17.36
C LEU C 91 -6.80 19.39 16.21
N ALA C 92 -7.78 19.11 15.36
CA ALA C 92 -7.58 18.34 14.11
C ALA C 92 -8.09 19.19 12.95
N VAL C 93 -7.40 20.32 12.70
CA VAL C 93 -7.89 21.35 11.80
C VAL C 93 -6.83 21.65 10.74
N LYS C 94 -7.20 21.51 9.47
CA LYS C 94 -6.27 21.72 8.37
C LYS C 94 -5.81 23.18 8.31
N PRO C 95 -4.67 23.45 7.66
CA PRO C 95 -4.14 24.83 7.64
C PRO C 95 -5.09 25.85 7.06
N HIS C 96 -5.93 25.49 6.09
CA HIS C 96 -6.87 26.45 5.52
C HIS C 96 -8.04 26.72 6.44
N ILE C 97 -8.30 25.85 7.42
CA ILE C 97 -9.36 26.07 8.39
C ILE C 97 -8.83 26.65 9.70
N ILE C 98 -7.52 26.52 9.98
CA ILE C 98 -6.94 27.03 11.21
C ILE C 98 -7.30 28.50 11.48
N PRO C 99 -7.17 29.42 10.51
CA PRO C 99 -7.58 30.80 10.80
C PRO C 99 -9.01 30.92 11.28
N PHE C 100 -9.92 30.09 10.77
CA PHE C 100 -11.31 30.17 11.18
C PHE C 100 -11.53 29.61 12.58
N ILE C 101 -10.90 28.47 12.90
CA ILE C 101 -11.10 27.85 14.20
C ILE C 101 -10.46 28.69 15.30
N LEU C 102 -9.23 29.13 15.09
CA LEU C 102 -8.55 29.90 16.13
C LEU C 102 -9.19 31.25 16.36
N ASP C 103 -9.76 31.88 15.32
CA ASP C 103 -10.49 33.11 15.57
C ASP C 103 -11.83 32.84 16.27
N GLU C 104 -12.43 31.66 16.04
CA GLU C 104 -13.70 31.36 16.69
C GLU C 104 -13.53 31.13 18.19
N ILE C 105 -12.49 30.41 18.59
CA ILE C 105 -12.32 30.01 19.98
C ILE C 105 -11.24 30.83 20.70
N GLY C 106 -10.55 31.71 19.99
CA GLY C 106 -9.39 32.37 20.59
C GLY C 106 -9.73 33.14 21.84
N ALA C 107 -10.86 33.85 21.84
CA ALA C 107 -11.26 34.61 23.01
C ALA C 107 -11.65 33.73 24.19
N ASP C 108 -11.91 32.44 23.93
CA ASP C 108 -12.32 31.49 24.96
C ASP C 108 -11.16 30.70 25.55
N ILE C 109 -9.96 30.84 24.99
CA ILE C 109 -8.80 30.17 25.56
C ILE C 109 -8.44 30.85 26.87
N GLU C 110 -8.24 30.04 27.92
CA GLU C 110 -7.91 30.51 29.25
C GLU C 110 -6.50 30.06 29.61
N ASP C 111 -6.01 30.57 30.74
CA ASP C 111 -4.68 30.20 31.20
C ASP C 111 -4.53 28.70 31.39
N ARG C 112 -5.62 28.01 31.78
CA ARG C 112 -5.52 26.58 32.04
C ARG C 112 -5.32 25.73 30.80
N HIS C 113 -5.62 26.25 29.62
CA HIS C 113 -5.69 25.42 28.42
C HIS C 113 -4.32 25.02 27.92
N ILE C 114 -4.18 23.75 27.53
CA ILE C 114 -3.10 23.28 26.67
C ILE C 114 -3.72 22.96 25.32
N VAL C 115 -3.23 23.61 24.27
CA VAL C 115 -3.76 23.42 22.92
C VAL C 115 -2.82 22.48 22.19
N VAL C 116 -3.35 21.33 21.76
CA VAL C 116 -2.54 20.28 21.13
C VAL C 116 -3.00 20.17 19.68
N SER C 117 -2.16 20.59 18.75
CA SER C 117 -2.52 20.57 17.34
C SER C 117 -2.00 19.30 16.68
N CYS C 118 -2.86 18.65 15.90
CA CYS C 118 -2.52 17.38 15.28
C CYS C 118 -2.43 17.41 13.76
N ALA C 119 -2.80 18.51 13.11
CA ALA C 119 -2.87 18.49 11.65
C ALA C 119 -1.51 18.78 11.02
N ALA C 120 -1.27 18.15 9.87
CA ALA C 120 -0.03 18.40 9.14
C ALA C 120 0.01 19.82 8.59
N GLY C 121 1.21 20.39 8.54
CA GLY C 121 1.42 21.69 7.94
C GLY C 121 1.04 22.87 8.81
N VAL C 122 0.62 22.62 10.05
CA VAL C 122 0.24 23.69 10.97
C VAL C 122 1.37 23.81 11.99
N THR C 123 2.11 24.92 11.93
CA THR C 123 3.26 25.08 12.78
C THR C 123 2.85 25.62 14.14
N ILE C 124 3.69 25.31 15.14
CA ILE C 124 3.51 25.90 16.47
C ILE C 124 3.49 27.43 16.35
N SER C 125 4.38 27.98 15.52
CA SER C 125 4.46 29.43 15.38
C SER C 125 3.16 30.02 14.88
N SER C 126 2.51 29.36 13.90
CA SER C 126 1.25 29.88 13.36
C SER C 126 0.17 29.90 14.42
N ILE C 127 0.07 28.82 15.20
CA ILE C 127 -0.95 28.74 16.24
C ILE C 127 -0.69 29.79 17.31
N GLU C 128 0.56 29.91 17.75
CA GLU C 128 0.90 30.89 18.79
C GLU C 128 0.61 32.31 18.31
N LYS C 129 0.94 32.63 17.06
CA LYS C 129 0.70 33.98 16.57
C LYS C 129 -0.78 34.31 16.55
N LYS C 130 -1.61 33.37 16.07
CA LYS C 130 -3.05 33.61 16.00
C LYS C 130 -3.67 33.69 17.39
N LEU C 131 -3.27 32.80 18.30
CA LEU C 131 -3.87 32.80 19.62
C LEU C 131 -3.37 33.97 20.47
N SER C 132 -2.14 34.44 20.22
CA SER C 132 -1.60 35.56 20.97
C SER C 132 -2.34 36.86 20.71
N ALA C 133 -3.15 36.93 19.66
CA ALA C 133 -4.00 38.09 19.47
C ALA C 133 -5.02 38.25 20.59
N PHE C 134 -5.29 37.18 21.34
CA PHE C 134 -6.30 37.15 22.40
C PHE C 134 -5.71 37.13 23.80
N ARG C 135 -4.71 36.29 24.04
CA ARG C 135 -4.03 36.14 25.33
C ARG C 135 -2.56 35.88 25.00
N PRO C 136 -1.63 36.45 25.76
CA PRO C 136 -0.24 36.55 25.27
C PRO C 136 0.58 35.27 25.28
N ALA C 137 0.31 34.31 26.16
CA ALA C 137 1.18 33.15 26.34
C ALA C 137 0.43 31.82 26.16
N PRO C 138 -0.10 31.55 24.97
CA PRO C 138 -0.83 30.29 24.78
C PRO C 138 0.11 29.10 24.90
N ARG C 139 -0.35 28.06 25.59
CA ARG C 139 0.41 26.84 25.78
C ARG C 139 0.08 25.89 24.63
N VAL C 140 1.02 25.69 23.72
CA VAL C 140 0.77 24.97 22.48
C VAL C 140 1.73 23.79 22.38
N ILE C 141 1.18 22.65 21.98
CA ILE C 141 1.97 21.45 21.69
C ILE C 141 1.52 20.97 20.31
N ARG C 142 2.48 20.50 19.52
CA ARG C 142 2.20 19.88 18.24
C ARG C 142 2.35 18.38 18.39
N CYS C 143 1.38 17.63 17.85
CA CYS C 143 1.30 16.18 17.99
C CYS C 143 1.29 15.55 16.60
N MET C 144 2.07 14.49 16.43
CA MET C 144 2.03 13.71 15.20
C MET C 144 1.76 12.29 15.69
N THR C 145 0.53 11.82 15.53
CA THR C 145 0.14 10.49 15.99
C THR C 145 -0.49 9.73 14.83
N ASN C 146 -0.96 8.51 15.07
CA ASN C 146 -1.51 7.73 13.98
C ASN C 146 -2.70 6.92 14.49
N THR C 147 -3.42 6.31 13.56
CA THR C 147 -4.70 5.68 13.90
CA THR C 147 -4.70 5.70 13.94
C THR C 147 -4.58 4.47 14.83
N PRO C 148 -3.44 3.71 14.83
CA PRO C 148 -3.39 2.56 15.77
C PRO C 148 -3.43 2.92 17.25
N VAL C 149 -3.49 4.21 17.62
CA VAL C 149 -3.83 4.51 19.02
C VAL C 149 -5.16 3.88 19.39
N VAL C 150 -6.02 3.58 18.40
CA VAL C 150 -7.32 3.00 18.69
C VAL C 150 -7.19 1.60 19.30
N VAL C 151 -6.08 0.91 19.04
CA VAL C 151 -5.79 -0.37 19.68
C VAL C 151 -4.60 -0.24 20.63
N ARG C 152 -4.32 1.00 21.07
CA ARG C 152 -3.25 1.30 22.03
C ARG C 152 -1.88 0.86 21.53
N GLU C 153 -1.67 0.90 20.21
CA GLU C 153 -0.35 0.63 19.64
C GLU C 153 0.03 1.74 18.67
N GLY C 154 -0.29 2.97 19.05
CA GLY C 154 0.08 4.11 18.24
C GLY C 154 1.56 4.41 18.29
N ALA C 155 1.95 5.30 17.39
CA ALA C 155 3.29 5.89 17.36
C ALA C 155 3.09 7.39 17.35
N THR C 156 3.54 8.06 18.40
CA THR C 156 3.28 9.48 18.58
C THR C 156 4.57 10.24 18.87
N VAL C 157 4.75 11.40 18.24
CA VAL C 157 5.78 12.31 18.71
C VAL C 157 5.10 13.65 18.97
N TYR C 158 5.74 14.45 19.81
CA TYR C 158 5.21 15.77 20.09
C TYR C 158 6.36 16.75 20.22
N ALA C 159 6.06 18.02 19.94
CA ALA C 159 6.98 19.12 20.14
C ALA C 159 6.29 20.17 20.98
N THR C 160 7.03 20.76 21.92
CA THR C 160 6.47 21.75 22.83
C THR C 160 6.70 23.16 22.31
N GLY C 161 5.69 24.01 22.47
CA GLY C 161 5.77 25.38 22.02
C GLY C 161 6.48 26.32 22.98
N THR C 162 6.47 27.61 22.61
CA THR C 162 7.26 28.62 23.31
C THR C 162 6.84 28.77 24.77
N HIS C 163 5.54 28.69 25.04
CA HIS C 163 5.00 28.97 26.36
C HIS C 163 4.53 27.71 27.06
N ALA C 164 4.76 26.54 26.47
CA ALA C 164 4.43 25.28 27.14
C ALA C 164 5.28 25.14 28.39
N GLN C 165 4.62 24.95 29.53
CA GLN C 165 5.35 24.68 30.76
C GLN C 165 5.98 23.29 30.70
N VAL C 166 7.06 23.11 31.45
CA VAL C 166 7.76 21.82 31.41
C VAL C 166 6.84 20.68 31.82
N GLU C 167 5.89 20.96 32.74
CA GLU C 167 4.94 19.92 33.11
C GLU C 167 3.93 19.63 32.00
N ASP C 168 3.73 20.56 31.06
CA ASP C 168 2.82 20.30 29.95
C ASP C 168 3.34 19.19 29.05
N GLY C 169 4.63 19.21 28.74
CA GLY C 169 5.22 18.14 27.94
C GLY C 169 5.17 16.80 28.65
N ARG C 170 5.44 16.82 29.96
CA ARG C 170 5.36 15.59 30.75
C ARG C 170 3.94 15.02 30.73
N LEU C 171 2.95 15.90 30.88
CA LEU C 171 1.55 15.48 30.83
C LEU C 171 1.21 14.89 29.47
N MET C 172 1.61 15.56 28.40
CA MET C 172 1.38 15.05 27.05
CA MET C 172 1.29 15.01 27.11
C MET C 172 2.00 13.67 26.86
N GLU C 173 3.22 13.49 27.37
CA GLU C 173 3.88 12.21 27.18
C GLU C 173 3.19 11.11 27.98
N GLN C 174 2.75 11.41 29.20
CA GLN C 174 2.02 10.41 29.99
C GLN C 174 0.73 10.00 29.32
N LEU C 175 -0.03 10.99 28.81
CA LEU C 175 -1.30 10.70 28.15
C LEU C 175 -1.09 9.90 26.88
N LEU C 176 -0.19 10.35 26.01
CA LEU C 176 -0.05 9.67 24.73
C LEU C 176 0.70 8.35 24.86
N SER C 177 1.51 8.16 25.91
CA SER C 177 2.12 6.84 26.09
C SER C 177 1.11 5.77 26.51
N SER C 178 -0.07 6.17 26.98
CA SER C 178 -1.07 5.18 27.35
C SER C 178 -1.68 4.50 26.13
N VAL C 179 -1.47 5.04 24.93
CA VAL C 179 -2.05 4.50 23.72
C VAL C 179 -1.00 4.11 22.68
N GLY C 180 0.27 4.03 23.07
CA GLY C 180 1.31 3.61 22.16
C GLY C 180 2.66 4.20 22.55
N PHE C 181 3.60 4.10 21.60
CA PHE C 181 4.90 4.73 21.77
C PHE C 181 4.75 6.23 21.70
N CYS C 182 5.46 6.96 22.56
CA CYS C 182 5.42 8.42 22.52
C CYS C 182 6.77 9.00 22.91
N THR C 183 7.28 9.97 22.15
CA THR C 183 8.52 10.62 22.53
C THR C 183 8.52 12.06 22.04
N GLU C 184 9.32 12.89 22.70
CA GLU C 184 9.45 14.29 22.32
C GLU C 184 10.44 14.42 21.18
N VAL C 185 10.16 15.32 20.24
CA VAL C 185 11.08 15.64 19.16
C VAL C 185 11.11 17.15 18.97
N GLU C 186 12.14 17.61 18.26
CA GLU C 186 12.13 18.96 17.73
C GLU C 186 11.04 19.07 16.67
N GLU C 187 10.43 20.26 16.59
CA GLU C 187 9.34 20.44 15.64
C GLU C 187 9.78 20.18 14.21
N ASP C 188 11.05 20.46 13.88
CA ASP C 188 11.44 20.30 12.48
C ASP C 188 11.64 18.84 12.07
N LEU C 189 11.38 17.88 12.95
CA LEU C 189 11.35 16.48 12.55
C LEU C 189 9.94 15.97 12.31
N ILE C 190 8.91 16.77 12.60
CA ILE C 190 7.55 16.23 12.56
C ILE C 190 7.15 15.90 11.12
N ASP C 191 7.62 16.68 10.14
CA ASP C 191 7.32 16.34 8.75
C ASP C 191 7.84 14.95 8.39
N ALA C 192 9.06 14.64 8.81
CA ALA C 192 9.61 13.32 8.50
C ALA C 192 8.86 12.22 9.25
N VAL C 193 8.50 12.45 10.52
CA VAL C 193 7.71 11.45 11.25
C VAL C 193 6.39 11.20 10.54
N THR C 194 5.77 12.26 10.02
CA THR C 194 4.51 12.09 9.30
C THR C 194 4.66 11.13 8.13
N GLY C 195 5.75 11.27 7.37
CA GLY C 195 5.96 10.38 6.23
C GLY C 195 6.21 8.94 6.62
N LEU C 196 6.73 8.73 7.84
CA LEU C 196 7.11 7.40 8.31
C LEU C 196 5.99 6.78 9.13
N SER C 197 5.76 7.22 10.36
CA SER C 197 4.74 6.56 11.18
C SER C 197 3.36 7.18 11.02
N GLY C 198 3.26 8.42 10.56
CA GLY C 198 1.94 8.98 10.34
C GLY C 198 1.22 8.29 9.19
N SER C 199 1.87 8.24 8.03
CA SER C 199 1.34 7.56 6.86
C SER C 199 1.61 6.07 6.89
N GLY C 200 2.50 5.60 7.75
CA GLY C 200 2.93 4.22 7.78
C GLY C 200 1.83 3.18 7.77
N PRO C 201 0.81 3.36 8.62
CA PRO C 201 -0.28 2.36 8.65
C PRO C 201 -0.96 2.18 7.28
N ALA C 202 -1.09 3.24 6.49
CA ALA C 202 -1.68 3.09 5.16
C ALA C 202 -0.77 2.26 4.25
N TYR C 203 0.55 2.42 4.39
CA TYR C 203 1.45 1.57 3.61
C TYR C 203 1.23 0.11 4.00
N ALA C 204 1.06 -0.14 5.30
CA ALA C 204 0.85 -1.51 5.76
C ALA C 204 -0.48 -2.06 5.29
N PHE C 205 -1.54 -1.25 5.31
CA PHE C 205 -2.84 -1.75 4.84
C PHE C 205 -2.76 -2.11 3.36
N THR C 206 -2.10 -1.28 2.56
CA THR C 206 -1.86 -1.60 1.15
C THR C 206 -1.08 -2.89 1.02
N ALA C 207 0.01 -3.02 1.79
CA ALA C 207 0.82 -4.23 1.72
C ALA C 207 0.02 -5.47 2.10
N LEU C 208 -0.83 -5.36 3.13
CA LEU C 208 -1.59 -6.53 3.58
C LEU C 208 -2.65 -6.94 2.57
N ASP C 209 -3.29 -5.97 1.92
CA ASP C 209 -4.22 -6.27 0.84
C ASP C 209 -3.52 -7.03 -0.29
N ALA C 210 -2.32 -6.58 -0.66
CA ALA C 210 -1.58 -7.22 -1.75
C ALA C 210 -1.06 -8.60 -1.33
N LEU C 211 -0.52 -8.72 -0.11
CA LEU C 211 -0.07 -10.02 0.37
C LEU C 211 -1.22 -11.01 0.40
N ALA C 212 -2.40 -10.56 0.81
CA ALA C 212 -3.57 -11.45 0.79
C ALA C 212 -3.94 -11.85 -0.64
N ASP C 213 -3.89 -10.89 -1.58
CA ASP C 213 -4.07 -11.24 -3.00
C ASP C 213 -3.06 -12.31 -3.43
N GLY C 214 -1.82 -12.21 -2.97
CA GLY C 214 -0.83 -13.22 -3.31
C GLY C 214 -1.19 -14.58 -2.74
N GLY C 215 -1.64 -14.60 -1.48
CA GLY C 215 -2.10 -15.85 -0.88
C GLY C 215 -3.27 -16.45 -1.65
N VAL C 216 -4.21 -15.59 -2.05
CA VAL C 216 -5.36 -16.06 -2.83
C VAL C 216 -4.90 -16.61 -4.18
N LYS C 217 -3.97 -15.93 -4.86
CA LYS C 217 -3.48 -16.45 -6.13
C LYS C 217 -2.91 -17.85 -5.96
N MET C 218 -2.24 -18.10 -4.85
CA MET C 218 -1.58 -19.38 -4.64
C MET C 218 -2.48 -20.41 -3.97
N GLY C 219 -3.75 -20.10 -3.76
CA GLY C 219 -4.75 -21.10 -3.38
C GLY C 219 -5.39 -20.94 -2.02
N LEU C 220 -5.03 -19.89 -1.22
CA LEU C 220 -5.63 -19.69 0.10
C LEU C 220 -6.96 -18.97 0.01
N PRO C 221 -7.90 -19.30 0.88
CA PRO C 221 -9.11 -18.48 1.02
C PRO C 221 -8.72 -17.09 1.48
N ARG C 222 -9.49 -16.10 0.98
CA ARG C 222 -9.16 -14.70 1.27
CA ARG C 222 -9.18 -14.70 1.26
C ARG C 222 -9.09 -14.41 2.76
N ARG C 223 -10.09 -14.87 3.52
CA ARG C 223 -10.11 -14.54 4.95
C ARG C 223 -8.89 -15.10 5.66
N LEU C 224 -8.49 -16.33 5.34
CA LEU C 224 -7.28 -16.90 5.92
C LEU C 224 -6.04 -16.14 5.49
N ALA C 225 -5.96 -15.77 4.20
CA ALA C 225 -4.81 -15.02 3.72
C ALA C 225 -4.66 -13.68 4.45
N VAL C 226 -5.76 -12.99 4.70
CA VAL C 226 -5.67 -11.72 5.42
C VAL C 226 -5.17 -11.94 6.85
N ARG C 227 -5.72 -12.94 7.52
CA ARG C 227 -5.31 -13.24 8.90
CA ARG C 227 -5.31 -13.24 8.90
C ARG C 227 -3.82 -13.59 8.97
N LEU C 228 -3.37 -14.48 8.08
CA LEU C 228 -1.97 -14.90 8.12
C LEU C 228 -1.02 -13.75 7.81
N GLY C 229 -1.33 -12.94 6.79
CA GLY C 229 -0.47 -11.84 6.43
C GLY C 229 -0.39 -10.80 7.54
N ALA C 230 -1.53 -10.49 8.15
CA ALA C 230 -1.51 -9.52 9.24
C ALA C 230 -0.75 -10.06 10.44
N GLN C 231 -0.93 -11.35 10.76
CA GLN C 231 -0.18 -11.91 11.87
C GLN C 231 1.32 -11.92 11.57
N ALA C 232 1.69 -12.20 10.31
CA ALA C 232 3.10 -12.19 9.93
C ALA C 232 3.71 -10.81 10.14
N LEU C 233 3.01 -9.77 9.73
CA LEU C 233 3.50 -8.40 9.89
C LEU C 233 3.58 -8.02 11.36
N LEU C 234 2.53 -8.34 12.12
CA LEU C 234 2.53 -8.03 13.56
C LEU C 234 3.70 -8.73 14.26
N GLY C 235 3.88 -10.03 13.99
CA GLY C 235 4.93 -10.75 14.68
C GLY C 235 6.32 -10.26 14.32
N ALA C 236 6.54 -9.94 13.03
CA ALA C 236 7.85 -9.45 12.61
C ALA C 236 8.15 -8.11 13.26
N ALA C 237 7.17 -7.21 13.28
CA ALA C 237 7.37 -5.92 13.93
C ALA C 237 7.67 -6.09 15.42
N LYS C 238 6.97 -7.01 16.10
CA LYS C 238 7.26 -7.22 17.50
C LYS C 238 8.67 -7.78 17.70
N MET C 239 9.10 -8.70 16.83
CA MET C 239 10.47 -9.22 16.93
C MET C 239 11.49 -8.11 16.88
N LEU C 240 11.34 -7.19 15.91
CA LEU C 240 12.31 -6.11 15.77
C LEU C 240 12.28 -5.18 16.97
N LEU C 241 11.09 -4.88 17.49
CA LEU C 241 11.01 -4.00 18.66
C LEU C 241 11.63 -4.62 19.88
N HIS C 242 11.60 -5.95 20.01
CA HIS C 242 12.16 -6.62 21.17
C HIS C 242 13.57 -7.15 20.92
N SER C 243 14.13 -6.90 19.74
CA SER C 243 15.47 -7.38 19.40
C SER C 243 16.46 -6.22 19.47
N GLU C 244 17.69 -6.56 19.83
CA GLU C 244 18.82 -5.64 19.70
C GLU C 244 19.48 -5.74 18.33
N GLN C 245 18.91 -6.53 17.43
CA GLN C 245 19.56 -6.83 16.18
C GLN C 245 19.06 -5.92 15.05
N HIS C 246 19.92 -5.74 14.06
CA HIS C 246 19.57 -5.02 12.86
C HIS C 246 18.48 -5.78 12.11
N PRO C 247 17.55 -5.07 11.45
CA PRO C 247 16.53 -5.78 10.65
C PRO C 247 17.13 -6.66 9.57
N GLY C 248 18.30 -6.32 9.04
CA GLY C 248 18.94 -7.22 8.09
C GLY C 248 19.39 -8.53 8.73
N GLN C 249 19.82 -8.49 9.99
CA GLN C 249 20.17 -9.74 10.66
C GLN C 249 18.94 -10.61 10.88
N LEU C 250 17.82 -10.01 11.28
CA LEU C 250 16.61 -10.79 11.44
C LEU C 250 16.16 -11.37 10.11
N LYS C 251 16.30 -10.60 9.03
CA LYS C 251 16.00 -11.13 7.70
C LYS C 251 16.90 -12.31 7.35
N ASP C 252 18.20 -12.18 7.63
CA ASP C 252 19.12 -13.30 7.38
C ASP C 252 18.67 -14.56 8.11
N ASN C 253 18.14 -14.41 9.33
CA ASN C 253 17.73 -15.56 10.15
C ASN C 253 16.54 -16.33 9.56
N VAL C 254 15.73 -15.68 8.72
CA VAL C 254 14.54 -16.33 8.18
C VAL C 254 14.86 -17.26 7.02
N SER C 255 15.91 -16.96 6.27
CA SER C 255 16.13 -17.56 4.95
C SER C 255 17.17 -18.68 5.02
N SER C 256 16.76 -19.88 4.69
CA SER C 256 17.76 -20.93 4.53
C SER C 256 18.41 -20.83 3.15
N PRO C 257 19.65 -21.29 3.01
CA PRO C 257 20.29 -21.24 1.68
C PRO C 257 19.48 -22.02 0.65
N GLY C 258 19.29 -21.40 -0.52
CA GLY C 258 18.54 -21.99 -1.61
C GLY C 258 17.04 -22.09 -1.37
N GLY C 259 16.53 -21.52 -0.27
CA GLY C 259 15.19 -21.80 0.19
C GLY C 259 14.14 -20.86 -0.38
N ALA C 260 12.91 -21.04 0.11
CA ALA C 260 11.76 -20.31 -0.42
C ALA C 260 11.88 -18.82 -0.16
N THR C 261 12.29 -18.45 1.06
CA THR C 261 12.28 -17.03 1.43
C THR C 261 13.28 -16.23 0.60
N ILE C 262 14.51 -16.76 0.41
CA ILE C 262 15.49 -15.97 -0.32
C ILE C 262 15.08 -15.83 -1.78
N HIS C 263 14.38 -16.82 -2.33
CA HIS C 263 13.85 -16.67 -3.69
C HIS C 263 12.83 -15.53 -3.76
N ALA C 264 11.96 -15.42 -2.74
CA ALA C 264 10.99 -14.31 -2.73
C ALA C 264 11.67 -12.98 -2.50
N LEU C 265 12.69 -12.94 -1.64
CA LEU C 265 13.38 -11.66 -1.43
C LEU C 265 14.02 -11.17 -2.72
N HIS C 266 14.54 -12.09 -3.54
CA HIS C 266 15.12 -11.66 -4.81
C HIS C 266 14.08 -10.94 -5.67
N VAL C 267 12.87 -11.48 -5.76
CA VAL C 267 11.90 -10.82 -6.63
C VAL C 267 11.46 -9.48 -6.06
N LEU C 268 11.41 -9.33 -4.72
CA LEU C 268 11.19 -7.99 -4.16
C LEU C 268 12.31 -7.05 -4.58
N GLU C 269 13.56 -7.48 -4.46
CA GLU C 269 14.68 -6.63 -4.82
C GLU C 269 14.66 -6.26 -6.31
N SER C 270 14.28 -7.20 -7.18
CA SER C 270 14.28 -6.91 -8.60
C SER C 270 13.27 -5.83 -8.98
N GLY C 271 12.24 -5.64 -8.18
CA GLY C 271 11.26 -4.59 -8.39
C GLY C 271 11.58 -3.30 -7.67
N GLY C 272 12.73 -3.22 -6.99
CA GLY C 272 13.03 -1.98 -6.28
C GLY C 272 12.16 -1.74 -5.07
N PHE C 273 11.71 -2.81 -4.41
CA PHE C 273 10.82 -2.72 -3.25
C PHE C 273 11.31 -1.71 -2.21
N ARG C 274 12.58 -1.78 -1.84
CA ARG C 274 13.11 -0.87 -0.83
C ARG C 274 12.93 0.58 -1.27
N SER C 275 13.23 0.85 -2.55
CA SER C 275 13.18 2.22 -3.04
C SER C 275 11.76 2.77 -3.04
N LEU C 276 10.76 1.91 -3.26
CA LEU C 276 9.38 2.37 -3.25
C LEU C 276 9.00 2.87 -1.87
N LEU C 277 9.44 2.17 -0.82
CA LEU C 277 9.12 2.60 0.54
C LEU C 277 9.85 3.89 0.90
N ILE C 278 11.11 4.02 0.46
CA ILE C 278 11.80 5.30 0.64
C ILE C 278 11.06 6.41 -0.10
N ASN C 279 10.64 6.14 -1.33
CA ASN C 279 9.88 7.13 -2.11
C ASN C 279 8.64 7.58 -1.34
N ALA C 280 7.96 6.65 -0.70
CA ALA C 280 6.71 6.94 0.00
C ALA C 280 6.97 7.86 1.18
N VAL C 281 7.94 7.50 2.03
CA VAL C 281 8.25 8.36 3.18
C VAL C 281 8.59 9.77 2.72
N GLU C 282 9.42 9.87 1.67
CA GLU C 282 9.81 11.16 1.13
C GLU C 282 8.60 11.95 0.61
N ALA C 283 7.73 11.26 -0.14
CA ALA C 283 6.59 11.93 -0.75
C ALA C 283 5.63 12.45 0.32
N SER C 284 5.37 11.65 1.34
CA SER C 284 4.49 12.12 2.41
C SER C 284 5.12 13.28 3.16
N CYS C 285 6.40 13.16 3.48
CA CYS C 285 7.09 14.25 4.17
C CYS C 285 7.06 15.54 3.36
N ILE C 286 7.38 15.46 2.07
CA ILE C 286 7.41 16.67 1.24
C ILE C 286 6.02 17.26 1.12
N ARG C 287 5.00 16.41 0.97
CA ARG C 287 3.63 16.95 0.90
C ARG C 287 3.26 17.69 2.17
N THR C 288 3.68 17.20 3.34
CA THR C 288 3.35 17.94 4.55
C THR C 288 4.01 19.31 4.54
N ARG C 289 5.21 19.42 3.97
CA ARG C 289 5.85 20.73 3.86
C ARG C 289 5.10 21.65 2.92
N GLU C 290 4.56 21.08 1.84
CA GLU C 290 3.75 21.87 0.90
C GLU C 290 2.47 22.35 1.57
N LEU C 291 1.86 21.51 2.41
CA LEU C 291 0.66 21.92 3.12
C LEU C 291 0.97 23.09 4.04
N GLN C 292 2.19 23.16 4.56
CA GLN C 292 2.59 24.28 5.39
C GLN C 292 2.79 25.54 4.55
N SER C 293 3.38 25.40 3.36
CA SER C 293 3.63 26.55 2.49
C SER C 293 2.34 27.20 2.01
N MET C 294 1.24 26.46 1.99
CA MET C 294 -0.06 26.99 1.60
C MET C 294 -0.82 27.68 2.73
N ALA C 295 -0.33 27.63 3.97
CA ALA C 295 -1.06 28.29 5.05
C ALA C 295 -0.79 29.79 5.14
N ASP C 296 0.35 30.27 4.65
CA ASP C 296 0.73 31.68 4.76
C ASP C 296 1.49 32.13 3.51
N MET D 24 4.49 -34.01 29.36
CA MET D 24 4.75 -34.09 27.92
C MET D 24 6.15 -33.62 27.56
N SER D 25 6.93 -34.50 26.95
CA SER D 25 8.27 -34.19 26.49
C SER D 25 8.26 -33.86 25.00
N VAL D 26 9.09 -32.91 24.61
CA VAL D 26 9.18 -32.45 23.23
C VAL D 26 10.63 -32.58 22.78
N GLY D 27 10.83 -33.04 21.55
CA GLY D 27 12.15 -33.16 20.97
C GLY D 27 12.25 -32.43 19.65
N PHE D 28 13.46 -31.98 19.33
CA PHE D 28 13.75 -31.32 18.06
C PHE D 28 14.90 -32.01 17.36
N ILE D 29 14.70 -32.37 16.10
CA ILE D 29 15.77 -32.87 15.24
C ILE D 29 15.89 -31.95 14.02
N GLY D 30 17.11 -31.56 13.68
CA GLY D 30 17.31 -30.81 12.45
C GLY D 30 17.77 -29.38 12.65
N ALA D 31 17.21 -28.46 11.87
CA ALA D 31 17.70 -27.08 11.87
C ALA D 31 17.54 -26.43 13.25
N GLY D 32 18.64 -25.89 13.77
CA GLY D 32 18.61 -25.28 15.09
C GLY D 32 17.77 -24.02 15.16
N GLN D 33 17.61 -23.33 14.02
CA GLN D 33 16.77 -22.14 13.99
C GLN D 33 15.32 -22.47 14.34
N LEU D 34 14.83 -23.62 13.89
CA LEU D 34 13.49 -24.05 14.26
C LEU D 34 13.42 -24.40 15.75
N ALA D 35 14.39 -25.20 16.21
CA ALA D 35 14.41 -25.59 17.62
C ALA D 35 14.44 -24.37 18.53
N PHE D 36 15.29 -23.39 18.23
CA PHE D 36 15.41 -22.26 19.12
C PHE D 36 14.10 -21.45 19.16
N ALA D 37 13.51 -21.18 18.00
CA ALA D 37 12.32 -20.34 17.94
C ALA D 37 11.19 -20.94 18.78
N LEU D 38 10.89 -22.21 18.56
CA LEU D 38 9.76 -22.83 19.26
C LEU D 38 10.08 -23.07 20.73
N ALA D 39 11.30 -23.50 21.04
CA ALA D 39 11.66 -23.72 22.44
C ALA D 39 11.57 -22.42 23.22
N LYS D 40 12.06 -21.32 22.65
CA LYS D 40 11.96 -20.02 23.30
C LYS D 40 10.50 -19.64 23.52
N GLY D 41 9.68 -19.81 22.48
CA GLY D 41 8.26 -19.47 22.60
C GLY D 41 7.54 -20.35 23.60
N PHE D 42 7.76 -21.67 23.52
CA PHE D 42 7.07 -22.60 24.42
C PHE D 42 7.41 -22.31 25.87
N THR D 43 8.70 -22.10 26.17
CA THR D 43 9.09 -21.85 27.55
C THR D 43 8.60 -20.48 28.03
N ALA D 44 8.62 -19.47 27.15
CA ALA D 44 8.09 -18.17 27.53
C ALA D 44 6.59 -18.23 27.79
N ALA D 45 5.87 -19.08 27.04
CA ALA D 45 4.44 -19.28 27.26
C ALA D 45 4.15 -20.05 28.53
N GLY D 46 5.14 -20.73 29.10
CA GLY D 46 4.92 -21.54 30.28
C GLY D 46 4.19 -22.84 30.02
N VAL D 47 4.05 -23.26 28.77
CA VAL D 47 3.37 -24.52 28.48
C VAL D 47 4.31 -25.71 28.55
N LEU D 48 5.62 -25.48 28.60
CA LEU D 48 6.60 -26.55 28.73
C LEU D 48 7.75 -26.05 29.57
N ALA D 49 8.22 -26.90 30.48
CA ALA D 49 9.46 -26.63 31.20
C ALA D 49 10.63 -26.95 30.30
N ALA D 50 11.69 -26.15 30.40
CA ALA D 50 12.82 -26.30 29.48
C ALA D 50 13.45 -27.69 29.56
N HIS D 51 13.47 -28.31 30.75
CA HIS D 51 14.10 -29.63 30.86
C HIS D 51 13.27 -30.73 30.21
N LYS D 52 12.03 -30.45 29.82
CA LYS D 52 11.22 -31.39 29.05
C LYS D 52 11.48 -31.29 27.56
N ILE D 53 12.42 -30.45 27.14
CA ILE D 53 12.76 -30.24 25.74
C ILE D 53 14.17 -30.77 25.50
N MET D 54 14.33 -31.55 24.44
CA MET D 54 15.63 -32.02 24.03
C MET D 54 15.81 -31.71 22.55
N ALA D 55 17.01 -31.28 22.17
CA ALA D 55 17.29 -30.94 20.79
C ALA D 55 18.60 -31.56 20.35
N SER D 56 18.63 -32.01 19.10
CA SER D 56 19.83 -32.50 18.44
C SER D 56 19.92 -31.82 17.08
N SER D 57 21.11 -31.37 16.71
CA SER D 57 21.24 -30.61 15.47
C SER D 57 22.64 -30.78 14.91
N PRO D 58 22.78 -30.76 13.57
CA PRO D 58 24.12 -30.78 12.96
C PRO D 58 24.58 -29.40 12.51
N ASP D 59 23.65 -28.47 12.35
CA ASP D 59 23.95 -27.12 11.86
C ASP D 59 23.77 -26.06 12.93
N MET D 60 23.51 -26.47 14.18
CA MET D 60 23.30 -25.51 15.25
C MET D 60 24.61 -24.80 15.58
N ASP D 61 24.59 -23.48 15.54
CA ASP D 61 25.79 -22.69 15.77
C ASP D 61 26.00 -22.43 17.26
N LEU D 62 27.17 -21.91 17.60
CA LEU D 62 27.53 -21.70 19.00
C LEU D 62 26.54 -20.77 19.69
N ALA D 63 26.03 -19.78 18.97
CA ALA D 63 25.07 -18.84 19.57
C ALA D 63 23.78 -19.53 19.98
N THR D 64 23.22 -20.36 19.09
CA THR D 64 21.98 -21.05 19.42
C THR D 64 22.22 -22.23 20.36
N VAL D 65 23.42 -22.83 20.32
CA VAL D 65 23.76 -23.85 21.30
C VAL D 65 23.82 -23.25 22.68
N SER D 66 24.54 -22.13 22.82
CA SER D 66 24.69 -21.48 24.12
C SER D 66 23.35 -20.97 24.64
N ALA D 67 22.51 -20.46 23.73
CA ALA D 67 21.21 -19.92 24.15
C ALA D 67 20.30 -21.01 24.66
N LEU D 68 20.28 -22.17 23.97
CA LEU D 68 19.43 -23.27 24.41
C LEU D 68 19.92 -23.85 25.74
N ARG D 69 21.24 -23.97 25.93
CA ARG D 69 21.76 -24.45 27.20
C ARG D 69 21.34 -23.54 28.34
N LYS D 70 21.47 -22.22 28.14
CA LYS D 70 21.13 -21.27 29.20
C LYS D 70 19.64 -21.28 29.52
N MET D 71 18.81 -21.66 28.56
CA MET D 71 17.38 -21.81 28.81
C MET D 71 17.09 -23.02 29.66
N GLY D 72 17.99 -23.99 29.71
CA GLY D 72 17.73 -25.26 30.37
C GLY D 72 17.33 -26.38 29.45
N VAL D 73 17.38 -26.17 28.13
CA VAL D 73 17.04 -27.22 27.17
C VAL D 73 18.15 -28.26 27.11
N LYS D 74 17.77 -29.53 27.06
CA LYS D 74 18.75 -30.61 26.93
C LYS D 74 19.23 -30.69 25.50
N LEU D 75 20.54 -30.89 25.33
CA LEU D 75 21.14 -30.98 24.01
C LEU D 75 21.90 -32.29 23.90
N THR D 76 21.88 -32.88 22.71
CA THR D 76 22.59 -34.13 22.46
C THR D 76 22.98 -34.19 21.00
N PRO D 77 24.11 -34.83 20.68
CA PRO D 77 24.47 -35.04 19.27
C PRO D 77 23.79 -36.24 18.64
N HIS D 78 23.03 -37.03 19.40
CA HIS D 78 22.45 -38.28 18.95
C HIS D 78 20.95 -38.13 18.74
N ASN D 79 20.52 -38.24 17.48
CA ASN D 79 19.09 -38.12 17.17
C ASN D 79 18.28 -39.22 17.86
N LYS D 80 18.86 -40.41 18.04
CA LYS D 80 18.15 -41.49 18.70
C LYS D 80 17.79 -41.12 20.14
N GLU D 81 18.70 -40.42 20.82
CA GLU D 81 18.43 -39.98 22.19
C GLU D 81 17.27 -38.99 22.24
N THR D 82 17.20 -38.08 21.28
CA THR D 82 16.07 -37.15 21.18
C THR D 82 14.76 -37.90 20.99
N VAL D 83 14.76 -38.92 20.13
CA VAL D 83 13.55 -39.70 19.91
C VAL D 83 13.14 -40.41 21.19
N GLN D 84 14.10 -41.02 21.89
CA GLN D 84 13.76 -41.75 23.12
C GLN D 84 13.26 -40.83 24.21
N HIS D 85 13.68 -39.57 24.19
CA HIS D 85 13.24 -38.61 25.19
C HIS D 85 11.83 -38.09 24.92
N SER D 86 11.40 -38.09 23.66
CA SER D 86 10.30 -37.26 23.22
C SER D 86 8.98 -38.02 23.13
N ASP D 87 7.90 -37.27 23.32
CA ASP D 87 6.55 -37.69 22.96
C ASP D 87 6.12 -37.03 21.66
N VAL D 88 6.26 -35.70 21.59
CA VAL D 88 6.09 -34.94 20.36
C VAL D 88 7.48 -34.65 19.79
N LEU D 89 7.71 -35.07 18.56
CA LEU D 89 9.01 -34.97 17.91
C LEU D 89 8.90 -34.04 16.71
N PHE D 90 9.53 -32.86 16.80
CA PHE D 90 9.57 -31.93 15.69
C PHE D 90 10.76 -32.26 14.79
N LEU D 91 10.51 -32.30 13.48
CA LEU D 91 11.55 -32.49 12.49
C LEU D 91 11.73 -31.21 11.68
N ALA D 92 12.98 -30.79 11.52
CA ALA D 92 13.33 -29.68 10.65
C ALA D 92 14.41 -30.16 9.69
N VAL D 93 14.05 -31.09 8.80
CA VAL D 93 15.00 -31.84 7.98
C VAL D 93 14.61 -31.69 6.51
N LYS D 94 15.56 -31.20 5.71
CA LYS D 94 15.31 -30.94 4.30
C LYS D 94 15.02 -32.24 3.53
N PRO D 95 14.33 -32.15 2.40
CA PRO D 95 13.95 -33.39 1.67
C PRO D 95 15.10 -34.29 1.27
N HIS D 96 16.27 -33.75 0.95
CA HIS D 96 17.40 -34.60 0.56
C HIS D 96 18.04 -35.31 1.75
N ILE D 97 17.76 -34.86 2.97
CA ILE D 97 18.27 -35.51 4.17
C ILE D 97 17.22 -36.42 4.84
N ILE D 98 15.93 -36.24 4.51
CA ILE D 98 14.87 -37.03 5.12
C ILE D 98 15.11 -38.55 5.01
N PRO D 99 15.48 -39.11 3.85
CA PRO D 99 15.71 -40.57 3.80
C PRO D 99 16.72 -41.07 4.82
N PHE D 100 17.79 -40.30 5.06
CA PHE D 100 18.83 -40.75 5.99
C PHE D 100 18.36 -40.64 7.44
N ILE D 101 17.69 -39.54 7.79
CA ILE D 101 17.24 -39.33 9.17
C ILE D 101 16.15 -40.33 9.54
N LEU D 102 15.18 -40.53 8.65
CA LEU D 102 14.09 -41.44 8.97
C LEU D 102 14.58 -42.89 9.01
N ASP D 103 15.58 -43.23 8.21
CA ASP D 103 16.19 -44.54 8.34
C ASP D 103 16.98 -44.67 9.63
N GLU D 104 17.55 -43.56 10.11
CA GLU D 104 18.33 -43.60 11.34
C GLU D 104 17.44 -43.81 12.56
N ILE D 105 16.32 -43.11 12.62
CA ILE D 105 15.46 -43.10 13.81
C ILE D 105 14.20 -43.93 13.64
N GLY D 106 13.96 -44.50 12.45
CA GLY D 106 12.69 -45.16 12.21
C GLY D 106 12.38 -46.26 13.20
N ALA D 107 13.37 -47.08 13.53
CA ALA D 107 13.16 -48.19 14.46
C ALA D 107 12.91 -47.73 15.88
N ASP D 108 13.20 -46.47 16.20
CA ASP D 108 12.99 -45.92 17.53
C ASP D 108 11.65 -45.23 17.70
N ILE D 109 10.89 -45.07 16.62
CA ILE D 109 9.56 -44.49 16.70
C ILE D 109 8.63 -45.49 17.39
N GLU D 110 7.88 -45.00 18.38
CA GLU D 110 6.97 -45.81 19.17
C GLU D 110 5.54 -45.35 18.94
N ASP D 111 4.60 -46.14 19.48
CA ASP D 111 3.18 -45.81 19.34
C ASP D 111 2.86 -44.43 19.91
N ARG D 112 3.58 -44.02 20.96
CA ARG D 112 3.29 -42.76 21.62
C ARG D 112 3.68 -41.54 20.79
N HIS D 113 4.56 -41.69 19.79
CA HIS D 113 5.13 -40.52 19.13
C HIS D 113 4.14 -39.84 18.21
N ILE D 114 4.14 -38.51 18.24
CA ILE D 114 3.60 -37.69 17.18
C ILE D 114 4.78 -37.03 16.49
N VAL D 115 4.92 -37.26 15.20
CA VAL D 115 6.03 -36.72 14.42
C VAL D 115 5.52 -35.50 13.67
N VAL D 116 6.14 -34.35 13.94
CA VAL D 116 5.70 -33.07 13.39
C VAL D 116 6.80 -32.56 12.48
N SER D 117 6.56 -32.56 11.17
CA SER D 117 7.58 -32.14 10.20
C SER D 117 7.37 -30.68 9.81
N CYS D 118 8.47 -29.91 9.80
CA CYS D 118 8.41 -28.48 9.57
C CYS D 118 9.10 -27.99 8.31
N ALA D 119 9.85 -28.84 7.60
CA ALA D 119 10.62 -28.35 6.47
C ALA D 119 9.76 -28.29 5.21
N ALA D 120 10.05 -27.32 4.36
CA ALA D 120 9.35 -27.18 3.09
C ALA D 120 9.67 -28.35 2.18
N GLY D 121 8.66 -28.77 1.41
CA GLY D 121 8.84 -29.81 0.41
C GLY D 121 8.83 -31.22 0.94
N VAL D 122 8.58 -31.43 2.23
CA VAL D 122 8.50 -32.76 2.82
C VAL D 122 7.03 -33.08 3.06
N THR D 123 6.49 -34.02 2.29
CA THR D 123 5.06 -34.29 2.35
C THR D 123 4.74 -35.27 3.47
N ILE D 124 3.49 -35.21 3.95
CA ILE D 124 3.02 -36.22 4.89
C ILE D 124 3.21 -37.61 4.32
N SER D 125 2.88 -37.78 3.03
CA SER D 125 2.98 -39.10 2.40
C SER D 125 4.40 -39.65 2.44
N SER D 126 5.39 -38.80 2.14
CA SER D 126 6.78 -39.24 2.16
C SER D 126 7.19 -39.71 3.54
N ILE D 127 6.81 -38.97 4.57
CA ILE D 127 7.18 -39.35 5.94
C ILE D 127 6.48 -40.64 6.33
N GLU D 128 5.18 -40.74 6.06
CA GLU D 128 4.43 -41.94 6.42
C GLU D 128 4.98 -43.17 5.72
N LYS D 129 5.30 -43.05 4.43
CA LYS D 129 5.81 -44.20 3.70
C LYS D 129 7.13 -44.68 4.26
N LYS D 130 8.03 -43.73 4.59
CA LYS D 130 9.34 -44.09 5.12
C LYS D 130 9.23 -44.69 6.52
N LEU D 131 8.39 -44.11 7.38
CA LEU D 131 8.27 -44.62 8.74
C LEU D 131 7.47 -45.92 8.80
N SER D 132 6.54 -46.11 7.87
CA SER D 132 5.76 -47.35 7.86
C SER D 132 6.61 -48.57 7.56
N ALA D 133 7.82 -48.38 7.04
CA ALA D 133 8.73 -49.50 6.89
C ALA D 133 9.12 -50.10 8.23
N PHE D 134 8.95 -49.36 9.31
CA PHE D 134 9.32 -49.81 10.65
C PHE D 134 8.11 -50.15 11.51
N ARG D 135 7.10 -49.27 11.54
CA ARG D 135 5.88 -49.45 12.33
C ARG D 135 4.73 -48.93 11.49
N PRO D 136 3.58 -49.63 11.49
CA PRO D 136 2.61 -49.44 10.39
C PRO D 136 1.79 -48.16 10.41
N ALA D 137 1.53 -47.55 11.57
CA ALA D 137 0.60 -46.43 11.66
C ALA D 137 1.24 -45.21 12.33
N PRO D 138 2.26 -44.64 11.70
CA PRO D 138 2.92 -43.48 12.31
C PRO D 138 1.99 -42.26 12.32
N ARG D 139 1.98 -41.55 13.45
CA ARG D 139 1.17 -40.36 13.63
C ARG D 139 1.99 -39.16 13.18
N VAL D 140 1.61 -38.58 12.04
CA VAL D 140 2.40 -37.54 11.39
C VAL D 140 1.56 -36.29 11.23
N ILE D 141 2.16 -35.15 11.54
CA ILE D 141 1.56 -33.84 11.33
C ILE D 141 2.57 -32.97 10.61
N ARG D 142 2.10 -32.16 9.68
CA ARG D 142 2.95 -31.19 9.02
C ARG D 142 2.65 -29.81 9.59
N CYS D 143 3.69 -29.05 9.89
CA CYS D 143 3.61 -27.75 10.54
C CYS D 143 4.28 -26.71 9.65
N MET D 144 3.61 -25.57 9.46
CA MET D 144 4.18 -24.43 8.75
C MET D 144 4.09 -23.29 9.75
N THR D 145 5.22 -22.93 10.38
CA THR D 145 5.26 -21.88 11.39
C THR D 145 6.31 -20.86 10.97
N ASN D 146 6.50 -19.82 11.79
CA ASN D 146 7.42 -18.77 11.40
C ASN D 146 8.16 -18.26 12.63
N THR D 147 9.16 -17.39 12.39
CA THR D 147 10.08 -17.04 13.48
C THR D 147 9.44 -16.24 14.61
N PRO D 148 8.38 -15.44 14.37
CA PRO D 148 7.82 -14.67 15.50
C PRO D 148 7.18 -15.51 16.60
N VAL D 149 7.17 -16.85 16.49
CA VAL D 149 6.84 -17.63 17.67
C VAL D 149 7.76 -17.30 18.83
N VAL D 150 8.95 -16.77 18.53
CA VAL D 150 9.91 -16.42 19.58
C VAL D 150 9.40 -15.30 20.48
N VAL D 151 8.49 -14.46 19.98
CA VAL D 151 7.81 -13.46 20.81
C VAL D 151 6.32 -13.80 20.96
N ARG D 152 5.98 -15.08 20.76
CA ARG D 152 4.61 -15.58 20.95
C ARG D 152 3.61 -14.87 20.04
N GLU D 153 4.05 -14.45 18.86
CA GLU D 153 3.15 -13.88 17.86
C GLU D 153 3.38 -14.56 16.52
N GLY D 154 3.59 -15.88 16.55
CA GLY D 154 3.76 -16.63 15.33
C GLY D 154 2.46 -16.77 14.56
N ALA D 155 2.60 -17.26 13.34
CA ALA D 155 1.48 -17.66 12.50
C ALA D 155 1.76 -19.09 12.07
N THR D 156 0.90 -20.01 12.51
CA THR D 156 1.16 -21.43 12.29
C THR D 156 -0.08 -22.09 11.68
N VAL D 157 0.14 -22.96 10.69
CA VAL D 157 -0.91 -23.87 10.28
C VAL D 157 -0.36 -25.29 10.39
N TYR D 158 -1.28 -26.23 10.48
CA TYR D 158 -0.88 -27.62 10.51
C TYR D 158 -1.88 -28.44 9.72
N ALA D 159 -1.39 -29.57 9.19
CA ALA D 159 -2.22 -30.55 8.51
C ALA D 159 -1.97 -31.92 9.15
N THR D 160 -3.03 -32.67 9.35
CA THR D 160 -2.95 -33.98 10.02
C THR D 160 -2.81 -35.11 9.02
N GLY D 161 -1.97 -36.08 9.36
CA GLY D 161 -1.72 -37.23 8.50
C GLY D 161 -2.78 -38.33 8.62
N THR D 162 -2.49 -39.44 7.93
CA THR D 162 -3.47 -40.52 7.80
C THR D 162 -3.83 -41.13 9.14
N HIS D 163 -2.86 -41.27 10.02
CA HIS D 163 -3.04 -42.00 11.28
C HIS D 163 -3.04 -41.08 12.48
N ALA D 164 -3.01 -39.76 12.25
CA ALA D 164 -3.13 -38.82 13.36
C ALA D 164 -4.52 -38.93 13.95
N GLN D 165 -4.57 -39.20 15.24
CA GLN D 165 -5.84 -39.23 15.96
C GLN D 165 -6.41 -37.81 16.05
N VAL D 166 -7.74 -37.73 16.18
CA VAL D 166 -8.37 -36.41 16.23
C VAL D 166 -7.85 -35.62 17.42
N GLU D 167 -7.52 -36.30 18.51
CA GLU D 167 -6.92 -35.62 19.65
C GLU D 167 -5.50 -35.16 19.36
N ASP D 168 -4.81 -35.77 18.39
CA ASP D 168 -3.48 -35.29 18.02
C ASP D 168 -3.53 -33.89 17.42
N GLY D 169 -4.50 -33.63 16.54
CA GLY D 169 -4.63 -32.29 15.99
C GLY D 169 -5.00 -31.27 17.04
N ARG D 170 -5.90 -31.65 17.96
CA ARG D 170 -6.27 -30.73 19.04
C ARG D 170 -5.09 -30.43 19.94
N LEU D 171 -4.28 -31.44 20.26
CA LEU D 171 -3.08 -31.22 21.06
C LEU D 171 -2.12 -30.29 20.34
N MET D 172 -1.86 -30.54 19.06
CA MET D 172 -0.98 -29.70 18.28
CA MET D 172 -0.94 -29.68 18.35
C MET D 172 -1.46 -28.25 18.27
N GLU D 173 -2.78 -28.07 18.10
CA GLU D 173 -3.30 -26.72 18.05
C GLU D 173 -3.18 -26.03 19.40
N GLN D 174 -3.41 -26.75 20.50
CA GLN D 174 -3.24 -26.15 21.82
C GLN D 174 -1.78 -25.73 22.06
N LEU D 175 -0.84 -26.58 21.66
CA LEU D 175 0.57 -26.27 21.85
C LEU D 175 0.97 -25.06 21.01
N LEU D 176 0.65 -25.06 19.72
CA LEU D 176 1.11 -23.99 18.84
C LEU D 176 0.33 -22.70 19.02
N SER D 177 -0.90 -22.76 19.55
CA SER D 177 -1.62 -21.53 19.85
C SER D 177 -1.01 -20.78 21.01
N SER D 178 -0.16 -21.43 21.82
CA SER D 178 0.48 -20.75 22.93
C SER D 178 1.55 -19.78 22.45
N VAL D 179 1.97 -19.88 21.19
CA VAL D 179 3.03 -19.03 20.66
C VAL D 179 2.57 -18.22 19.45
N GLY D 180 1.27 -18.16 19.20
CA GLY D 180 0.75 -17.33 18.12
C GLY D 180 -0.56 -17.86 17.60
N PHE D 181 -0.94 -17.35 16.43
CA PHE D 181 -2.13 -17.85 15.73
C PHE D 181 -1.88 -19.28 15.25
N CYS D 182 -2.89 -20.14 15.38
CA CYS D 182 -2.74 -21.50 14.86
C CYS D 182 -4.07 -22.03 14.36
N THR D 183 -4.07 -22.63 13.16
CA THR D 183 -5.30 -23.26 12.67
C THR D 183 -4.96 -24.43 11.75
N GLU D 184 -5.92 -25.33 11.61
CA GLU D 184 -5.73 -26.49 10.75
C GLU D 184 -6.02 -26.13 9.29
N VAL D 185 -5.24 -26.69 8.37
CA VAL D 185 -5.50 -26.58 6.94
C VAL D 185 -5.31 -27.94 6.28
N GLU D 186 -5.85 -28.06 5.06
CA GLU D 186 -5.48 -29.17 4.20
C GLU D 186 -4.02 -29.04 3.81
N GLU D 187 -3.35 -30.18 3.62
CA GLU D 187 -1.93 -30.14 3.32
C GLU D 187 -1.63 -29.37 2.05
N ASP D 188 -2.55 -29.37 1.08
CA ASP D 188 -2.24 -28.72 -0.18
C ASP D 188 -2.28 -27.20 -0.09
N LEU D 189 -2.51 -26.62 1.09
CA LEU D 189 -2.40 -25.18 1.28
C LEU D 189 -1.07 -24.77 1.90
N ILE D 190 -0.24 -25.73 2.32
CA ILE D 190 0.95 -25.39 3.10
C ILE D 190 1.98 -24.63 2.26
N ASP D 191 2.09 -24.97 0.97
CA ASP D 191 3.01 -24.25 0.10
C ASP D 191 2.64 -22.77 0.02
N ALA D 192 1.34 -22.47 -0.09
CA ALA D 192 0.90 -21.08 -0.16
C ALA D 192 1.09 -20.37 1.17
N VAL D 193 0.80 -21.04 2.28
CA VAL D 193 1.05 -20.43 3.59
C VAL D 193 2.53 -20.11 3.74
N THR D 194 3.40 -20.99 3.26
CA THR D 194 4.84 -20.71 3.33
C THR D 194 5.17 -19.41 2.63
N GLY D 195 4.62 -19.21 1.42
CA GLY D 195 4.92 -17.98 0.68
C GLY D 195 4.37 -16.74 1.35
N LEU D 196 3.34 -16.89 2.16
CA LEU D 196 2.68 -15.75 2.80
C LEU D 196 3.21 -15.52 4.21
N SER D 197 2.84 -16.35 5.20
CA SER D 197 3.29 -16.09 6.56
C SER D 197 4.60 -16.76 6.92
N GLY D 198 5.01 -17.81 6.19
CA GLY D 198 6.32 -18.38 6.49
C GLY D 198 7.44 -17.43 6.12
N SER D 199 7.43 -16.96 4.87
CA SER D 199 8.42 -15.99 4.41
C SER D 199 8.05 -14.56 4.79
N GLY D 200 6.80 -14.32 5.17
CA GLY D 200 6.31 -12.99 5.44
C GLY D 200 7.18 -12.13 6.34
N PRO D 201 7.66 -12.68 7.45
CA PRO D 201 8.51 -11.84 8.33
C PRO D 201 9.73 -11.26 7.62
N ALA D 202 10.33 -12.00 6.68
CA ALA D 202 11.48 -11.44 5.95
C ALA D 202 11.06 -10.28 5.06
N TYR D 203 9.85 -10.36 4.47
CA TYR D 203 9.36 -9.20 3.70
C TYR D 203 9.23 -8.00 4.62
N ALA D 204 8.72 -8.21 5.83
CA ALA D 204 8.55 -7.12 6.78
C ALA D 204 9.89 -6.56 7.23
N PHE D 205 10.88 -7.42 7.50
CA PHE D 205 12.19 -6.90 7.91
C PHE D 205 12.81 -6.05 6.81
N THR D 206 12.68 -6.50 5.56
CA THR D 206 13.12 -5.70 4.42
C THR D 206 12.40 -4.37 4.38
N ALA D 207 11.07 -4.41 4.52
CA ALA D 207 10.28 -3.18 4.49
C ALA D 207 10.68 -2.24 5.62
N LEU D 208 10.95 -2.78 6.82
CA LEU D 208 11.29 -1.91 7.95
C LEU D 208 12.67 -1.28 7.77
N ASP D 209 13.62 -2.02 7.22
CA ASP D 209 14.93 -1.45 6.89
C ASP D 209 14.77 -0.28 5.91
N ALA D 210 13.94 -0.46 4.88
CA ALA D 210 13.77 0.57 3.85
C ALA D 210 13.01 1.77 4.38
N LEU D 211 11.94 1.52 5.15
CA LEU D 211 11.19 2.64 5.75
C LEU D 211 12.10 3.46 6.65
N ALA D 212 12.98 2.79 7.41
CA ALA D 212 13.94 3.50 8.24
C ALA D 212 14.92 4.31 7.40
N ASP D 213 15.40 3.73 6.29
CA ASP D 213 16.22 4.51 5.34
C ASP D 213 15.48 5.75 4.88
N GLY D 214 14.17 5.62 4.62
CA GLY D 214 13.38 6.77 4.21
C GLY D 214 13.28 7.83 5.30
N GLY D 215 13.05 7.38 6.54
CA GLY D 215 13.04 8.32 7.66
C GLY D 215 14.38 9.03 7.82
N VAL D 216 15.48 8.28 7.67
CA VAL D 216 16.81 8.88 7.76
C VAL D 216 17.04 9.87 6.64
N LYS D 217 16.62 9.53 5.41
CA LYS D 217 16.78 10.48 4.31
C LYS D 217 16.09 11.80 4.63
N MET D 218 14.94 11.73 5.29
CA MET D 218 14.16 12.93 5.56
C MET D 218 14.52 13.60 6.89
N GLY D 219 15.56 13.13 7.56
CA GLY D 219 16.16 13.85 8.67
C GLY D 219 16.06 13.20 10.04
N LEU D 220 15.46 11.98 10.14
CA LEU D 220 15.34 11.35 11.45
C LEU D 220 16.61 10.58 11.80
N PRO D 221 16.97 10.54 13.09
CA PRO D 221 18.01 9.61 13.53
C PRO D 221 17.59 8.18 13.25
N ARG D 222 18.59 7.34 12.93
CA ARG D 222 18.31 5.95 12.56
CA ARG D 222 18.30 5.96 12.55
C ARG D 222 17.52 5.21 13.63
N ARG D 223 17.95 5.32 14.89
CA ARG D 223 17.30 4.52 15.92
C ARG D 223 15.83 4.90 16.08
N LEU D 224 15.53 6.21 16.01
CA LEU D 224 14.13 6.66 16.07
C LEU D 224 13.35 6.18 14.84
N ALA D 225 13.98 6.26 13.66
CA ALA D 225 13.30 5.81 12.43
C ALA D 225 12.94 4.34 12.50
N VAL D 226 13.85 3.50 13.02
CA VAL D 226 13.55 2.07 13.10
C VAL D 226 12.40 1.83 14.07
N ARG D 227 12.40 2.52 15.21
CA ARG D 227 11.36 2.33 16.22
C ARG D 227 10.01 2.80 15.70
N LEU D 228 9.95 3.96 15.05
CA LEU D 228 8.69 4.47 14.54
C LEU D 228 8.13 3.58 13.44
N GLY D 229 8.99 3.13 12.52
CA GLY D 229 8.51 2.27 11.44
C GLY D 229 8.00 0.94 11.96
N ALA D 230 8.73 0.33 12.89
CA ALA D 230 8.28 -0.93 13.46
C ALA D 230 6.99 -0.75 14.24
N GLN D 231 6.87 0.33 15.01
CA GLN D 231 5.63 0.55 15.74
C GLN D 231 4.47 0.79 14.79
N ALA D 232 4.71 1.52 13.68
CA ALA D 232 3.68 1.75 12.69
C ALA D 232 3.17 0.45 12.09
N LEU D 233 4.08 -0.47 11.76
CA LEU D 233 3.68 -1.76 11.19
C LEU D 233 2.96 -2.62 12.23
N LEU D 234 3.47 -2.68 13.47
CA LEU D 234 2.79 -3.44 14.51
C LEU D 234 1.38 -2.92 14.74
N GLY D 235 1.23 -1.60 14.88
CA GLY D 235 -0.08 -1.06 15.18
C GLY D 235 -1.06 -1.26 14.04
N ALA D 236 -0.61 -1.10 12.80
CA ALA D 236 -1.50 -1.28 11.65
C ALA D 236 -1.98 -2.72 11.57
N ALA D 237 -1.06 -3.66 11.75
CA ALA D 237 -1.44 -5.07 11.73
C ALA D 237 -2.44 -5.39 12.84
N LYS D 238 -2.20 -4.84 14.05
CA LYS D 238 -3.15 -5.09 15.13
C LYS D 238 -4.52 -4.49 14.82
N MET D 239 -4.54 -3.27 14.25
CA MET D 239 -5.82 -2.68 13.84
C MET D 239 -6.58 -3.58 12.91
N LEU D 240 -5.89 -4.13 11.90
CA LEU D 240 -6.58 -4.98 10.94
C LEU D 240 -7.09 -6.24 11.61
N LEU D 241 -6.28 -6.83 12.49
CA LEU D 241 -6.70 -8.07 13.16
C LEU D 241 -7.89 -7.85 14.07
N HIS D 242 -8.02 -6.65 14.65
CA HIS D 242 -9.11 -6.36 15.57
C HIS D 242 -10.27 -5.64 14.91
N SER D 243 -10.20 -5.41 13.61
CA SER D 243 -11.24 -4.75 12.85
C SER D 243 -12.03 -5.78 12.05
N GLU D 244 -13.30 -5.51 11.86
CA GLU D 244 -14.11 -6.27 10.91
C GLU D 244 -14.04 -5.69 9.51
N GLN D 245 -13.18 -4.70 9.29
CA GLN D 245 -13.16 -3.97 8.04
C GLN D 245 -12.10 -4.50 7.08
N HIS D 246 -12.37 -4.29 5.80
CA HIS D 246 -11.44 -4.62 4.75
C HIS D 246 -10.17 -3.77 4.87
N PRO D 247 -9.00 -4.30 4.50
CA PRO D 247 -7.79 -3.44 4.54
C PRO D 247 -7.90 -2.21 3.66
N GLY D 248 -8.65 -2.30 2.56
CA GLY D 248 -8.86 -1.13 1.74
C GLY D 248 -9.68 -0.06 2.42
N GLN D 249 -10.65 -0.47 3.25
CA GLN D 249 -11.44 0.51 4.00
C GLN D 249 -10.56 1.22 5.03
N LEU D 250 -9.69 0.46 5.71
CA LEU D 250 -8.79 1.10 6.67
C LEU D 250 -7.84 2.05 5.95
N LYS D 251 -7.37 1.67 4.76
CA LYS D 251 -6.55 2.59 3.95
C LYS D 251 -7.33 3.86 3.63
N ASP D 252 -8.59 3.70 3.19
CA ASP D 252 -9.41 4.88 2.91
C ASP D 252 -9.58 5.75 4.14
N ASN D 253 -9.79 5.13 5.31
CA ASN D 253 -10.09 5.92 6.50
C ASN D 253 -8.92 6.78 6.93
N VAL D 254 -7.68 6.38 6.62
CA VAL D 254 -6.52 7.15 7.09
C VAL D 254 -6.07 8.24 6.13
N SER D 255 -6.54 8.25 4.87
CA SER D 255 -6.00 9.13 3.84
C SER D 255 -6.97 10.31 3.66
N SER D 256 -6.57 11.49 4.15
CA SER D 256 -7.40 12.67 3.94
C SER D 256 -7.23 13.22 2.53
N PRO D 257 -8.26 13.87 1.99
CA PRO D 257 -8.17 14.42 0.63
C PRO D 257 -7.04 15.41 0.49
N GLY D 258 -6.27 15.25 -0.59
CA GLY D 258 -5.12 16.09 -0.87
C GLY D 258 -3.95 15.95 0.08
N GLY D 259 -4.00 14.97 0.99
CA GLY D 259 -3.08 14.94 2.12
C GLY D 259 -1.79 14.19 1.85
N ALA D 260 -0.98 14.10 2.91
CA ALA D 260 0.34 13.50 2.78
C ALA D 260 0.26 12.02 2.43
N THR D 261 -0.65 11.29 3.10
CA THR D 261 -0.69 9.85 2.90
C THR D 261 -1.09 9.48 1.48
N ILE D 262 -2.12 10.13 0.92
CA ILE D 262 -2.56 9.74 -0.42
C ILE D 262 -1.48 10.07 -1.45
N HIS D 263 -0.69 11.12 -1.23
CA HIS D 263 0.44 11.39 -2.11
C HIS D 263 1.46 10.25 -2.06
N ALA D 264 1.75 9.74 -0.86
CA ALA D 264 2.69 8.63 -0.75
C ALA D 264 2.11 7.35 -1.32
N LEU D 265 0.80 7.14 -1.15
CA LEU D 265 0.21 5.92 -1.73
C LEU D 265 0.32 5.95 -3.24
N HIS D 266 0.19 7.12 -3.87
CA HIS D 266 0.33 7.18 -5.32
C HIS D 266 1.72 6.71 -5.75
N VAL D 267 2.78 7.14 -5.05
CA VAL D 267 4.11 6.75 -5.50
C VAL D 267 4.35 5.25 -5.26
N LEU D 268 3.74 4.65 -4.23
CA LEU D 268 3.77 3.19 -4.13
C LEU D 268 3.11 2.54 -5.34
N GLU D 269 1.92 3.02 -5.70
CA GLU D 269 1.21 2.45 -6.83
C GLU D 269 2.00 2.58 -8.12
N SER D 270 2.67 3.72 -8.31
CA SER D 270 3.41 3.94 -9.55
C SER D 270 4.56 2.97 -9.73
N GLY D 271 5.07 2.40 -8.64
CA GLY D 271 6.11 1.41 -8.68
C GLY D 271 5.60 -0.01 -8.67
N GLY D 272 4.29 -0.22 -8.71
CA GLY D 272 3.76 -1.59 -8.70
C GLY D 272 3.94 -2.28 -7.38
N PHE D 273 3.93 -1.53 -6.29
CA PHE D 273 4.15 -2.06 -4.94
C PHE D 273 3.33 -3.31 -4.66
N ARG D 274 2.02 -3.27 -4.96
CA ARG D 274 1.17 -4.42 -4.70
C ARG D 274 1.66 -5.65 -5.47
N SER D 275 2.02 -5.46 -6.74
CA SER D 275 2.43 -6.60 -7.56
C SER D 275 3.71 -7.24 -7.05
N LEU D 276 4.60 -6.45 -6.45
CA LEU D 276 5.84 -7.01 -5.93
C LEU D 276 5.55 -7.97 -4.80
N LEU D 277 4.62 -7.62 -3.92
CA LEU D 277 4.28 -8.49 -2.81
C LEU D 277 3.58 -9.75 -3.30
N ILE D 278 2.72 -9.61 -4.31
CA ILE D 278 2.13 -10.81 -4.94
C ILE D 278 3.23 -11.68 -5.54
N ASN D 279 4.18 -11.05 -6.25
CA ASN D 279 5.31 -11.79 -6.83
C ASN D 279 6.04 -12.58 -5.77
N ALA D 280 6.23 -11.97 -4.60
CA ALA D 280 7.00 -12.60 -3.52
C ALA D 280 6.28 -13.83 -2.99
N VAL D 281 4.99 -13.70 -2.66
CA VAL D 281 4.25 -14.87 -2.16
C VAL D 281 4.30 -15.99 -3.18
N GLU D 282 4.10 -15.65 -4.45
CA GLU D 282 4.14 -16.64 -5.52
C GLU D 282 5.51 -17.31 -5.62
N ALA D 283 6.57 -16.51 -5.58
CA ALA D 283 7.93 -17.05 -5.75
C ALA D 283 8.30 -17.98 -4.61
N SER D 284 7.95 -17.62 -3.37
CA SER D 284 8.25 -18.50 -2.24
C SER D 284 7.44 -19.78 -2.33
N CYS D 285 6.14 -19.66 -2.62
CA CYS D 285 5.28 -20.83 -2.77
C CYS D 285 5.82 -21.77 -3.86
N ILE D 286 6.16 -21.21 -5.02
CA ILE D 286 6.64 -22.08 -6.11
C ILE D 286 7.96 -22.74 -5.73
N ARG D 287 8.83 -22.01 -5.04
CA ARG D 287 10.10 -22.60 -4.63
C ARG D 287 9.90 -23.80 -3.72
N THR D 288 8.92 -23.72 -2.80
CA THR D 288 8.66 -24.89 -1.96
C THR D 288 8.20 -26.08 -2.80
N ARG D 289 7.45 -25.83 -3.87
CA ARG D 289 7.05 -26.94 -4.74
C ARG D 289 8.26 -27.54 -5.45
N GLU D 290 9.22 -26.70 -5.85
CA GLU D 290 10.43 -27.21 -6.47
C GLU D 290 11.25 -28.05 -5.49
N LEU D 291 11.31 -27.61 -4.23
CA LEU D 291 12.05 -28.38 -3.24
C LEU D 291 11.39 -29.74 -3.04
N GLN D 292 10.07 -29.82 -3.16
CA GLN D 292 9.39 -31.11 -3.04
C GLN D 292 9.68 -32.00 -4.23
N SER D 293 9.72 -31.43 -5.44
CA SER D 293 9.99 -32.23 -6.62
C SER D 293 11.40 -32.80 -6.61
N MET D 294 12.32 -32.19 -5.85
CA MET D 294 13.67 -32.71 -5.72
C MET D 294 13.77 -33.88 -4.75
N ALA D 295 12.70 -34.17 -4.01
CA ALA D 295 12.67 -35.34 -3.12
C ALA D 295 12.30 -36.62 -3.85
N ASP D 296 11.65 -36.51 -5.01
CA ASP D 296 11.10 -37.66 -5.72
C ASP D 296 12.20 -38.62 -6.17
N MET E 24 52.11 16.65 21.34
CA MET E 24 51.01 16.88 20.42
C MET E 24 49.70 16.27 20.91
N SER E 25 48.83 17.12 21.44
CA SER E 25 47.52 16.69 21.88
C SER E 25 46.49 16.90 20.78
N VAL E 26 45.53 15.98 20.71
CA VAL E 26 44.49 16.01 19.70
C VAL E 26 43.13 16.05 20.39
N GLY E 27 42.24 16.88 19.88
CA GLY E 27 40.89 16.96 20.41
C GLY E 27 39.86 16.76 19.32
N PHE E 28 38.71 16.23 19.73
CA PHE E 28 37.57 16.03 18.84
C PHE E 28 36.35 16.75 19.40
N ILE E 29 35.70 17.55 18.55
CA ILE E 29 34.42 18.17 18.86
C ILE E 29 33.41 17.73 17.82
N GLY E 30 32.23 17.31 18.27
CA GLY E 30 31.14 17.01 17.34
C GLY E 30 30.72 15.55 17.27
N ALA E 31 30.46 15.07 16.04
CA ALA E 31 29.89 13.75 15.84
C ALA E 31 30.84 12.65 16.32
N GLY E 32 30.31 11.78 17.20
CA GLY E 32 31.13 10.72 17.78
C GLY E 32 31.57 9.65 16.80
N GLN E 33 30.80 9.44 15.72
CA GLN E 33 31.23 8.46 14.72
C GLN E 33 32.55 8.87 14.09
N LEU E 34 32.74 10.16 13.84
CA LEU E 34 34.01 10.66 13.31
C LEU E 34 35.12 10.52 14.35
N ALA E 35 34.88 11.01 15.56
CA ALA E 35 35.88 10.95 16.61
C ALA E 35 36.33 9.52 16.86
N PHE E 36 35.38 8.60 16.98
CA PHE E 36 35.75 7.23 17.35
C PHE E 36 36.65 6.60 16.30
N ALA E 37 36.26 6.70 15.02
CA ALA E 37 37.03 6.05 13.96
C ALA E 37 38.46 6.56 13.93
N LEU E 38 38.63 7.88 13.99
CA LEU E 38 39.99 8.43 13.92
C LEU E 38 40.76 8.14 15.20
N ALA E 39 40.11 8.25 16.36
CA ALA E 39 40.79 7.93 17.61
C ALA E 39 41.24 6.48 17.63
N LYS E 40 40.36 5.57 17.22
CA LYS E 40 40.76 4.16 17.15
C LYS E 40 41.89 3.95 16.16
N GLY E 41 41.80 4.58 14.98
CA GLY E 41 42.85 4.44 13.99
C GLY E 41 44.18 5.01 14.47
N PHE E 42 44.15 6.22 15.03
CA PHE E 42 45.38 6.86 15.50
C PHE E 42 46.04 6.03 16.59
N THR E 43 45.26 5.54 17.56
CA THR E 43 45.85 4.76 18.65
C THR E 43 46.35 3.41 18.16
N ALA E 44 45.62 2.78 17.24
CA ALA E 44 46.08 1.52 16.66
C ALA E 44 47.34 1.71 15.83
N ALA E 45 47.48 2.86 15.16
CA ALA E 45 48.69 3.14 14.40
C ALA E 45 49.88 3.44 15.30
N GLY E 46 49.64 3.71 16.58
CA GLY E 46 50.72 4.04 17.49
C GLY E 46 51.29 5.42 17.33
N VAL E 47 50.63 6.31 16.57
CA VAL E 47 51.13 7.67 16.41
C VAL E 47 50.65 8.59 17.51
N LEU E 48 49.67 8.17 18.30
CA LEU E 48 49.16 8.95 19.41
C LEU E 48 48.78 8.02 20.55
N ALA E 49 49.12 8.41 21.77
CA ALA E 49 48.64 7.71 22.96
C ALA E 49 47.21 8.14 23.23
N ALA E 50 46.39 7.18 23.66
CA ALA E 50 44.96 7.45 23.84
C ALA E 50 44.71 8.57 24.86
N HIS E 51 45.56 8.68 25.89
CA HIS E 51 45.36 9.72 26.90
C HIS E 51 45.71 11.11 26.38
N LYS E 52 46.35 11.22 25.21
CA LYS E 52 46.59 12.50 24.56
C LYS E 52 45.42 12.94 23.70
N ILE E 53 44.33 12.17 23.70
CA ILE E 53 43.14 12.47 22.91
C ILE E 53 42.01 12.82 23.86
N MET E 54 41.30 13.90 23.56
CA MET E 54 40.11 14.30 24.30
C MET E 54 38.97 14.53 23.32
N ALA E 55 37.76 14.12 23.71
CA ALA E 55 36.61 14.25 22.85
C ALA E 55 35.43 14.81 23.65
N SER E 56 34.64 15.66 22.99
CA SER E 56 33.39 16.16 23.54
C SER E 56 32.32 16.02 22.47
N SER E 57 31.16 15.49 22.86
CA SER E 57 30.13 15.18 21.87
C SER E 57 28.75 15.27 22.50
N PRO E 58 27.74 15.67 21.73
CA PRO E 58 26.36 15.66 22.26
C PRO E 58 25.57 14.44 21.80
N ASP E 59 26.03 13.77 20.74
CA ASP E 59 25.33 12.63 20.16
C ASP E 59 26.05 11.32 20.35
N MET E 60 27.13 11.29 21.13
CA MET E 60 27.87 10.06 21.34
C MET E 60 27.06 9.10 22.21
N ASP E 61 26.87 7.88 21.71
CA ASP E 61 26.04 6.89 22.39
C ASP E 61 26.84 6.12 23.44
N LEU E 62 26.11 5.37 24.26
CA LEU E 62 26.72 4.65 25.38
C LEU E 62 27.79 3.68 24.91
N ALA E 63 27.58 3.02 23.77
CA ALA E 63 28.54 2.05 23.27
C ALA E 63 29.87 2.73 22.92
N THR E 64 29.81 3.86 22.21
CA THR E 64 31.03 4.58 21.87
C THR E 64 31.59 5.35 23.05
N VAL E 65 30.76 5.70 24.03
CA VAL E 65 31.27 6.26 25.28
C VAL E 65 32.15 5.25 26.00
N SER E 66 31.64 4.02 26.16
CA SER E 66 32.40 2.99 26.85
C SER E 66 33.64 2.58 26.06
N ALA E 67 33.54 2.56 24.73
CA ALA E 67 34.67 2.13 23.91
C ALA E 67 35.83 3.11 24.00
N LEU E 68 35.54 4.41 23.97
CA LEU E 68 36.60 5.40 24.08
C LEU E 68 37.21 5.40 25.47
N ARG E 69 36.38 5.23 26.51
CA ARG E 69 36.91 5.11 27.87
C ARG E 69 37.84 3.92 28.00
N LYS E 70 37.45 2.77 27.43
CA LYS E 70 38.30 1.58 27.53
C LYS E 70 39.61 1.76 26.77
N MET E 71 39.61 2.58 25.72
CA MET E 71 40.84 2.88 25.02
C MET E 71 41.76 3.78 25.83
N GLY E 72 41.21 4.54 26.76
CA GLY E 72 41.96 5.55 27.47
C GLY E 72 41.78 6.96 26.95
N VAL E 73 40.86 7.18 26.01
CA VAL E 73 40.62 8.52 25.50
C VAL E 73 39.87 9.34 26.55
N LYS E 74 40.31 10.59 26.74
CA LYS E 74 39.65 11.48 27.68
C LYS E 74 38.34 11.99 27.09
N LEU E 75 37.32 12.06 27.95
CA LEU E 75 36.00 12.52 27.55
C LEU E 75 35.55 13.67 28.43
N THR E 76 34.84 14.62 27.84
CA THR E 76 34.33 15.77 28.58
C THR E 76 33.09 16.28 27.88
N PRO E 77 32.12 16.82 28.63
CA PRO E 77 30.96 17.45 27.99
C PRO E 77 31.19 18.89 27.55
N HIS E 78 32.34 19.49 27.88
CA HIS E 78 32.59 20.92 27.67
C HIS E 78 33.55 21.10 26.51
N ASN E 79 33.07 21.71 25.43
CA ASN E 79 33.92 21.92 24.26
C ASN E 79 35.12 22.80 24.57
N LYS E 80 34.98 23.77 25.49
CA LYS E 80 36.12 24.61 25.82
C LYS E 80 37.25 23.80 26.44
N GLU E 81 36.92 22.79 27.25
CA GLU E 81 37.95 21.93 27.81
C GLU E 81 38.69 21.19 26.70
N THR E 82 37.97 20.71 25.69
CA THR E 82 38.61 20.07 24.55
C THR E 82 39.57 21.02 23.86
N VAL E 83 39.16 22.28 23.64
CA VAL E 83 40.03 23.26 23.00
C VAL E 83 41.28 23.50 23.83
N GLN E 84 41.11 23.67 25.14
CA GLN E 84 42.24 23.94 26.02
C GLN E 84 43.20 22.74 26.10
N HIS E 85 42.68 21.53 25.92
CA HIS E 85 43.53 20.35 25.94
C HIS E 85 44.31 20.17 24.65
N SER E 86 43.78 20.67 23.54
CA SER E 86 44.20 20.22 22.21
C SER E 86 45.20 21.17 21.55
N ASP E 87 46.03 20.60 20.68
CA ASP E 87 46.82 21.32 19.69
C ASP E 87 46.19 21.23 18.32
N VAL E 88 45.89 20.02 17.87
CA VAL E 88 45.13 19.78 16.66
C VAL E 88 43.69 19.50 17.08
N LEU E 89 42.75 20.29 16.55
CA LEU E 89 41.35 20.24 16.95
C LEU E 89 40.51 19.81 15.76
N PHE E 90 39.95 18.60 15.82
CA PHE E 90 39.05 18.11 14.78
C PHE E 90 37.61 18.54 15.07
N LEU E 91 36.94 19.10 14.07
CA LEU E 91 35.54 19.46 14.17
C LEU E 91 34.69 18.53 13.31
N ALA E 92 33.62 17.98 13.89
CA ALA E 92 32.64 17.20 13.16
C ALA E 92 31.27 17.80 13.35
N VAL E 93 31.08 19.03 12.86
CA VAL E 93 29.94 19.87 13.18
C VAL E 93 29.26 20.31 11.89
N LYS E 94 27.96 20.02 11.77
CA LYS E 94 27.23 20.32 10.56
C LYS E 94 27.15 21.84 10.33
N PRO E 95 26.91 22.27 9.09
CA PRO E 95 26.90 23.71 8.79
C PRO E 95 25.88 24.50 9.60
N HIS E 96 24.74 23.90 9.97
CA HIS E 96 23.78 24.64 10.77
C HIS E 96 24.21 24.76 12.22
N ILE E 97 25.15 23.93 12.67
CA ILE E 97 25.68 24.00 14.03
C ILE E 97 27.03 24.72 14.07
N ILE E 98 27.75 24.80 12.94
CA ILE E 98 29.05 25.46 12.92
C ILE E 98 29.01 26.87 13.51
N PRO E 99 28.04 27.72 13.17
CA PRO E 99 28.02 29.03 13.82
C PRO E 99 27.98 28.92 15.33
N PHE E 100 27.23 27.95 15.88
CA PHE E 100 27.13 27.86 17.33
C PHE E 100 28.44 27.38 17.96
N ILE E 101 29.10 26.40 17.34
CA ILE E 101 30.34 25.87 17.91
C ILE E 101 31.45 26.91 17.84
N LEU E 102 31.61 27.55 16.68
CA LEU E 102 32.68 28.52 16.51
C LEU E 102 32.46 29.76 17.38
N ASP E 103 31.20 30.11 17.64
CA ASP E 103 30.89 31.17 18.58
C ASP E 103 31.23 30.78 20.01
N GLU E 104 31.09 29.50 20.35
CA GLU E 104 31.38 29.05 21.70
C GLU E 104 32.88 29.01 21.99
N ILE E 105 33.67 28.50 21.05
CA ILE E 105 35.09 28.25 21.28
C ILE E 105 35.99 29.28 20.63
N GLY E 106 35.44 30.22 19.86
CA GLY E 106 36.28 31.13 19.09
C GLY E 106 37.28 31.89 19.94
N ALA E 107 36.85 32.36 21.12
CA ALA E 107 37.73 33.12 22.00
C ALA E 107 38.83 32.26 22.62
N ASP E 108 38.71 30.93 22.56
CA ASP E 108 39.70 30.02 23.13
C ASP E 108 40.73 29.54 22.13
N ILE E 109 40.56 29.86 20.85
CA ILE E 109 41.55 29.48 19.85
C ILE E 109 42.83 30.29 20.10
N GLU E 110 43.96 29.59 20.12
CA GLU E 110 45.27 30.17 20.34
C GLU E 110 46.09 30.02 19.08
N ASP E 111 47.27 30.66 19.07
CA ASP E 111 48.16 30.57 17.92
C ASP E 111 48.56 29.12 17.63
N ARG E 112 48.67 28.30 18.67
CA ARG E 112 49.14 26.92 18.46
C ARG E 112 48.11 26.06 17.73
N HIS E 113 46.85 26.47 17.69
CA HIS E 113 45.79 25.58 17.22
C HIS E 113 45.80 25.41 15.71
N ILE E 114 45.62 24.16 15.27
CA ILE E 114 45.22 23.85 13.91
C ILE E 114 43.79 23.31 13.98
N VAL E 115 42.87 23.98 13.29
CA VAL E 115 41.47 23.61 13.32
C VAL E 115 41.19 22.81 12.05
N VAL E 116 40.77 21.56 12.22
CA VAL E 116 40.54 20.63 11.11
C VAL E 116 39.06 20.32 11.04
N SER E 117 38.38 20.83 10.02
CA SER E 117 36.95 20.66 9.87
C SER E 117 36.68 19.47 8.96
N CYS E 118 35.76 18.61 9.39
CA CYS E 118 35.46 17.38 8.68
C CYS E 118 34.05 17.28 8.12
N ALA E 119 33.17 18.23 8.42
CA ALA E 119 31.77 18.10 8.03
C ALA E 119 31.55 18.58 6.60
N ALA E 120 30.60 17.94 5.93
CA ALA E 120 30.24 18.33 4.57
C ALA E 120 29.55 19.70 4.56
N GLY E 121 29.80 20.48 3.50
CA GLY E 121 29.15 21.75 3.31
C GLY E 121 29.72 22.90 4.10
N VAL E 122 30.82 22.70 4.82
CA VAL E 122 31.46 23.75 5.60
C VAL E 122 32.77 24.14 4.91
N THR E 123 32.81 25.36 4.38
CA THR E 123 33.97 25.81 3.62
C THR E 123 35.05 26.36 4.55
N ILE E 124 36.29 26.30 4.07
CA ILE E 124 37.40 26.95 4.78
C ILE E 124 37.08 28.42 5.01
N SER E 125 36.53 29.09 4.00
CA SER E 125 36.23 30.51 4.10
C SER E 125 35.26 30.78 5.25
N SER E 126 34.22 29.96 5.38
CA SER E 126 33.24 30.14 6.44
C SER E 126 33.89 30.02 7.82
N ILE E 127 34.74 29.01 7.99
CA ILE E 127 35.40 28.81 9.27
C ILE E 127 36.35 29.97 9.58
N GLU E 128 37.16 30.36 8.58
CA GLU E 128 38.09 31.46 8.79
C GLU E 128 37.37 32.76 9.11
N LYS E 129 36.25 33.02 8.44
CA LYS E 129 35.51 34.25 8.68
C LYS E 129 34.99 34.30 10.12
N LYS E 130 34.42 33.20 10.60
CA LYS E 130 33.87 33.17 11.95
C LYS E 130 34.98 33.25 13.00
N LEU E 131 36.07 32.52 12.80
CA LEU E 131 37.15 32.52 13.77
C LEU E 131 37.96 33.82 13.74
N SER E 132 38.04 34.48 12.57
CA SER E 132 38.80 35.73 12.50
C SER E 132 38.19 36.84 13.32
N ALA E 133 36.92 36.71 13.72
CA ALA E 133 36.32 37.68 14.62
C ALA E 133 36.99 37.70 15.99
N PHE E 134 37.74 36.65 16.33
CA PHE E 134 38.38 36.53 17.64
C PHE E 134 39.89 36.73 17.56
N ARG E 135 40.55 36.11 16.59
CA ARG E 135 41.98 36.19 16.37
C ARG E 135 42.18 36.20 14.86
N PRO E 136 43.13 37.01 14.36
CA PRO E 136 43.11 37.35 12.92
C PRO E 136 43.54 36.24 11.97
N ALA E 137 44.41 35.32 12.38
CA ALA E 137 45.01 34.35 11.46
C ALA E 137 44.78 32.90 11.88
N PRO E 138 43.53 32.44 11.91
CA PRO E 138 43.28 31.05 12.31
C PRO E 138 43.82 30.07 11.28
N ARG E 139 44.46 29.01 11.77
CA ARG E 139 45.01 27.96 10.93
C ARG E 139 43.94 26.91 10.73
N VAL E 140 43.41 26.83 9.51
CA VAL E 140 42.24 26.00 9.20
C VAL E 140 42.62 25.02 8.10
N ILE E 141 42.23 23.77 8.29
CA ILE E 141 42.38 22.72 7.28
C ILE E 141 41.04 22.04 7.15
N ARG E 142 40.66 21.73 5.92
CA ARG E 142 39.46 20.98 5.64
C ARG E 142 39.83 19.54 5.33
N CYS E 143 39.11 18.60 5.91
CA CYS E 143 39.39 17.18 5.83
C CYS E 143 38.18 16.44 5.29
N MET E 144 38.40 15.52 4.35
CA MET E 144 37.35 14.64 3.87
C MET E 144 37.89 13.23 4.07
N THR E 145 37.41 12.52 5.09
CA THR E 145 37.89 11.18 5.41
C THR E 145 36.69 10.24 5.48
N ASN E 146 36.94 8.97 5.82
CA ASN E 146 35.85 8.01 5.84
C ASN E 146 36.06 7.02 6.99
N THR E 147 35.04 6.19 7.23
CA THR E 147 35.05 5.36 8.43
C THR E 147 36.14 4.28 8.44
N PRO E 148 36.62 3.76 7.29
CA PRO E 148 37.67 2.72 7.36
C PRO E 148 39.00 3.18 7.95
N VAL E 149 39.14 4.46 8.34
CA VAL E 149 40.29 4.81 9.15
C VAL E 149 40.34 3.96 10.41
N VAL E 150 39.20 3.41 10.85
CA VAL E 150 39.16 2.60 12.06
C VAL E 150 39.97 1.31 11.91
N VAL E 151 40.17 0.82 10.70
CA VAL E 151 41.04 -0.32 10.42
C VAL E 151 42.29 0.13 9.65
N ARG E 152 42.60 1.43 9.72
CA ARG E 152 43.78 2.03 9.11
C ARG E 152 43.80 1.84 7.59
N GLU E 153 42.63 1.82 6.96
CA GLU E 153 42.53 1.78 5.52
C GLU E 153 41.58 2.87 5.03
N GLY E 154 41.64 4.03 5.67
CA GLY E 154 40.83 5.15 5.24
C GLY E 154 41.31 5.73 3.93
N ALA E 155 40.47 6.60 3.38
CA ALA E 155 40.81 7.41 2.22
C ALA E 155 40.53 8.85 2.63
N THR E 156 41.57 9.66 2.67
CA THR E 156 41.47 11.02 3.18
C THR E 156 42.06 12.00 2.19
N VAL E 157 41.39 13.13 1.98
CA VAL E 157 42.00 14.26 1.31
C VAL E 157 41.88 15.46 2.24
N TYR E 158 42.75 16.43 2.04
CA TYR E 158 42.69 17.65 2.83
C TYR E 158 43.03 18.84 1.96
N ALA E 159 42.51 20.00 2.36
CA ALA E 159 42.83 21.26 1.74
C ALA E 159 43.25 22.23 2.83
N THR E 160 44.29 23.01 2.57
CA THR E 160 44.84 23.93 3.56
C THR E 160 44.27 25.33 3.38
N GLY E 161 43.99 25.98 4.50
CA GLY E 161 43.44 27.33 4.50
C GLY E 161 44.45 28.44 4.30
N THR E 162 43.94 29.67 4.42
CA THR E 162 44.72 30.86 4.08
C THR E 162 45.95 31.01 4.97
N HIS E 163 45.81 30.70 6.26
CA HIS E 163 46.87 30.94 7.23
C HIS E 163 47.55 29.67 7.69
N ALA E 164 47.20 28.54 7.09
CA ALA E 164 47.90 27.30 7.38
C ALA E 164 49.35 27.40 6.94
N GLN E 165 50.26 27.20 7.88
CA GLN E 165 51.67 27.15 7.54
C GLN E 165 51.96 25.90 6.72
N VAL E 166 53.04 25.95 5.93
CA VAL E 166 53.35 24.81 5.05
C VAL E 166 53.60 23.56 5.87
N GLU E 167 54.18 23.71 7.06
CA GLU E 167 54.36 22.55 7.93
C GLU E 167 53.05 22.01 8.47
N ASP E 168 51.98 22.83 8.50
CA ASP E 168 50.68 22.32 8.93
C ASP E 168 50.15 21.26 7.98
N GLY E 169 50.25 21.50 6.67
CA GLY E 169 49.80 20.49 5.72
C GLY E 169 50.60 19.21 5.81
N ARG E 170 51.93 19.33 5.98
CA ARG E 170 52.75 18.14 6.13
C ARG E 170 52.44 17.39 7.43
N LEU E 171 52.21 18.13 8.51
CA LEU E 171 51.81 17.49 9.76
C LEU E 171 50.50 16.74 9.60
N MET E 172 49.53 17.36 8.95
CA MET E 172 48.23 16.74 8.73
CA MET E 172 48.24 16.70 8.79
C MET E 172 48.35 15.48 7.87
N GLU E 173 49.15 15.57 6.80
CA GLU E 173 49.31 14.39 5.94
C GLU E 173 50.04 13.27 6.67
N GLN E 174 51.04 13.61 7.49
CA GLN E 174 51.71 12.58 8.27
C GLN E 174 50.73 11.90 9.23
N LEU E 175 49.89 12.70 9.90
CA LEU E 175 48.91 12.14 10.83
C LEU E 175 47.89 11.28 10.11
N LEU E 176 47.29 11.80 9.05
CA LEU E 176 46.22 11.06 8.39
C LEU E 176 46.74 9.92 7.52
N SER E 177 48.01 9.96 7.10
CA SER E 177 48.56 8.81 6.37
C SER E 177 48.77 7.60 7.25
N SER E 178 48.78 7.77 8.58
CA SER E 178 48.94 6.62 9.46
C SER E 178 47.70 5.75 9.50
N VAL E 179 46.56 6.25 9.01
CA VAL E 179 45.31 5.51 9.06
C VAL E 179 44.73 5.27 7.68
N GLY E 180 45.51 5.46 6.63
CA GLY E 180 45.05 5.16 5.28
C GLY E 180 45.75 6.03 4.25
N PHE E 181 45.17 6.06 3.05
CA PHE E 181 45.64 6.94 1.99
C PHE E 181 45.33 8.39 2.34
N CYS E 182 46.29 9.28 2.06
CA CYS E 182 46.05 10.70 2.31
C CYS E 182 46.80 11.54 1.30
N THR E 183 46.10 12.52 0.71
CA THR E 183 46.76 13.42 -0.21
C THR E 183 46.08 14.79 -0.15
N GLU E 184 46.82 15.81 -0.56
CA GLU E 184 46.30 17.17 -0.58
C GLU E 184 45.52 17.39 -1.87
N VAL E 185 44.42 18.13 -1.77
CA VAL E 185 43.63 18.53 -2.94
C VAL E 185 43.26 19.99 -2.82
N GLU E 186 42.86 20.58 -3.95
CA GLU E 186 42.19 21.86 -3.92
C GLU E 186 40.82 21.70 -3.26
N GLU E 187 40.39 22.74 -2.53
CA GLU E 187 39.15 22.62 -1.78
C GLU E 187 37.96 22.34 -2.68
N ASP E 188 37.96 22.85 -3.91
CA ASP E 188 36.78 22.66 -4.75
C ASP E 188 36.64 21.24 -5.28
N LEU E 189 37.52 20.31 -4.90
CA LEU E 189 37.32 18.90 -5.22
C LEU E 189 36.71 18.12 -4.07
N ILE E 190 36.56 18.71 -2.89
CA ILE E 190 36.19 17.93 -1.71
C ILE E 190 34.76 17.41 -1.82
N ASP E 191 33.85 18.19 -2.40
CA ASP E 191 32.50 17.68 -2.57
C ASP E 191 32.47 16.43 -3.47
N ALA E 192 33.26 16.42 -4.54
CA ALA E 192 33.31 15.21 -5.37
C ALA E 192 33.97 14.04 -4.64
N VAL E 193 35.04 14.29 -3.89
CA VAL E 193 35.63 13.22 -3.08
C VAL E 193 34.59 12.66 -2.12
N THR E 194 33.77 13.53 -1.53
CA THR E 194 32.73 13.06 -0.61
C THR E 194 31.81 12.07 -1.29
N GLY E 195 31.39 12.36 -2.52
CA GLY E 195 30.52 11.44 -3.24
C GLY E 195 31.17 10.11 -3.58
N LEU E 196 32.49 10.09 -3.67
CA LEU E 196 33.24 8.90 -4.08
C LEU E 196 33.75 8.11 -2.88
N SER E 197 34.79 8.60 -2.19
CA SER E 197 35.33 7.84 -1.08
C SER E 197 34.67 8.15 0.26
N GLY E 198 34.03 9.31 0.40
CA GLY E 198 33.31 9.58 1.64
C GLY E 198 32.12 8.66 1.79
N SER E 199 31.24 8.66 0.80
CA SER E 199 30.07 7.77 0.80
C SER E 199 30.40 6.37 0.33
N GLY E 200 31.56 6.17 -0.31
CA GLY E 200 31.92 4.91 -0.91
C GLY E 200 31.74 3.68 -0.06
N PRO E 201 32.20 3.72 1.20
CA PRO E 201 32.02 2.52 2.05
C PRO E 201 30.58 2.08 2.20
N ALA E 202 29.63 3.01 2.24
CA ALA E 202 28.22 2.62 2.31
C ALA E 202 27.77 1.92 1.02
N TYR E 203 28.29 2.35 -0.14
CA TYR E 203 27.98 1.61 -1.37
C TYR E 203 28.50 0.18 -1.26
N ALA E 204 29.71 0.02 -0.70
CA ALA E 204 30.30 -1.30 -0.57
C ALA E 204 29.52 -2.15 0.42
N PHE E 205 29.09 -1.58 1.55
CA PHE E 205 28.31 -2.37 2.51
C PHE E 205 27.01 -2.86 1.90
N THR E 206 26.35 -1.99 1.13
CA THR E 206 25.14 -2.39 0.39
C THR E 206 25.47 -3.52 -0.58
N ALA E 207 26.55 -3.36 -1.36
CA ALA E 207 26.95 -4.38 -2.33
C ALA E 207 27.25 -5.70 -1.64
N LEU E 208 27.92 -5.66 -0.49
CA LEU E 208 28.30 -6.90 0.19
C LEU E 208 27.09 -7.61 0.76
N ASP E 209 26.13 -6.86 1.31
CA ASP E 209 24.86 -7.46 1.75
C ASP E 209 24.16 -8.15 0.58
N ALA E 210 24.13 -7.50 -0.58
CA ALA E 210 23.44 -8.09 -1.73
C ALA E 210 24.20 -9.29 -2.29
N LEU E 211 25.52 -9.19 -2.38
CA LEU E 211 26.31 -10.32 -2.86
C LEU E 211 26.12 -11.53 -1.96
N ALA E 212 26.07 -11.29 -0.65
CA ALA E 212 25.83 -12.39 0.29
C ALA E 212 24.44 -12.98 0.09
N ASP E 213 23.42 -12.14 -0.13
CA ASP E 213 22.09 -12.65 -0.48
C ASP E 213 22.15 -13.53 -1.72
N GLY E 214 22.94 -13.14 -2.72
CA GLY E 214 23.09 -13.97 -3.90
C GLY E 214 23.75 -15.30 -3.58
N GLY E 215 24.79 -15.27 -2.75
CA GLY E 215 25.41 -16.53 -2.33
C GLY E 215 24.43 -17.42 -1.59
N VAL E 216 23.62 -16.84 -0.70
CA VAL E 216 22.62 -17.61 0.03
C VAL E 216 21.59 -18.19 -0.94
N LYS E 217 21.16 -17.40 -1.93
CA LYS E 217 20.19 -17.93 -2.89
C LYS E 217 20.74 -19.17 -3.59
N MET E 218 22.03 -19.17 -3.87
CA MET E 218 22.63 -20.28 -4.60
C MET E 218 23.14 -21.39 -3.68
N GLY E 219 22.87 -21.31 -2.37
CA GLY E 219 23.06 -22.45 -1.48
C GLY E 219 24.13 -22.29 -0.42
N LEU E 220 24.81 -21.10 -0.34
CA LEU E 220 25.85 -20.95 0.67
C LEU E 220 25.25 -20.50 2.01
N PRO E 221 25.85 -20.94 3.11
CA PRO E 221 25.48 -20.37 4.41
C PRO E 221 25.79 -18.89 4.43
N ARG E 222 24.96 -18.12 5.15
N ARG E 222 24.96 -18.13 5.15
CA ARG E 222 25.09 -16.66 5.14
CA ARG E 222 25.08 -16.67 5.17
C ARG E 222 26.46 -16.21 5.63
C ARG E 222 26.47 -16.24 5.62
N ARG E 223 26.97 -16.83 6.71
CA ARG E 223 28.24 -16.36 7.27
C ARG E 223 29.38 -16.56 6.28
N LEU E 224 29.39 -17.71 5.60
CA LEU E 224 30.41 -17.96 4.58
C LEU E 224 30.25 -17.00 3.41
N ALA E 225 28.99 -16.77 2.99
CA ALA E 225 28.75 -15.86 1.87
C ALA E 225 29.27 -14.46 2.15
N VAL E 226 29.05 -13.95 3.37
CA VAL E 226 29.54 -12.62 3.72
C VAL E 226 31.07 -12.59 3.70
N ARG E 227 31.70 -13.62 4.29
CA ARG E 227 33.16 -13.68 4.33
C ARG E 227 33.74 -13.73 2.92
N LEU E 228 33.19 -14.60 2.07
CA LEU E 228 33.72 -14.71 0.72
C LEU E 228 33.53 -13.44 -0.09
N GLY E 229 32.35 -12.82 0.01
CA GLY E 229 32.11 -11.61 -0.75
C GLY E 229 33.01 -10.47 -0.31
N ALA E 230 33.18 -10.30 1.00
CA ALA E 230 34.05 -9.23 1.51
C ALA E 230 35.50 -9.49 1.12
N GLN E 231 35.94 -10.76 1.18
CA GLN E 231 37.32 -11.05 0.77
C GLN E 231 37.52 -10.79 -0.72
N ALA E 232 36.50 -11.11 -1.53
CA ALA E 232 36.58 -10.87 -2.97
C ALA E 232 36.75 -9.38 -3.27
N LEU E 233 35.97 -8.54 -2.58
CA LEU E 233 36.07 -7.10 -2.80
C LEU E 233 37.40 -6.56 -2.30
N LEU E 234 37.84 -6.98 -1.10
CA LEU E 234 39.12 -6.53 -0.59
C LEU E 234 40.26 -6.91 -1.54
N GLY E 235 40.29 -8.16 -1.97
CA GLY E 235 41.38 -8.60 -2.83
C GLY E 235 41.38 -7.89 -4.17
N ALA E 236 40.20 -7.69 -4.76
CA ALA E 236 40.13 -7.03 -6.06
C ALA E 236 40.61 -5.59 -5.95
N ALA E 237 40.17 -4.89 -4.89
CA ALA E 237 40.62 -3.52 -4.68
C ALA E 237 42.13 -3.47 -4.48
N LYS E 238 42.69 -4.42 -3.72
CA LYS E 238 44.13 -4.42 -3.53
C LYS E 238 44.86 -4.70 -4.85
N MET E 239 44.33 -5.62 -5.67
CA MET E 239 44.93 -5.86 -6.99
C MET E 239 45.00 -4.58 -7.81
N LEU E 240 43.90 -3.83 -7.86
CA LEU E 240 43.88 -2.61 -8.65
C LEU E 240 44.86 -1.58 -8.11
N LEU E 241 44.95 -1.45 -6.79
CA LEU E 241 45.87 -0.49 -6.19
C LEU E 241 47.31 -0.84 -6.47
N HIS E 242 47.63 -2.14 -6.59
CA HIS E 242 49.01 -2.57 -6.81
C HIS E 242 49.32 -2.86 -8.28
N SER E 243 48.37 -2.65 -9.18
CA SER E 243 48.61 -2.88 -10.61
C SER E 243 48.78 -1.54 -11.32
N GLU E 244 49.56 -1.58 -12.40
CA GLU E 244 49.64 -0.46 -13.34
C GLU E 244 48.55 -0.54 -14.39
N GLN E 245 47.61 -1.45 -14.23
CA GLN E 245 46.64 -1.78 -15.26
C GLN E 245 45.33 -1.03 -15.05
N HIS E 246 44.65 -0.79 -16.17
CA HIS E 246 43.30 -0.25 -16.14
C HIS E 246 42.35 -1.27 -15.52
N PRO E 247 41.33 -0.82 -14.77
CA PRO E 247 40.37 -1.79 -14.22
C PRO E 247 39.68 -2.64 -15.28
N GLY E 248 39.49 -2.09 -16.48
CA GLY E 248 38.94 -2.88 -17.57
C GLY E 248 39.87 -3.99 -18.03
N GLN E 249 41.18 -3.74 -17.98
CA GLN E 249 42.13 -4.81 -18.31
C GLN E 249 42.08 -5.91 -17.26
N LEU E 250 41.98 -5.55 -15.98
CA LEU E 250 41.85 -6.57 -14.94
C LEU E 250 40.54 -7.33 -15.12
N LYS E 251 39.48 -6.64 -15.50
CA LYS E 251 38.21 -7.31 -15.82
C LYS E 251 38.39 -8.31 -16.95
N ASP E 252 39.05 -7.90 -18.04
CA ASP E 252 39.32 -8.80 -19.16
C ASP E 252 40.12 -10.01 -18.70
N ASN E 253 41.09 -9.82 -17.80
CA ASN E 253 41.94 -10.93 -17.38
C ASN E 253 41.19 -11.99 -16.59
N VAL E 254 40.08 -11.63 -15.92
CA VAL E 254 39.35 -12.59 -15.10
C VAL E 254 38.37 -13.44 -15.93
N SER E 255 37.94 -12.96 -17.10
CA SER E 255 36.80 -13.52 -17.81
C SER E 255 37.29 -14.43 -18.94
N SER E 256 37.07 -15.75 -18.79
CA SER E 256 37.38 -16.67 -19.87
C SER E 256 36.26 -16.68 -20.89
N PRO E 257 36.58 -16.96 -22.16
CA PRO E 257 35.53 -16.97 -23.19
C PRO E 257 34.44 -17.99 -22.88
N GLY E 258 33.19 -17.55 -23.01
CA GLY E 258 32.03 -18.38 -22.73
C GLY E 258 31.83 -18.74 -21.28
N GLY E 259 32.61 -18.16 -20.37
CA GLY E 259 32.68 -18.65 -19.01
C GLY E 259 31.67 -18.03 -18.07
N ALA E 260 31.78 -18.43 -16.80
CA ALA E 260 30.81 -18.00 -15.79
C ALA E 260 30.87 -16.49 -15.57
N THR E 261 32.08 -15.93 -15.48
CA THR E 261 32.21 -14.53 -15.13
C THR E 261 31.62 -13.63 -16.21
N ILE E 262 31.89 -13.91 -17.48
CA ILE E 262 31.37 -13.03 -18.53
C ILE E 262 29.86 -13.12 -18.60
N HIS E 263 29.28 -14.30 -18.29
CA HIS E 263 27.83 -14.38 -18.21
C HIS E 263 27.27 -13.48 -17.11
N ALA E 264 27.93 -13.43 -15.95
CA ALA E 264 27.47 -12.56 -14.88
C ALA E 264 27.69 -11.10 -15.23
N LEU E 265 28.79 -10.78 -15.91
CA LEU E 265 29.01 -9.37 -16.25
C LEU E 265 27.92 -8.87 -17.18
N HIS E 266 27.42 -9.73 -18.08
CA HIS E 266 26.34 -9.31 -18.97
C HIS E 266 25.10 -8.93 -18.16
N VAL E 267 24.72 -9.72 -17.15
CA VAL E 267 23.51 -9.35 -16.45
C VAL E 267 23.71 -8.08 -15.63
N LEU E 268 24.93 -7.80 -15.13
CA LEU E 268 25.17 -6.49 -14.53
C LEU E 268 24.96 -5.38 -15.55
N GLU E 269 25.51 -5.55 -16.77
CA GLU E 269 25.37 -4.51 -17.79
C GLU E 269 23.91 -4.30 -18.19
N SER E 270 23.13 -5.39 -18.25
CA SER E 270 21.74 -5.26 -18.67
C SER E 270 20.91 -4.44 -17.69
N GLY E 271 21.31 -4.37 -16.43
CA GLY E 271 20.65 -3.53 -15.45
C GLY E 271 21.22 -2.14 -15.29
N GLY E 272 22.20 -1.76 -16.12
CA GLY E 272 22.78 -0.42 -15.96
C GLY E 272 23.62 -0.26 -14.72
N PHE E 273 24.27 -1.34 -14.26
CA PHE E 273 25.07 -1.34 -13.04
C PHE E 273 26.03 -0.16 -12.97
N ARG E 274 26.79 0.07 -14.05
CA ARG E 274 27.76 1.16 -14.05
C ARG E 274 27.05 2.49 -13.81
N SER E 275 25.93 2.71 -14.49
CA SER E 275 25.25 4.00 -14.36
C SER E 275 24.73 4.24 -12.94
N LEU E 276 24.35 3.18 -12.23
CA LEU E 276 23.88 3.35 -10.86
C LEU E 276 24.99 3.89 -9.97
N LEU E 277 26.20 3.40 -10.14
CA LEU E 277 27.32 3.85 -9.34
C LEU E 277 27.69 5.28 -9.69
N ILE E 278 27.64 5.64 -10.97
CA ILE E 278 27.81 7.05 -11.36
C ILE E 278 26.72 7.90 -10.73
N ASN E 279 25.47 7.43 -10.79
CA ASN E 279 24.36 8.16 -10.16
C ASN E 279 24.62 8.43 -8.69
N ALA E 280 25.19 7.43 -8.00
CA ALA E 280 25.41 7.54 -6.56
C ALA E 280 26.46 8.61 -6.25
N VAL E 281 27.62 8.54 -6.92
CA VAL E 281 28.65 9.56 -6.70
C VAL E 281 28.08 10.95 -6.97
N GLU E 282 27.34 11.10 -8.06
CA GLU E 282 26.76 12.39 -8.41
C GLU E 282 25.77 12.86 -7.34
N ALA E 283 24.89 11.96 -6.90
CA ALA E 283 23.86 12.35 -5.92
C ALA E 283 24.48 12.77 -4.59
N SER E 284 25.50 12.04 -4.14
CA SER E 284 26.15 12.41 -2.88
C SER E 284 26.89 13.73 -3.02
N CYS E 285 27.64 13.89 -4.12
CA CYS E 285 28.34 15.16 -4.37
C CYS E 285 27.35 16.33 -4.42
N ILE E 286 26.25 16.17 -5.16
CA ILE E 286 25.30 17.28 -5.28
C ILE E 286 24.66 17.59 -3.93
N ARG E 287 24.35 16.55 -3.15
CA ARG E 287 23.76 16.81 -1.83
C ARG E 287 24.72 17.59 -0.93
N THR E 288 26.03 17.31 -1.02
CA THR E 288 26.97 18.09 -0.21
C THR E 288 26.95 19.55 -0.61
N ARG E 289 26.77 19.84 -1.91
CA ARG E 289 26.69 21.23 -2.33
C ARG E 289 25.42 21.88 -1.80
N GLU E 290 24.31 21.14 -1.76
CA GLU E 290 23.07 21.68 -1.20
C GLU E 290 23.22 21.97 0.29
N LEU E 291 23.92 21.09 1.01
CA LEU E 291 24.15 21.33 2.43
C LEU E 291 24.97 22.58 2.65
N GLN E 292 25.87 22.90 1.71
CA GLN E 292 26.65 24.12 1.85
C GLN E 292 25.82 25.36 1.61
N SER E 293 24.95 25.33 0.59
CA SER E 293 24.12 26.50 0.29
C SER E 293 23.11 26.83 1.37
N MET E 294 22.74 25.85 2.21
CA MET E 294 21.83 26.15 3.31
C MET E 294 22.54 26.81 4.49
N ALA E 295 23.87 26.83 4.48
CA ALA E 295 24.66 27.53 5.48
C ALA E 295 24.86 29.00 5.14
N ASP E 296 24.66 29.38 3.88
CA ASP E 296 25.02 30.70 3.40
C ASP E 296 23.81 31.61 3.32
#